data_7C06
#
_entry.id   7C06
#
_cell.length_a   93.823
_cell.length_b   255.101
_cell.length_c   94.112
_cell.angle_alpha   90.000
_cell.angle_beta   101.125
_cell.angle_gamma   90.000
#
_symmetry.space_group_name_H-M   'P 1 21 1'
#
loop_
_entity.id
_entity.type
_entity.pdbx_description
1 polymer 'Splicing factor U2AF 23 kDa subunit'
2 polymer 'Splicing factor U2AF 59 kDa subunit'
3 polymer "RNA (5'-R(*U*UP*AP*GP*GP*U)-3')"
4 non-polymer 'ZINC ION'
#
loop_
_entity_poly.entity_id
_entity_poly.type
_entity_poly.pdbx_seq_one_letter_code
_entity_poly.pdbx_strand_id
1 'polypeptide(L)'
;MASHLASIYGTEQDKVNCSFYYKIGACRHGERCSRKHVKPNFSQTILCPNMYKNPIHEPNGKKFTQRELAEQFDAFYEDM
FCEFSKYGEVEQLVVCDNVGDHLVGNVYVRFKYEESAQNAIDDLNSRWYSQRPVYAELSPVTDFREACCRQHETSECQRG
GLCNFMHAKKPSPQLLRDLVLAQRKYLALNAAEEMKKEPNSDSTNRWVSVTAERKN
;
A,D,G,J,M,P,S,V,Y
2 'polypeptide(L)' SSVGRSRSPPPSRERSVRSIEQELEQLRDVTPINQWKRKRSLWDIKPPGYELVTADQAKMSGVFPLPGA B,E,H,K,N,Q,T,W,Z
3 'polyribonucleotide' UUAGGU C,F,I,L,O,R,U,X,1
#
loop_
_chem_comp.id
_chem_comp.type
_chem_comp.name
_chem_comp.formula
A RNA linking ADENOSINE-5'-MONOPHOSPHATE 'C10 H14 N5 O7 P'
G RNA linking GUANOSINE-5'-MONOPHOSPHATE 'C10 H14 N5 O8 P'
U RNA linking URIDINE-5'-MONOPHOSPHATE 'C9 H13 N2 O9 P'
ZN non-polymer 'ZINC ION' 'Zn 2'
#
# COMPACT_ATOMS: atom_id res chain seq x y z
N ALA A 2 -3.41 -18.96 -19.67
CA ALA A 2 -4.62 -18.84 -20.47
C ALA A 2 -5.08 -17.39 -20.55
N SER A 3 -4.26 -16.48 -20.02
CA SER A 3 -4.60 -15.07 -20.02
C SER A 3 -4.44 -14.41 -21.39
N HIS A 4 -3.68 -15.03 -22.29
CA HIS A 4 -3.39 -14.43 -23.58
C HIS A 4 -2.88 -15.52 -24.52
N LEU A 5 -2.97 -15.24 -25.81
CA LEU A 5 -2.47 -16.19 -26.81
C LEU A 5 -0.94 -16.18 -26.84
N ALA A 6 -0.36 -17.35 -27.02
CA ALA A 6 1.08 -17.47 -27.17
C ALA A 6 1.49 -17.08 -28.58
N SER A 7 2.73 -16.62 -28.72
CA SER A 7 3.24 -16.17 -30.01
C SER A 7 4.69 -16.61 -30.16
N ILE A 8 5.19 -16.50 -31.39
CA ILE A 8 6.57 -16.83 -31.71
C ILE A 8 7.27 -15.74 -32.51
N TYR A 9 6.60 -14.62 -32.79
CA TYR A 9 7.17 -13.57 -33.62
C TYR A 9 8.47 -13.05 -33.01
N GLY A 10 9.46 -12.81 -33.86
CA GLY A 10 10.75 -12.32 -33.43
C GLY A 10 11.61 -13.32 -32.68
N THR A 11 11.09 -14.50 -32.36
CA THR A 11 11.84 -15.50 -31.64
C THR A 11 12.63 -16.37 -32.62
N GLU A 12 13.50 -17.21 -32.06
CA GLU A 12 14.23 -18.16 -32.90
C GLU A 12 13.35 -19.29 -33.42
N GLN A 13 12.11 -19.40 -32.93
CA GLN A 13 11.15 -20.32 -33.50
C GLN A 13 10.38 -19.72 -34.68
N ASP A 14 10.39 -18.39 -34.80
CA ASP A 14 9.86 -17.73 -35.98
C ASP A 14 10.81 -18.01 -37.14
N LYS A 15 10.49 -19.02 -37.95
CA LYS A 15 11.40 -19.48 -38.98
C LYS A 15 11.38 -18.61 -40.22
N VAL A 16 10.48 -17.65 -40.32
CA VAL A 16 10.41 -16.75 -41.47
C VAL A 16 11.15 -15.44 -41.21
N ASN A 17 10.89 -14.79 -40.08
CA ASN A 17 11.63 -13.59 -39.70
C ASN A 17 12.94 -13.97 -39.03
N CYS A 18 13.99 -13.21 -39.30
CA CYS A 18 15.29 -13.44 -38.69
C CYS A 18 15.29 -12.88 -37.27
N SER A 19 15.41 -13.77 -36.28
CA SER A 19 15.39 -13.33 -34.89
C SER A 19 16.56 -12.42 -34.57
N PHE A 20 17.73 -12.68 -35.16
CA PHE A 20 18.92 -11.92 -34.82
C PHE A 20 18.85 -10.48 -35.34
N TYR A 21 18.32 -10.29 -36.55
CA TYR A 21 18.17 -8.94 -37.04
C TYR A 21 17.07 -8.19 -36.29
N TYR A 22 16.04 -8.91 -35.84
CA TYR A 22 14.94 -8.27 -35.13
C TYR A 22 15.36 -7.76 -33.75
N LYS A 23 16.26 -8.48 -33.08
CA LYS A 23 16.71 -8.11 -31.74
C LYS A 23 18.02 -7.34 -31.74
N ILE A 24 19.00 -7.77 -32.54
CA ILE A 24 20.33 -7.19 -32.52
C ILE A 24 20.55 -6.15 -33.61
N GLY A 25 19.66 -6.08 -34.61
CA GLY A 25 19.85 -5.13 -35.69
C GLY A 25 20.98 -5.45 -36.63
N ALA A 26 21.53 -6.66 -36.57
CA ALA A 26 22.62 -7.06 -37.45
C ALA A 26 22.66 -8.57 -37.52
N CYS A 27 22.87 -9.10 -38.73
CA CYS A 27 22.92 -10.54 -38.96
C CYS A 27 24.17 -10.87 -39.76
N ARG A 28 24.78 -12.01 -39.41
CA ARG A 28 26.01 -12.43 -40.09
C ARG A 28 25.78 -12.70 -41.57
N HIS A 29 24.54 -13.01 -41.98
CA HIS A 29 24.25 -13.33 -43.37
C HIS A 29 23.95 -12.09 -44.20
N GLY A 30 23.62 -10.97 -43.57
CA GLY A 30 23.43 -9.73 -44.30
C GLY A 30 22.24 -9.77 -45.24
N GLU A 31 22.45 -9.25 -46.45
CA GLU A 31 21.38 -9.17 -47.44
C GLU A 31 21.07 -10.52 -48.08
N ARG A 32 21.97 -11.50 -47.94
CA ARG A 32 21.76 -12.84 -48.45
C ARG A 32 21.13 -13.78 -47.42
N CYS A 33 20.41 -13.25 -46.45
CA CYS A 33 19.84 -14.08 -45.40
C CYS A 33 18.55 -14.74 -45.88
N SER A 34 18.39 -16.02 -45.52
CA SER A 34 17.19 -16.76 -45.91
C SER A 34 15.96 -16.32 -45.13
N ARG A 35 16.15 -15.61 -44.02
CA ARG A 35 15.06 -15.17 -43.16
C ARG A 35 14.88 -13.67 -43.31
N LYS A 36 13.70 -13.19 -42.92
CA LYS A 36 13.33 -11.81 -43.21
C LYS A 36 14.01 -10.80 -42.30
N HIS A 37 14.49 -9.71 -42.89
CA HIS A 37 15.03 -8.55 -42.19
C HIS A 37 14.10 -7.38 -42.46
N VAL A 38 13.12 -7.18 -41.58
CA VAL A 38 12.17 -6.08 -41.77
C VAL A 38 12.85 -4.80 -41.29
N LYS A 39 13.12 -3.88 -42.22
CA LYS A 39 13.78 -2.63 -41.90
C LYS A 39 12.72 -1.59 -41.56
N PRO A 40 12.72 -1.05 -40.34
CA PRO A 40 11.63 -0.14 -39.94
C PRO A 40 11.70 1.20 -40.67
N ASN A 41 10.52 1.71 -41.02
CA ASN A 41 10.41 3.05 -41.58
C ASN A 41 10.40 4.10 -40.49
N PHE A 42 9.94 3.73 -39.29
CA PHE A 42 9.94 4.60 -38.12
C PHE A 42 10.65 3.87 -36.99
N SER A 43 11.58 4.55 -36.32
CA SER A 43 12.29 3.94 -35.21
C SER A 43 12.93 5.04 -34.37
N GLN A 44 13.15 4.73 -33.09
CA GLN A 44 13.90 5.61 -32.22
C GLN A 44 15.38 5.32 -32.24
N THR A 45 15.77 4.15 -32.75
CA THR A 45 17.16 3.69 -32.73
C THR A 45 17.74 3.70 -34.13
N ILE A 46 18.98 4.19 -34.24
CA ILE A 46 19.72 4.24 -35.49
C ILE A 46 20.97 3.36 -35.35
N LEU A 47 21.50 2.96 -36.50
CA LEU A 47 22.67 2.10 -36.55
C LEU A 47 23.73 2.73 -37.44
N CYS A 48 24.95 2.83 -36.91
CA CYS A 48 26.13 3.28 -37.67
C CYS A 48 27.13 2.14 -37.63
N PRO A 49 27.13 1.25 -38.63
CA PRO A 49 28.01 0.09 -38.59
C PRO A 49 29.46 0.47 -38.79
N ASN A 50 30.34 -0.29 -38.13
CA ASN A 50 31.79 -0.14 -38.25
C ASN A 50 32.23 1.30 -38.01
N MET A 51 31.67 1.91 -36.96
CA MET A 51 32.01 3.28 -36.61
C MET A 51 33.18 3.33 -35.64
N TYR A 52 33.24 2.37 -34.71
CA TYR A 52 34.28 2.33 -33.69
C TYR A 52 35.37 1.36 -34.13
N LYS A 53 36.57 1.87 -34.34
CA LYS A 53 37.74 1.04 -34.65
C LYS A 53 38.57 0.93 -33.38
N ASN A 54 38.41 -0.18 -32.68
CA ASN A 54 39.16 -0.44 -31.47
C ASN A 54 40.64 -0.50 -31.79
N PRO A 55 41.48 0.31 -31.15
CA PRO A 55 42.92 0.28 -31.47
C PRO A 55 43.56 -1.08 -31.26
N ILE A 56 42.99 -1.94 -30.42
CA ILE A 56 43.59 -3.24 -30.14
C ILE A 56 43.52 -4.18 -31.33
N HIS A 57 42.77 -3.83 -32.37
CA HIS A 57 42.61 -4.67 -33.55
C HIS A 57 43.35 -4.11 -34.75
N GLU A 58 44.41 -3.37 -34.50
CA GLU A 58 45.25 -2.73 -35.52
C GLU A 58 46.70 -3.04 -35.22
N PRO A 59 47.62 -2.69 -36.13
CA PRO A 59 49.04 -2.73 -35.77
C PRO A 59 49.34 -1.72 -34.67
N ASN A 60 50.32 -2.06 -33.83
CA ASN A 60 50.69 -1.34 -32.61
C ASN A 60 49.52 -1.19 -31.64
N GLY A 61 48.43 -1.93 -31.85
CA GLY A 61 47.35 -1.93 -30.90
C GLY A 61 47.80 -2.28 -29.50
N LYS A 62 48.57 -3.36 -29.36
CA LYS A 62 48.97 -3.82 -28.04
C LYS A 62 50.17 -3.02 -27.52
N LYS A 63 50.26 -1.75 -27.94
CA LYS A 63 51.28 -0.83 -27.48
C LYS A 63 50.71 0.16 -26.45
N PHE A 64 49.55 -0.14 -25.88
CA PHE A 64 48.87 0.79 -25.00
C PHE A 64 48.62 0.17 -23.63
N THR A 65 48.59 1.04 -22.62
CA THR A 65 48.29 0.63 -21.26
C THR A 65 46.78 0.60 -21.05
N GLN A 66 46.36 -0.05 -19.96
CA GLN A 66 44.94 -0.12 -19.64
C GLN A 66 44.36 1.26 -19.37
N ARG A 67 45.15 2.18 -18.84
CA ARG A 67 44.67 3.55 -18.65
C ARG A 67 44.55 4.29 -19.98
N GLU A 68 45.54 4.10 -20.87
CA GLU A 68 45.50 4.79 -22.16
C GLU A 68 44.33 4.30 -23.01
N LEU A 69 44.06 3.00 -22.97
CA LEU A 69 42.92 2.46 -23.71
C LEU A 69 41.60 2.99 -23.16
N ALA A 70 41.52 3.16 -21.84
CA ALA A 70 40.29 3.66 -21.22
C ALA A 70 40.06 5.12 -21.61
N GLU A 71 41.12 5.94 -21.59
CA GLU A 71 40.96 7.34 -21.98
C GLU A 71 40.65 7.47 -23.46
N GLN A 72 41.17 6.56 -24.30
CA GLN A 72 40.91 6.63 -25.72
C GLN A 72 39.45 6.29 -26.04
N PHE A 73 38.90 5.26 -25.38
CA PHE A 73 37.52 4.90 -25.64
C PHE A 73 36.57 5.97 -25.09
N ASP A 74 36.92 6.56 -23.95
CA ASP A 74 36.16 7.69 -23.43
C ASP A 74 36.13 8.83 -24.42
N ALA A 75 37.26 9.08 -25.09
CA ALA A 75 37.30 10.13 -26.11
C ALA A 75 36.35 9.80 -27.26
N PHE A 76 36.26 8.52 -27.63
CA PHE A 76 35.36 8.14 -28.72
C PHE A 76 33.91 8.24 -28.28
N TYR A 77 33.58 7.69 -27.11
CA TYR A 77 32.20 7.75 -26.63
C TYR A 77 31.75 9.19 -26.45
N GLU A 78 32.64 10.05 -25.94
CA GLU A 78 32.33 11.47 -25.85
C GLU A 78 32.11 12.07 -27.23
N ASP A 79 32.98 11.73 -28.19
CA ASP A 79 32.85 12.26 -29.54
C ASP A 79 31.56 11.78 -30.20
N MET A 80 31.11 10.56 -29.87
CA MET A 80 29.86 10.07 -30.42
C MET A 80 28.67 10.74 -29.76
N PHE A 81 28.59 10.70 -28.43
CA PHE A 81 27.43 11.21 -27.72
C PHE A 81 27.18 12.68 -28.03
N CYS A 82 28.24 13.49 -28.05
CA CYS A 82 28.07 14.91 -28.27
C CYS A 82 27.50 15.20 -29.65
N GLU A 83 28.02 14.52 -30.68
CA GLU A 83 27.57 14.82 -32.03
C GLU A 83 26.14 14.33 -32.26
N PHE A 84 25.78 13.17 -31.71
CA PHE A 84 24.42 12.67 -31.86
C PHE A 84 23.41 13.50 -31.09
N SER A 85 23.85 14.20 -30.03
CA SER A 85 22.95 15.02 -29.23
C SER A 85 22.40 16.19 -30.02
N LYS A 86 23.10 16.63 -31.08
CA LYS A 86 22.65 17.74 -31.89
C LYS A 86 21.42 17.41 -32.72
N TYR A 87 21.03 16.13 -32.79
CA TYR A 87 19.84 15.73 -33.53
C TYR A 87 18.61 15.57 -32.64
N GLY A 88 18.81 15.38 -31.34
CA GLY A 88 17.70 15.18 -30.42
C GLY A 88 18.22 14.62 -29.11
N GLU A 89 17.27 14.27 -28.24
CA GLU A 89 17.64 13.70 -26.96
C GLU A 89 18.09 12.26 -27.14
N VAL A 90 19.30 11.96 -26.70
CA VAL A 90 19.89 10.63 -26.82
C VAL A 90 19.56 9.86 -25.55
N GLU A 91 18.71 8.84 -25.68
CA GLU A 91 18.34 8.03 -24.53
C GLU A 91 19.43 7.03 -24.17
N GLN A 92 20.06 6.42 -25.17
CA GLN A 92 21.11 5.45 -24.90
C GLN A 92 22.03 5.34 -26.10
N LEU A 93 23.32 5.12 -25.82
CA LEU A 93 24.35 4.97 -26.84
C LEU A 93 25.13 3.71 -26.54
N VAL A 94 25.15 2.77 -27.49
CA VAL A 94 25.78 1.47 -27.31
C VAL A 94 26.83 1.29 -28.39
N VAL A 95 28.02 0.85 -27.98
CA VAL A 95 29.14 0.61 -28.87
C VAL A 95 29.53 -0.86 -28.77
N CYS A 96 29.55 -1.55 -29.91
CA CYS A 96 29.83 -2.98 -29.94
C CYS A 96 31.32 -3.23 -30.14
N ASP A 97 31.90 -4.09 -29.30
CA ASP A 97 33.31 -4.44 -29.37
C ASP A 97 33.54 -5.79 -30.05
N ASN A 98 32.58 -6.26 -30.86
CA ASN A 98 32.73 -7.54 -31.52
C ASN A 98 33.73 -7.43 -32.67
N VAL A 99 34.08 -8.59 -33.22
CA VAL A 99 34.97 -8.65 -34.38
C VAL A 99 34.29 -9.25 -35.60
N GLY A 100 33.11 -9.85 -35.43
CA GLY A 100 32.37 -10.32 -36.59
C GLY A 100 32.05 -9.20 -37.56
N ASP A 101 32.01 -9.54 -38.85
CA ASP A 101 31.88 -8.53 -39.88
C ASP A 101 30.60 -7.71 -39.74
N HIS A 102 29.53 -8.32 -39.21
CA HIS A 102 28.24 -7.67 -39.15
C HIS A 102 28.07 -6.80 -37.90
N LEU A 103 28.92 -6.96 -36.89
CA LEU A 103 28.78 -6.25 -35.63
C LEU A 103 30.03 -5.47 -35.21
N VAL A 104 31.12 -5.56 -35.97
CA VAL A 104 32.37 -4.94 -35.55
C VAL A 104 32.21 -3.43 -35.52
N GLY A 105 32.48 -2.84 -34.35
CA GLY A 105 32.43 -1.39 -34.22
C GLY A 105 31.08 -0.77 -34.47
N ASN A 106 30.00 -1.53 -34.33
CA ASN A 106 28.67 -0.98 -34.53
C ASN A 106 28.33 0.01 -33.43
N VAL A 107 27.74 1.13 -33.81
CA VAL A 107 27.33 2.16 -32.87
C VAL A 107 25.83 2.35 -33.02
N TYR A 108 25.08 1.95 -31.99
CA TYR A 108 23.63 2.12 -31.94
C TYR A 108 23.30 3.34 -31.10
N VAL A 109 22.31 4.12 -31.55
CA VAL A 109 21.89 5.33 -30.87
C VAL A 109 20.37 5.32 -30.81
N ARG A 110 19.82 5.31 -29.59
CA ARG A 110 18.38 5.37 -29.39
C ARG A 110 18.01 6.79 -29.00
N PHE A 111 17.21 7.45 -29.83
CA PHE A 111 16.73 8.79 -29.55
C PHE A 111 15.40 8.72 -28.80
N LYS A 112 14.96 9.87 -28.31
CA LYS A 112 13.69 9.92 -27.60
C LYS A 112 12.51 9.98 -28.56
N TYR A 113 12.66 10.69 -29.67
CA TYR A 113 11.60 10.84 -30.66
C TYR A 113 12.03 10.21 -31.97
N GLU A 114 11.05 9.66 -32.69
CA GLU A 114 11.35 9.03 -33.97
C GLU A 114 11.82 10.04 -35.01
N GLU A 115 11.39 11.29 -34.90
CA GLU A 115 11.82 12.31 -35.84
C GLU A 115 13.30 12.64 -35.66
N SER A 116 13.81 12.60 -34.43
CA SER A 116 15.23 12.83 -34.21
C SER A 116 16.08 11.75 -34.85
N ALA A 117 15.59 10.51 -34.86
CA ALA A 117 16.34 9.42 -35.48
C ALA A 117 16.37 9.56 -37.00
N GLN A 118 15.24 9.97 -37.59
CA GLN A 118 15.19 10.14 -39.04
C GLN A 118 16.04 11.32 -39.48
N ASN A 119 16.03 12.41 -38.71
CA ASN A 119 16.88 13.55 -39.04
C ASN A 119 18.36 13.21 -38.91
N ALA A 120 18.70 12.26 -38.03
CA ALA A 120 20.10 11.88 -37.86
C ALA A 120 20.63 11.15 -39.08
N ILE A 121 19.92 10.12 -39.54
CA ILE A 121 20.41 9.33 -40.66
C ILE A 121 20.40 10.16 -41.95
N ASP A 122 19.50 11.13 -42.07
CA ASP A 122 19.47 11.97 -43.26
C ASP A 122 20.69 12.87 -43.33
N ASP A 123 21.22 13.29 -42.18
CA ASP A 123 22.40 14.15 -42.14
C ASP A 123 23.68 13.35 -42.08
N LEU A 124 23.69 12.24 -41.35
CA LEU A 124 24.90 11.46 -41.19
C LEU A 124 25.36 10.84 -42.50
N ASN A 125 24.41 10.37 -43.32
CA ASN A 125 24.76 9.69 -44.56
C ASN A 125 25.45 10.59 -45.58
N SER A 126 25.65 11.87 -45.24
CA SER A 126 26.40 12.79 -46.08
C SER A 126 27.63 13.33 -45.36
N ARG A 127 27.95 12.80 -44.18
CA ARG A 127 29.08 13.25 -43.38
C ARG A 127 30.18 12.18 -43.35
N TRP A 128 31.31 12.57 -42.77
CA TRP A 128 32.47 11.71 -42.63
C TRP A 128 32.86 11.61 -41.16
N TYR A 129 33.51 10.50 -40.80
CA TYR A 129 34.09 10.35 -39.47
C TYR A 129 35.37 9.54 -39.59
N SER A 130 36.48 10.14 -39.16
CA SER A 130 37.80 9.51 -39.15
C SER A 130 38.17 8.97 -40.54
N GLN A 131 38.08 9.86 -41.52
CA GLN A 131 38.50 9.58 -42.90
C GLN A 131 37.74 8.41 -43.51
N ARG A 132 36.49 8.22 -43.10
CA ARG A 132 35.63 7.17 -43.64
C ARG A 132 34.21 7.71 -43.66
N PRO A 133 33.46 7.47 -44.74
CA PRO A 133 32.06 7.92 -44.77
C PRO A 133 31.23 7.06 -43.84
N VAL A 134 30.33 7.71 -43.10
CA VAL A 134 29.53 7.03 -42.11
C VAL A 134 28.27 6.47 -42.77
N TYR A 135 27.97 5.21 -42.49
CA TYR A 135 26.72 4.60 -42.91
C TYR A 135 25.74 4.69 -41.74
N ALA A 136 24.54 5.22 -42.02
CA ALA A 136 23.53 5.38 -40.99
C ALA A 136 22.20 4.86 -41.51
N GLU A 137 21.48 4.15 -40.65
CA GLU A 137 20.18 3.60 -41.01
C GLU A 137 19.37 3.38 -39.74
N LEU A 138 18.06 3.29 -39.91
CA LEU A 138 17.18 3.01 -38.78
C LEU A 138 17.31 1.55 -38.38
N SER A 139 17.40 1.31 -37.07
CA SER A 139 17.57 -0.03 -36.57
C SER A 139 16.33 -0.51 -35.83
N PRO A 140 15.94 -1.77 -35.99
CA PRO A 140 14.79 -2.30 -35.24
C PRO A 140 15.07 -2.59 -33.78
N VAL A 141 16.28 -2.30 -33.29
CA VAL A 141 16.61 -2.58 -31.91
C VAL A 141 15.79 -1.69 -30.98
N THR A 142 15.18 -2.30 -29.97
CA THR A 142 14.41 -1.56 -28.97
C THR A 142 14.98 -1.74 -27.58
N ASP A 143 15.03 -2.98 -27.06
CA ASP A 143 15.58 -3.26 -25.76
C ASP A 143 16.97 -3.86 -25.95
N PHE A 144 18.00 -3.13 -25.50
CA PHE A 144 19.36 -3.61 -25.65
C PHE A 144 19.64 -4.82 -24.78
N ARG A 145 18.86 -5.04 -23.72
CA ARG A 145 19.04 -6.22 -22.90
C ARG A 145 18.76 -7.49 -23.68
N GLU A 146 17.82 -7.43 -24.63
CA GLU A 146 17.52 -8.58 -25.48
C GLU A 146 18.53 -8.77 -26.61
N ALA A 147 19.47 -7.84 -26.77
CA ALA A 147 20.47 -7.94 -27.82
C ALA A 147 21.89 -8.16 -27.29
N CYS A 148 22.12 -7.95 -26.00
CA CYS A 148 23.44 -8.12 -25.42
C CYS A 148 23.68 -9.58 -25.01
N CYS A 149 24.94 -9.97 -25.02
CA CYS A 149 25.34 -11.32 -24.64
C CYS A 149 25.36 -11.45 -23.13
N ARG A 150 24.69 -12.50 -22.61
CA ARG A 150 24.61 -12.68 -21.17
C ARG A 150 25.94 -13.13 -20.57
N GLN A 151 26.59 -14.10 -21.19
CA GLN A 151 27.86 -14.59 -20.64
C GLN A 151 28.98 -13.57 -20.75
N HIS A 152 28.78 -12.47 -21.48
CA HIS A 152 29.77 -11.42 -21.52
C HIS A 152 29.61 -10.41 -20.40
N GLU A 153 28.40 -10.26 -19.87
CA GLU A 153 28.19 -9.37 -18.73
C GLU A 153 28.85 -9.95 -17.49
N THR A 154 28.47 -11.17 -17.11
CA THR A 154 29.12 -11.92 -16.04
C THR A 154 30.26 -12.72 -16.65
N SER A 155 31.51 -12.39 -16.27
CA SER A 155 32.68 -13.06 -16.82
C SER A 155 32.74 -12.85 -18.32
N GLU A 156 33.53 -13.66 -19.02
CA GLU A 156 33.69 -13.53 -20.46
C GLU A 156 32.91 -14.62 -21.20
N CYS A 157 32.47 -14.27 -22.42
CA CYS A 157 31.75 -15.18 -23.29
C CYS A 157 32.74 -16.10 -24.02
N GLN A 158 32.47 -17.41 -23.98
CA GLN A 158 33.40 -18.37 -24.58
C GLN A 158 33.46 -18.26 -26.09
N ARG A 159 32.50 -17.58 -26.73
CA ARG A 159 32.54 -17.42 -28.18
C ARG A 159 33.52 -16.33 -28.61
N GLY A 160 33.92 -15.45 -27.69
CA GLY A 160 34.89 -14.42 -28.01
C GLY A 160 34.29 -13.30 -28.85
N GLY A 161 35.15 -12.63 -29.60
CA GLY A 161 34.73 -11.52 -30.44
C GLY A 161 33.82 -11.90 -31.58
N LEU A 162 33.73 -13.19 -31.91
CA LEU A 162 32.87 -13.66 -32.99
C LEU A 162 31.45 -13.96 -32.50
N CYS A 163 31.11 -13.56 -31.28
CA CYS A 163 29.76 -13.74 -30.78
C CYS A 163 28.77 -12.94 -31.62
N ASN A 164 27.61 -13.54 -31.89
CA ASN A 164 26.59 -12.86 -32.69
C ASN A 164 25.72 -11.93 -31.87
N PHE A 165 25.88 -11.91 -30.55
CA PHE A 165 25.22 -10.94 -29.69
C PHE A 165 26.17 -9.78 -29.40
N MET A 166 25.60 -8.68 -28.92
CA MET A 166 26.37 -7.47 -28.70
C MET A 166 27.33 -7.65 -27.52
N HIS A 167 28.62 -7.40 -27.77
CA HIS A 167 29.61 -7.28 -26.71
C HIS A 167 29.88 -5.79 -26.50
N ALA A 168 28.95 -5.14 -25.79
CA ALA A 168 29.01 -3.70 -25.61
C ALA A 168 30.23 -3.31 -24.79
N LYS A 169 30.98 -2.31 -25.27
CA LYS A 169 32.09 -1.74 -24.52
C LYS A 169 31.57 -0.53 -23.74
N LYS A 170 31.58 -0.64 -22.41
CA LYS A 170 31.00 0.47 -21.67
C LYS A 170 32.04 1.55 -21.40
N PRO A 171 31.67 2.82 -21.49
CA PRO A 171 32.58 3.90 -21.16
C PRO A 171 32.72 4.05 -19.64
N SER A 172 33.56 5.00 -19.24
CA SER A 172 33.73 5.28 -17.82
C SER A 172 32.42 5.85 -17.25
N PRO A 173 32.04 5.43 -16.04
CA PRO A 173 30.83 6.00 -15.44
C PRO A 173 30.92 7.51 -15.26
N GLN A 174 32.13 8.05 -15.09
CA GLN A 174 32.30 9.49 -14.96
C GLN A 174 31.86 10.20 -16.24
N LEU A 175 32.29 9.68 -17.39
CA LEU A 175 31.91 10.30 -18.67
C LEU A 175 30.42 10.13 -18.94
N LEU A 176 29.88 8.95 -18.66
CA LEU A 176 28.46 8.71 -18.90
C LEU A 176 27.59 9.61 -18.03
N ARG A 177 27.97 9.78 -16.77
CA ARG A 177 27.22 10.66 -15.89
C ARG A 177 27.33 12.11 -16.34
N ASP A 178 28.55 12.56 -16.69
CA ASP A 178 28.72 13.93 -17.16
C ASP A 178 27.96 14.17 -18.45
N LEU A 179 27.78 13.14 -19.27
CA LEU A 179 27.06 13.31 -20.54
C LEU A 179 25.56 13.46 -20.30
N VAL A 180 24.99 12.66 -19.41
CA VAL A 180 23.56 12.75 -19.14
C VAL A 180 23.22 14.08 -18.49
N LEU A 181 24.06 14.55 -17.57
CA LEU A 181 23.83 15.85 -16.95
C LEU A 181 24.02 16.98 -17.96
N ALA A 182 25.00 16.85 -18.85
CA ALA A 182 25.22 17.87 -19.87
C ALA A 182 24.06 17.97 -20.84
N GLN A 183 23.45 16.82 -21.18
CA GLN A 183 22.32 16.85 -22.10
C GLN A 183 21.08 17.42 -21.43
N ARG A 184 20.86 17.13 -20.14
CA ARG A 184 19.72 17.70 -19.45
C ARG A 184 19.82 19.22 -19.36
N LYS A 185 21.03 19.74 -19.14
CA LYS A 185 21.20 21.18 -19.11
C LYS A 185 20.98 21.79 -20.48
N TYR A 186 21.55 21.16 -21.52
CA TYR A 186 21.34 21.64 -22.88
C TYR A 186 19.87 21.61 -23.25
N LEU A 187 19.16 20.57 -22.82
CA LEU A 187 17.73 20.49 -23.12
C LEU A 187 16.92 21.46 -22.27
N ALA A 188 17.36 21.70 -21.03
CA ALA A 188 16.69 22.68 -20.18
C ALA A 188 16.91 24.09 -20.71
N LEU A 189 18.12 24.37 -21.21
CA LEU A 189 18.39 25.69 -21.79
C LEU A 189 17.59 25.92 -23.06
N ASN A 190 17.31 24.87 -23.84
CA ASN A 190 16.45 25.04 -25.00
C ASN A 190 14.99 24.91 -24.57
N ALA A 191 14.68 25.32 -23.35
CA ALA A 191 13.29 25.35 -22.89
C ALA A 191 12.93 26.71 -22.33
N ALA A 192 13.92 27.40 -21.76
CA ALA A 192 13.71 28.74 -21.21
C ALA A 192 13.43 29.78 -22.30
N GLU A 193 13.57 29.42 -23.57
CA GLU A 193 13.27 30.36 -24.65
C GLU A 193 11.78 30.57 -24.84
N GLU A 194 10.94 29.75 -24.21
CA GLU A 194 9.49 29.89 -24.33
C GLU A 194 8.84 29.95 -22.95
N GLU B 14 2.01 28.69 -14.23
CA GLU B 14 2.60 27.50 -14.82
C GLU B 14 3.85 27.06 -14.06
N ARG B 15 3.96 25.77 -13.79
CA ARG B 15 5.12 25.20 -13.14
C ARG B 15 6.22 24.81 -14.12
N SER B 16 6.03 25.03 -15.43
CA SER B 16 7.05 24.70 -16.41
C SER B 16 8.29 25.56 -16.21
N VAL B 17 8.12 26.88 -16.19
CA VAL B 17 9.24 27.77 -15.92
C VAL B 17 9.75 27.62 -14.49
N ARG B 18 8.94 27.06 -13.60
CA ARG B 18 9.40 26.78 -12.25
C ARG B 18 10.39 25.61 -12.24
N SER B 19 10.02 24.51 -12.89
CA SER B 19 10.89 23.34 -12.89
C SER B 19 12.11 23.53 -13.79
N ILE B 20 11.99 24.39 -14.81
CA ILE B 20 13.13 24.63 -15.70
C ILE B 20 14.22 25.38 -14.97
N GLU B 21 13.86 26.50 -14.32
CA GLU B 21 14.85 27.22 -13.52
C GLU B 21 15.28 26.42 -12.29
N GLN B 22 14.44 25.49 -11.83
CA GLN B 22 14.85 24.61 -10.73
C GLN B 22 15.92 23.65 -11.18
N GLU B 23 15.74 23.04 -12.36
CA GLU B 23 16.74 22.12 -12.90
C GLU B 23 18.03 22.85 -13.26
N LEU B 24 17.91 24.05 -13.86
CA LEU B 24 19.09 24.81 -14.25
C LEU B 24 19.97 25.16 -13.05
N GLU B 25 19.35 25.52 -11.93
CA GLU B 25 20.14 25.96 -10.77
C GLU B 25 20.91 24.81 -10.13
N GLN B 26 20.34 23.60 -10.10
CA GLN B 26 21.09 22.47 -9.54
C GLN B 26 22.22 22.05 -10.46
N LEU B 27 22.14 22.39 -11.75
CA LEU B 27 23.16 22.08 -12.75
C LEU B 27 23.98 23.31 -13.09
N ARG B 28 24.28 24.15 -12.09
CA ARG B 28 25.05 25.36 -12.34
C ARG B 28 26.50 25.05 -12.68
N ASP B 29 27.11 24.08 -11.99
CA ASP B 29 28.50 23.73 -12.24
C ASP B 29 28.65 22.60 -13.25
N VAL B 30 27.73 22.52 -14.22
CA VAL B 30 27.80 21.54 -15.30
C VAL B 30 27.73 22.29 -16.62
N THR B 31 28.49 21.82 -17.61
CA THR B 31 28.51 22.45 -18.93
C THR B 31 27.49 21.80 -19.84
N PRO B 32 26.72 22.60 -20.58
CA PRO B 32 25.79 22.02 -21.57
C PRO B 32 26.55 21.26 -22.65
N ILE B 33 25.85 20.32 -23.28
CA ILE B 33 26.51 19.40 -24.20
C ILE B 33 26.94 20.10 -25.48
N ASN B 34 26.22 21.16 -25.87
CA ASN B 34 26.54 21.90 -27.08
C ASN B 34 27.77 22.78 -26.93
N GLN B 35 28.23 23.01 -25.71
CA GLN B 35 29.40 23.85 -25.43
C GLN B 35 30.68 23.06 -25.28
N TRP B 36 30.62 21.88 -24.65
CA TRP B 36 31.74 20.97 -24.43
C TRP B 36 32.87 21.10 -25.44
N LYS B 37 34.06 21.46 -24.97
CA LYS B 37 35.22 21.57 -25.85
C LYS B 37 35.71 20.17 -26.19
N ARG B 38 35.60 19.79 -27.45
CA ARG B 38 36.02 18.46 -27.92
C ARG B 38 37.37 18.56 -28.61
N LYS B 39 38.42 18.13 -27.91
CA LYS B 39 39.75 18.06 -28.51
C LYS B 39 39.87 16.75 -29.28
N ARG B 40 40.39 16.82 -30.50
CA ARG B 40 40.54 15.66 -31.37
C ARG B 40 39.18 14.99 -31.65
N SER B 41 38.30 15.78 -32.26
CA SER B 41 37.02 15.26 -32.75
C SER B 41 37.22 14.84 -34.19
N LEU B 42 36.93 13.57 -34.49
CA LEU B 42 37.21 13.01 -35.80
C LEU B 42 36.05 13.19 -36.79
N TRP B 43 35.07 14.02 -36.45
CA TRP B 43 33.93 14.23 -37.32
C TRP B 43 34.30 15.15 -38.49
N ASP B 44 33.69 14.88 -39.64
CA ASP B 44 33.86 15.65 -40.87
C ASP B 44 35.29 15.62 -41.40
N ILE B 45 36.15 14.78 -40.84
CA ILE B 45 37.53 14.66 -41.30
C ILE B 45 37.57 13.71 -42.49
N LYS B 46 38.01 14.22 -43.64
CA LYS B 46 38.08 13.38 -44.83
C LYS B 46 39.51 12.92 -45.07
N PRO B 47 39.69 11.79 -45.75
CA PRO B 47 41.03 11.32 -46.10
C PRO B 47 41.68 12.26 -47.09
N PRO B 48 43.00 12.23 -47.23
CA PRO B 48 43.66 13.17 -48.13
C PRO B 48 43.20 12.99 -49.57
N GLY B 49 42.91 14.10 -50.24
CA GLY B 49 42.44 14.11 -51.60
C GLY B 49 40.94 14.06 -51.79
N TYR B 50 40.19 13.69 -50.75
CA TYR B 50 38.74 13.56 -50.87
C TYR B 50 37.99 14.82 -50.44
N GLU B 51 38.63 16.00 -50.52
CA GLU B 51 37.96 17.22 -50.08
C GLU B 51 36.74 17.54 -50.94
N LEU B 52 36.78 17.19 -52.23
CA LEU B 52 35.70 17.51 -53.14
C LEU B 52 34.74 16.34 -53.35
N VAL B 53 35.01 15.20 -52.72
CA VAL B 53 34.15 14.03 -52.82
C VAL B 53 33.17 14.03 -51.64
N THR B 54 31.88 13.90 -51.93
CA THR B 54 30.92 13.81 -50.86
C THR B 54 30.89 12.38 -50.31
N ALA B 55 30.31 12.25 -49.11
CA ALA B 55 30.22 10.94 -48.49
C ALA B 55 29.39 9.97 -49.32
N ASP B 56 28.36 10.48 -50.01
CA ASP B 56 27.53 9.61 -50.84
C ASP B 56 28.31 9.11 -52.05
N GLN B 57 29.12 9.99 -52.67
CA GLN B 57 29.92 9.58 -53.82
C GLN B 57 31.01 8.60 -53.43
N ALA B 58 31.53 8.71 -52.20
CA ALA B 58 32.60 7.81 -51.77
C ALA B 58 32.08 6.40 -51.52
N LYS B 59 30.88 6.29 -50.93
CA LYS B 59 30.34 4.96 -50.66
C LYS B 59 29.99 4.23 -51.96
N MET B 60 29.48 4.95 -52.95
CA MET B 60 29.13 4.34 -54.23
C MET B 60 30.35 4.00 -55.06
N SER B 61 31.50 4.60 -54.76
CA SER B 61 32.71 4.31 -55.54
C SER B 61 33.24 2.91 -55.27
N GLY B 62 32.92 2.33 -54.11
CA GLY B 62 33.41 1.03 -53.74
C GLY B 62 34.75 1.02 -53.04
N VAL B 63 35.36 2.18 -52.82
CA VAL B 63 36.64 2.25 -52.12
C VAL B 63 36.46 2.14 -50.60
N PHE B 64 35.24 2.36 -50.09
CA PHE B 64 34.94 2.32 -48.66
C PHE B 64 33.81 1.33 -48.39
N PRO B 65 34.08 0.03 -48.44
CA PRO B 65 33.03 -0.95 -48.16
C PRO B 65 32.95 -1.31 -46.69
N LEU B 66 31.73 -1.69 -46.28
CA LEU B 66 31.51 -2.18 -44.94
C LEU B 66 32.14 -3.56 -44.77
N PRO B 67 32.52 -3.94 -43.55
CA PRO B 67 33.16 -5.25 -43.35
C PRO B 67 32.31 -6.42 -43.81
N GLY B 68 30.98 -6.27 -43.81
CA GLY B 68 30.13 -7.36 -44.28
C GLY B 68 30.31 -7.66 -45.75
N ALA B 69 30.65 -6.65 -46.55
CA ALA B 69 30.85 -6.83 -47.99
C ALA B 69 32.34 -6.93 -48.31
N SER D 7 -9.61 18.37 35.83
CA SER D 7 -10.46 19.14 34.94
C SER D 7 -10.32 18.65 33.51
N ILE D 8 -9.17 18.03 33.21
CA ILE D 8 -8.92 17.44 31.90
C ILE D 8 -8.71 15.93 32.00
N TYR D 9 -9.24 15.30 33.06
CA TYR D 9 -9.16 13.85 33.18
C TYR D 9 -9.97 13.19 32.08
N GLY D 10 -9.38 12.17 31.46
CA GLY D 10 -10.02 11.45 30.38
C GLY D 10 -10.09 12.20 29.07
N THR D 11 -9.53 13.41 28.99
CA THR D 11 -9.55 14.17 27.76
C THR D 11 -8.37 13.75 26.86
N GLU D 12 -8.28 14.38 25.69
CA GLU D 12 -7.21 14.04 24.76
C GLU D 12 -5.84 14.47 25.25
N GLN D 13 -5.77 15.35 26.25
CA GLN D 13 -4.51 15.72 26.87
C GLN D 13 -4.10 14.76 27.97
N ASP D 14 -4.98 13.86 28.40
CA ASP D 14 -4.64 12.83 29.38
C ASP D 14 -3.67 11.85 28.74
N LYS D 15 -2.44 11.81 29.25
CA LYS D 15 -1.39 10.99 28.67
C LYS D 15 -1.39 9.56 29.17
N VAL D 16 -2.24 9.22 30.14
CA VAL D 16 -2.29 7.87 30.70
C VAL D 16 -3.60 7.16 30.35
N ASN D 17 -4.74 7.82 30.56
CA ASN D 17 -6.01 7.24 30.15
C ASN D 17 -6.30 7.52 28.68
N CYS D 18 -6.85 6.53 27.99
CA CYS D 18 -7.21 6.69 26.58
C CYS D 18 -8.54 7.43 26.49
N SER D 19 -8.51 8.64 25.93
CA SER D 19 -9.73 9.42 25.84
C SER D 19 -10.78 8.74 24.98
N PHE D 20 -10.33 8.02 23.94
CA PHE D 20 -11.29 7.42 23.02
C PHE D 20 -11.99 6.23 23.65
N TYR D 21 -11.28 5.40 24.41
CA TYR D 21 -11.95 4.30 25.10
C TYR D 21 -12.81 4.81 26.25
N TYR D 22 -12.39 5.88 26.92
CA TYR D 22 -13.15 6.40 28.05
C TYR D 22 -14.45 7.05 27.60
N LYS D 23 -14.44 7.69 26.43
CA LYS D 23 -15.60 8.40 25.90
C LYS D 23 -16.42 7.57 24.92
N ILE D 24 -15.77 6.86 24.01
CA ILE D 24 -16.47 6.13 22.95
C ILE D 24 -16.64 4.65 23.26
N GLY D 25 -15.92 4.13 24.26
CA GLY D 25 -15.97 2.71 24.55
C GLY D 25 -15.27 1.83 23.54
N ALA D 26 -14.50 2.42 22.64
CA ALA D 26 -13.78 1.67 21.62
C ALA D 26 -12.62 2.52 21.12
N CYS D 27 -11.47 1.88 20.90
CA CYS D 27 -10.27 2.56 20.44
C CYS D 27 -9.72 1.85 19.22
N ARG D 28 -9.23 2.63 18.25
CA ARG D 28 -8.72 2.06 17.01
C ARG D 28 -7.53 1.14 17.25
N HIS D 29 -6.79 1.36 18.34
CA HIS D 29 -5.59 0.59 18.61
C HIS D 29 -5.85 -0.69 19.39
N GLY D 30 -7.01 -0.82 20.02
CA GLY D 30 -7.33 -2.06 20.72
C GLY D 30 -6.42 -2.27 21.90
N GLU D 31 -5.93 -3.51 22.05
CA GLU D 31 -5.06 -3.85 23.18
C GLU D 31 -3.66 -3.27 23.02
N ARG D 32 -3.27 -2.86 21.81
CA ARG D 32 -1.96 -2.29 21.57
C ARG D 32 -1.94 -0.77 21.71
N CYS D 33 -2.87 -0.20 22.48
CA CYS D 33 -2.92 1.24 22.63
C CYS D 33 -1.90 1.71 23.65
N SER D 34 -1.26 2.85 23.37
CA SER D 34 -0.25 3.38 24.27
C SER D 34 -0.84 3.89 25.58
N ARG D 35 -2.14 4.12 25.63
CA ARG D 35 -2.81 4.63 26.82
C ARG D 35 -3.72 3.56 27.42
N LYS D 36 -4.11 3.79 28.66
CA LYS D 36 -4.81 2.78 29.46
C LYS D 36 -6.27 2.66 29.05
N HIS D 37 -6.76 1.41 28.96
CA HIS D 37 -8.16 1.10 28.73
C HIS D 37 -8.73 0.46 29.99
N VAL D 38 -9.28 1.28 30.88
CA VAL D 38 -9.83 0.78 32.14
C VAL D 38 -11.24 0.24 31.86
N LYS D 39 -11.43 -1.07 32.00
CA LYS D 39 -12.72 -1.69 31.77
C LYS D 39 -13.51 -1.71 33.08
N PRO D 40 -14.66 -1.05 33.16
CA PRO D 40 -15.37 -0.95 34.44
C PRO D 40 -16.00 -2.28 34.84
N ASN D 41 -15.93 -2.56 36.14
CA ASN D 41 -16.63 -3.71 36.69
C ASN D 41 -18.09 -3.39 37.01
N PHE D 42 -18.41 -2.12 37.23
CA PHE D 42 -19.78 -1.67 37.44
C PHE D 42 -20.06 -0.52 36.49
N SER D 43 -21.19 -0.59 35.78
CA SER D 43 -21.56 0.45 34.84
C SER D 43 -23.05 0.33 34.52
N GLN D 44 -23.63 1.44 34.09
CA GLN D 44 -25.01 1.45 33.59
C GLN D 44 -25.10 1.16 32.09
N THR D 45 -23.99 1.27 31.37
CA THR D 45 -23.97 1.13 29.93
C THR D 45 -23.27 -0.17 29.53
N ILE D 46 -23.85 -0.88 28.57
CA ILE D 46 -23.28 -2.11 28.07
C ILE D 46 -22.92 -1.94 26.60
N LEU D 47 -22.00 -2.79 26.14
CA LEU D 47 -21.50 -2.77 24.77
C LEU D 47 -21.60 -4.16 24.18
N CYS D 48 -22.19 -4.26 23.00
CA CYS D 48 -22.24 -5.50 22.23
C CYS D 48 -21.51 -5.23 20.93
N PRO D 49 -20.21 -5.51 20.86
CA PRO D 49 -19.43 -5.15 19.67
C PRO D 49 -19.81 -6.01 18.47
N ASN D 50 -19.75 -5.39 17.29
CA ASN D 50 -20.02 -6.07 16.02
C ASN D 50 -21.35 -6.80 16.06
N MET D 51 -22.36 -6.14 16.60
CA MET D 51 -23.69 -6.71 16.73
C MET D 51 -24.55 -6.45 15.51
N TYR D 52 -24.43 -5.27 14.92
CA TYR D 52 -25.25 -4.87 13.78
C TYR D 52 -24.47 -5.11 12.50
N LYS D 53 -24.98 -6.01 11.66
CA LYS D 53 -24.42 -6.26 10.35
C LYS D 53 -25.29 -5.54 9.32
N ASN D 54 -24.87 -4.37 8.91
CA ASN D 54 -25.57 -3.59 7.91
C ASN D 54 -25.59 -4.36 6.60
N PRO D 55 -26.77 -4.62 6.01
CA PRO D 55 -26.79 -5.38 4.75
C PRO D 55 -25.98 -4.75 3.64
N ILE D 56 -25.66 -3.45 3.73
CA ILE D 56 -24.86 -2.80 2.70
C ILE D 56 -23.43 -3.30 2.68
N HIS D 57 -23.04 -4.07 3.70
CA HIS D 57 -21.70 -4.60 3.82
C HIS D 57 -21.66 -6.10 3.58
N GLU D 58 -22.76 -6.68 3.13
CA GLU D 58 -22.93 -8.09 2.90
C GLU D 58 -23.10 -8.36 1.40
N PRO D 59 -22.99 -9.63 0.97
CA PRO D 59 -23.08 -9.91 -0.47
C PRO D 59 -24.33 -9.39 -1.15
N ASN D 60 -25.50 -9.52 -0.53
CA ASN D 60 -26.75 -9.05 -1.13
C ASN D 60 -27.01 -7.57 -0.85
N GLY D 61 -25.96 -6.76 -0.80
CA GLY D 61 -26.11 -5.36 -0.46
C GLY D 61 -26.84 -4.55 -1.50
N LYS D 62 -26.47 -4.72 -2.77
CA LYS D 62 -26.94 -3.85 -3.85
C LYS D 62 -28.35 -4.15 -4.34
N LYS D 63 -29.06 -5.13 -3.77
CA LYS D 63 -30.40 -5.45 -4.26
C LYS D 63 -31.52 -4.81 -3.43
N PHE D 64 -31.23 -3.79 -2.64
CA PHE D 64 -32.25 -3.19 -1.79
C PHE D 64 -32.41 -1.71 -2.10
N THR D 65 -33.63 -1.22 -1.94
CA THR D 65 -33.92 0.19 -2.08
C THR D 65 -33.70 0.90 -0.75
N GLN D 66 -33.63 2.23 -0.79
CA GLN D 66 -33.45 3.01 0.43
C GLN D 66 -34.61 2.84 1.40
N ARG D 67 -35.82 2.60 0.88
CA ARG D 67 -36.95 2.32 1.75
C ARG D 67 -36.82 0.93 2.38
N GLU D 68 -36.38 -0.06 1.59
CA GLU D 68 -36.22 -1.42 2.10
C GLU D 68 -35.11 -1.48 3.14
N LEU D 69 -34.02 -0.75 2.92
CA LEU D 69 -32.94 -0.70 3.90
C LEU D 69 -33.39 -0.04 5.19
N ALA D 70 -34.24 0.98 5.07
CA ALA D 70 -34.75 1.66 6.26
C ALA D 70 -35.67 0.74 7.06
N GLU D 71 -36.53 -0.02 6.36
CA GLU D 71 -37.41 -0.95 7.04
C GLU D 71 -36.64 -2.07 7.72
N GLN D 72 -35.53 -2.49 7.14
CA GLN D 72 -34.73 -3.56 7.73
C GLN D 72 -34.07 -3.09 9.03
N PHE D 73 -33.55 -1.87 9.05
CA PHE D 73 -32.92 -1.37 10.26
C PHE D 73 -33.94 -1.11 11.36
N ASP D 74 -35.13 -0.63 11.00
CA ASP D 74 -36.20 -0.49 12.00
C ASP D 74 -36.53 -1.84 12.63
N ALA D 75 -36.52 -2.90 11.81
CA ALA D 75 -36.72 -4.23 12.37
C ALA D 75 -35.60 -4.60 13.32
N PHE D 76 -34.36 -4.20 13.00
CA PHE D 76 -33.23 -4.51 13.87
C PHE D 76 -33.29 -3.69 15.16
N TYR D 77 -33.54 -2.37 15.03
CA TYR D 77 -33.64 -1.53 16.22
C TYR D 77 -34.79 -1.98 17.12
N GLU D 78 -35.92 -2.37 16.52
CA GLU D 78 -37.02 -2.93 17.30
C GLU D 78 -36.60 -4.23 17.97
N ASP D 79 -35.93 -5.11 17.23
CA ASP D 79 -35.51 -6.38 17.78
C ASP D 79 -34.51 -6.19 18.92
N MET D 80 -33.68 -5.15 18.84
CA MET D 80 -32.74 -4.86 19.92
C MET D 80 -33.45 -4.27 21.12
N PHE D 81 -34.23 -3.20 20.92
CA PHE D 81 -34.85 -2.48 22.03
C PHE D 81 -35.73 -3.39 22.86
N CYS D 82 -36.54 -4.22 22.21
CA CYS D 82 -37.45 -5.09 22.96
C CYS D 82 -36.68 -6.10 23.80
N GLU D 83 -35.64 -6.72 23.23
CA GLU D 83 -34.91 -7.75 23.95
C GLU D 83 -34.11 -7.16 25.11
N PHE D 84 -33.52 -5.98 24.92
CA PHE D 84 -32.77 -5.36 26.01
C PHE D 84 -33.70 -4.86 27.12
N SER D 85 -34.97 -4.60 26.80
CA SER D 85 -35.89 -4.09 27.80
C SER D 85 -36.19 -5.11 28.89
N LYS D 86 -36.10 -6.40 28.58
CA LYS D 86 -36.40 -7.42 29.58
C LYS D 86 -35.34 -7.51 30.67
N TYR D 87 -34.22 -6.79 30.55
CA TYR D 87 -33.21 -6.75 31.59
C TYR D 87 -33.34 -5.55 32.51
N GLY D 88 -34.04 -4.51 32.08
CA GLY D 88 -34.20 -3.31 32.86
C GLY D 88 -34.71 -2.18 31.98
N GLU D 89 -34.76 -1.00 32.58
CA GLU D 89 -35.20 0.18 31.84
C GLU D 89 -34.11 0.62 30.88
N VAL D 90 -34.43 0.68 29.60
CA VAL D 90 -33.48 1.09 28.57
C VAL D 90 -33.57 2.60 28.41
N GLU D 91 -32.54 3.31 28.87
CA GLU D 91 -32.54 4.76 28.76
C GLU D 91 -32.19 5.22 27.35
N GLN D 92 -31.24 4.54 26.70
CA GLN D 92 -30.86 4.93 25.35
C GLN D 92 -30.23 3.73 24.66
N LEU D 93 -30.47 3.64 23.35
CA LEU D 93 -29.95 2.57 22.50
C LEU D 93 -29.28 3.20 21.28
N VAL D 94 -27.98 2.94 21.12
CA VAL D 94 -27.18 3.53 20.06
C VAL D 94 -26.56 2.41 19.23
N VAL D 95 -26.67 2.52 17.91
CA VAL D 95 -26.11 1.55 16.98
C VAL D 95 -25.14 2.29 16.07
N CYS D 96 -23.89 1.83 16.04
CA CYS D 96 -22.83 2.50 15.29
C CYS D 96 -22.74 1.95 13.87
N ASP D 97 -22.71 2.84 12.89
CA ASP D 97 -22.60 2.46 11.48
C ASP D 97 -21.18 2.62 10.97
N ASN D 98 -20.19 2.64 11.85
CA ASN D 98 -18.81 2.78 11.44
C ASN D 98 -18.31 1.49 10.82
N VAL D 99 -17.12 1.55 10.22
CA VAL D 99 -16.48 0.39 9.63
C VAL D 99 -15.16 0.04 10.28
N GLY D 100 -14.62 0.92 11.13
CA GLY D 100 -13.40 0.58 11.85
C GLY D 100 -13.59 -0.67 12.70
N ASP D 101 -12.52 -1.45 12.82
CA ASP D 101 -12.61 -2.76 13.47
C ASP D 101 -13.09 -2.67 14.91
N HIS D 102 -12.90 -1.53 15.56
CA HIS D 102 -13.30 -1.34 16.94
C HIS D 102 -14.74 -0.88 17.10
N LEU D 103 -15.32 -0.27 16.07
CA LEU D 103 -16.63 0.36 16.18
C LEU D 103 -17.66 -0.20 15.21
N VAL D 104 -17.29 -1.13 14.32
CA VAL D 104 -18.21 -1.59 13.29
C VAL D 104 -19.35 -2.38 13.94
N GLY D 105 -20.58 -1.95 13.67
CA GLY D 105 -21.75 -2.64 14.16
C GLY D 105 -21.90 -2.69 15.66
N ASN D 106 -21.25 -1.79 16.39
CA ASN D 106 -21.38 -1.77 17.84
C ASN D 106 -22.77 -1.32 18.26
N VAL D 107 -23.31 -1.99 19.28
CA VAL D 107 -24.61 -1.67 19.84
C VAL D 107 -24.40 -1.34 21.31
N TYR D 108 -24.59 -0.08 21.67
CA TYR D 108 -24.50 0.38 23.04
C TYR D 108 -25.89 0.48 23.65
N VAL D 109 -26.02 0.06 24.90
CA VAL D 109 -27.28 0.09 25.62
C VAL D 109 -27.01 0.67 27.00
N ARG D 110 -27.67 1.79 27.32
CA ARG D 110 -27.55 2.41 28.63
C ARG D 110 -28.79 2.09 29.45
N PHE D 111 -28.60 1.37 30.55
CA PHE D 111 -29.69 1.03 31.46
C PHE D 111 -29.82 2.09 32.55
N LYS D 112 -30.90 1.97 33.33
CA LYS D 112 -31.10 2.90 34.44
C LYS D 112 -30.30 2.50 35.66
N TYR D 113 -30.19 1.20 35.93
CA TYR D 113 -29.46 0.69 37.08
C TYR D 113 -28.29 -0.15 36.61
N GLU D 114 -27.20 -0.10 37.39
CA GLU D 114 -26.02 -0.88 37.05
C GLU D 114 -26.28 -2.37 37.18
N GLU D 115 -27.20 -2.77 38.05
CA GLU D 115 -27.52 -4.19 38.19
C GLU D 115 -28.21 -4.73 36.94
N SER D 116 -29.03 -3.90 36.29
CA SER D 116 -29.64 -4.32 35.03
C SER D 116 -28.59 -4.54 33.95
N ALA D 117 -27.52 -3.75 33.96
CA ALA D 117 -26.47 -3.92 32.97
C ALA D 117 -25.67 -5.19 33.21
N GLN D 118 -25.37 -5.51 34.47
CA GLN D 118 -24.63 -6.73 34.77
C GLN D 118 -25.46 -7.96 34.49
N ASN D 119 -26.77 -7.93 34.80
CA ASN D 119 -27.62 -9.07 34.49
C ASN D 119 -27.75 -9.27 32.99
N ALA D 120 -27.66 -8.19 32.21
CA ALA D 120 -27.76 -8.31 30.76
C ALA D 120 -26.54 -9.01 30.18
N ILE D 121 -25.34 -8.55 30.55
CA ILE D 121 -24.12 -9.13 29.99
C ILE D 121 -23.94 -10.57 30.47
N ASP D 122 -24.43 -10.89 31.67
CA ASP D 122 -24.31 -12.28 32.14
C ASP D 122 -25.18 -13.22 31.31
N ASP D 123 -26.31 -12.73 30.83
CA ASP D 123 -27.20 -13.55 30.01
C ASP D 123 -26.89 -13.43 28.52
N LEU D 124 -26.52 -12.24 28.06
CA LEU D 124 -26.25 -12.04 26.64
C LEU D 124 -25.00 -12.81 26.20
N ASN D 125 -23.98 -12.87 27.04
CA ASN D 125 -22.74 -13.56 26.70
C ASN D 125 -22.92 -15.07 26.57
N SER D 126 -24.13 -15.59 26.80
CA SER D 126 -24.42 -17.01 26.59
C SER D 126 -25.51 -17.21 25.55
N ARG D 127 -25.93 -16.15 24.86
CA ARG D 127 -26.99 -16.22 23.88
C ARG D 127 -26.43 -16.02 22.47
N TRP D 128 -27.30 -16.21 21.49
CA TRP D 128 -26.98 -16.06 20.08
C TRP D 128 -27.91 -15.03 19.45
N TYR D 129 -27.43 -14.38 18.40
CA TYR D 129 -28.27 -13.51 17.58
C TYR D 129 -27.84 -13.65 16.13
N SER D 130 -28.78 -14.07 15.28
CA SER D 130 -28.54 -14.20 13.84
C SER D 130 -27.33 -15.07 13.56
N GLN D 131 -27.33 -16.27 14.14
CA GLN D 131 -26.30 -17.30 13.90
C GLN D 131 -24.91 -16.82 14.30
N ARG D 132 -24.82 -15.98 15.32
CA ARG D 132 -23.54 -15.49 15.83
C ARG D 132 -23.63 -15.34 17.34
N PRO D 133 -22.59 -15.78 18.07
CA PRO D 133 -22.61 -15.61 19.52
C PRO D 133 -22.46 -14.16 19.92
N VAL D 134 -23.20 -13.76 20.95
CA VAL D 134 -23.24 -12.37 21.39
C VAL D 134 -22.09 -12.11 22.35
N TYR D 135 -21.31 -11.08 22.06
CA TYR D 135 -20.31 -10.56 22.97
C TYR D 135 -20.90 -9.39 23.72
N ALA D 136 -20.82 -9.43 25.05
CA ALA D 136 -21.35 -8.37 25.88
C ALA D 136 -20.33 -8.00 26.95
N GLU D 137 -20.18 -6.71 27.20
CA GLU D 137 -19.25 -6.23 28.21
C GLU D 137 -19.73 -4.86 28.68
N LEU D 138 -19.30 -4.50 29.89
CA LEU D 138 -19.63 -3.19 30.43
C LEU D 138 -18.79 -2.11 29.76
N SER D 139 -19.43 -1.01 29.39
CA SER D 139 -18.74 0.06 28.70
C SER D 139 -18.67 1.31 29.57
N PRO D 140 -17.54 2.02 29.54
CA PRO D 140 -17.43 3.27 30.32
C PRO D 140 -18.17 4.44 29.72
N VAL D 141 -18.89 4.24 28.62
CA VAL D 141 -19.61 5.35 27.98
C VAL D 141 -20.73 5.82 28.89
N THR D 142 -20.81 7.14 29.08
CA THR D 142 -21.87 7.74 29.90
C THR D 142 -22.73 8.68 29.08
N ASP D 143 -22.15 9.73 28.50
CA ASP D 143 -22.90 10.69 27.68
C ASP D 143 -22.62 10.38 26.22
N PHE D 144 -23.66 9.97 25.50
CA PHE D 144 -23.50 9.66 24.08
C PHE D 144 -23.27 10.91 23.24
N ARG D 145 -23.65 12.09 23.73
CA ARG D 145 -23.37 13.31 23.00
C ARG D 145 -21.87 13.57 22.90
N GLU D 146 -21.11 13.18 23.93
CA GLU D 146 -19.66 13.30 23.91
C GLU D 146 -18.98 12.22 23.09
N ALA D 147 -19.74 11.25 22.59
CA ALA D 147 -19.19 10.16 21.80
C ALA D 147 -19.60 10.20 20.33
N CYS D 148 -20.59 10.99 19.97
CA CYS D 148 -21.03 11.09 18.59
C CYS D 148 -20.19 12.12 17.83
N CYS D 149 -20.07 11.90 16.53
CA CYS D 149 -19.31 12.79 15.67
C CYS D 149 -20.13 14.04 15.35
N ARG D 150 -19.53 15.21 15.55
CA ARG D 150 -20.26 16.46 15.29
C ARG D 150 -20.45 16.67 13.80
N GLN D 151 -19.40 16.45 13.01
CA GLN D 151 -19.47 16.67 11.57
C GLN D 151 -20.35 15.67 10.85
N HIS D 152 -20.80 14.61 11.53
CA HIS D 152 -21.72 13.67 10.90
C HIS D 152 -23.18 14.06 11.04
N GLU D 153 -23.55 14.76 12.13
CA GLU D 153 -24.92 15.23 12.26
C GLU D 153 -25.21 16.36 11.30
N THR D 154 -24.45 17.45 11.40
CA THR D 154 -24.50 18.53 10.43
C THR D 154 -23.48 18.21 9.33
N SER D 155 -23.93 18.20 8.08
CA SER D 155 -23.04 17.85 6.98
C SER D 155 -22.55 16.41 7.15
N GLU D 156 -21.65 15.96 6.29
CA GLU D 156 -21.10 14.62 6.41
C GLU D 156 -19.68 14.71 6.97
N CYS D 157 -19.27 13.64 7.64
CA CYS D 157 -17.94 13.56 8.21
C CYS D 157 -16.93 13.21 7.13
N GLN D 158 -15.86 14.00 7.04
CA GLN D 158 -14.86 13.77 5.99
C GLN D 158 -14.11 12.47 6.18
N ARG D 159 -14.15 11.89 7.38
CA ARG D 159 -13.46 10.64 7.65
C ARG D 159 -14.22 9.43 7.15
N GLY D 160 -15.52 9.57 6.87
CA GLY D 160 -16.28 8.44 6.36
C GLY D 160 -16.58 7.43 7.46
N GLY D 161 -16.77 6.18 7.05
CA GLY D 161 -17.05 5.12 7.99
C GLY D 161 -15.92 4.79 8.94
N LEU D 162 -14.71 5.25 8.65
CA LEU D 162 -13.55 5.04 9.51
C LEU D 162 -13.39 6.12 10.58
N CYS D 163 -14.40 6.96 10.76
CA CYS D 163 -14.35 7.96 11.83
C CYS D 163 -14.28 7.26 13.18
N ASN D 164 -13.46 7.80 14.08
CA ASN D 164 -13.27 7.21 15.39
C ASN D 164 -14.34 7.61 16.40
N PHE D 165 -15.24 8.51 16.04
CA PHE D 165 -16.41 8.83 16.85
C PHE D 165 -17.61 8.06 16.31
N MET D 166 -18.65 7.98 17.15
CA MET D 166 -19.82 7.19 16.80
C MET D 166 -20.60 7.81 15.66
N HIS D 167 -20.83 7.03 14.60
CA HIS D 167 -21.74 7.39 13.53
C HIS D 167 -23.04 6.62 13.75
N ALA D 168 -23.85 7.15 14.66
CA ALA D 168 -25.06 6.45 15.07
C ALA D 168 -26.04 6.38 13.90
N LYS D 169 -26.59 5.19 13.67
CA LYS D 169 -27.64 5.00 12.68
C LYS D 169 -28.98 5.13 13.40
N LYS D 170 -29.72 6.19 13.07
CA LYS D 170 -30.94 6.42 13.82
C LYS D 170 -32.12 5.70 13.16
N PRO D 171 -33.00 5.11 13.96
CA PRO D 171 -34.22 4.49 13.42
C PRO D 171 -35.23 5.57 13.08
N SER D 172 -36.39 5.14 12.59
CA SER D 172 -37.46 6.07 12.31
C SER D 172 -37.92 6.71 13.63
N PRO D 173 -38.18 8.03 13.63
CA PRO D 173 -38.63 8.66 14.89
C PRO D 173 -39.95 8.11 15.40
N GLN D 174 -40.83 7.66 14.50
CA GLN D 174 -42.09 7.05 14.94
C GLN D 174 -41.84 5.76 15.72
N LEU D 175 -40.93 4.92 15.22
CA LEU D 175 -40.61 3.68 15.92
C LEU D 175 -39.96 3.95 17.27
N LEU D 176 -39.07 4.94 17.33
CA LEU D 176 -38.44 5.29 18.60
C LEU D 176 -39.48 5.78 19.60
N ARG D 177 -40.44 6.58 19.14
CA ARG D 177 -41.50 7.02 20.04
C ARG D 177 -42.39 5.85 20.47
N ASP D 178 -42.76 4.99 19.52
CA ASP D 178 -43.57 3.84 19.87
C ASP D 178 -42.85 2.90 20.84
N LEU D 179 -41.52 2.84 20.76
CA LEU D 179 -40.76 1.97 21.65
C LEU D 179 -40.65 2.56 23.06
N VAL D 180 -40.39 3.87 23.17
CA VAL D 180 -40.27 4.49 24.49
C VAL D 180 -41.61 4.48 25.21
N LEU D 181 -42.70 4.71 24.47
CA LEU D 181 -44.03 4.65 25.07
C LEU D 181 -44.39 3.22 25.49
N ALA D 182 -43.97 2.24 24.69
CA ALA D 182 -44.23 0.84 25.04
C ALA D 182 -43.48 0.45 26.31
N GLN D 183 -42.26 0.95 26.48
CA GLN D 183 -41.51 0.66 27.71
C GLN D 183 -42.09 1.43 28.89
N ARG D 184 -42.53 2.66 28.66
CA ARG D 184 -43.15 3.45 29.71
C ARG D 184 -44.41 2.77 30.23
N LYS D 185 -45.19 2.18 29.33
CA LYS D 185 -46.37 1.43 29.76
C LYS D 185 -45.97 0.15 30.48
N TYR D 186 -45.00 -0.60 29.93
CA TYR D 186 -44.55 -1.82 30.57
C TYR D 186 -44.02 -1.56 31.97
N LEU D 187 -43.32 -0.45 32.16
CA LEU D 187 -42.82 -0.10 33.48
C LEU D 187 -43.95 0.37 34.38
N ALA D 188 -44.98 1.01 33.79
CA ALA D 188 -46.14 1.42 34.57
C ALA D 188 -46.96 0.22 35.02
N LEU D 189 -47.10 -0.80 34.17
CA LEU D 189 -47.78 -2.02 34.59
C LEU D 189 -47.00 -2.76 35.66
N ASN D 190 -45.67 -2.66 35.61
CA ASN D 190 -44.80 -3.22 36.65
C ASN D 190 -44.63 -2.27 37.83
N ALA D 191 -45.67 -1.51 38.17
CA ALA D 191 -45.67 -0.62 39.32
C ALA D 191 -46.82 -0.89 40.28
N ALA D 192 -47.97 -1.38 39.79
CA ALA D 192 -49.08 -1.71 40.68
C ALA D 192 -48.76 -2.88 41.60
N GLU D 193 -47.74 -3.67 41.27
CA GLU D 193 -47.34 -4.80 42.10
C GLU D 193 -46.19 -4.41 43.02
N ARG E 18 -50.14 6.14 43.90
CA ARG E 18 -51.07 7.16 43.43
C ARG E 18 -50.54 7.86 42.19
N SER E 19 -49.21 8.08 42.16
CA SER E 19 -48.55 8.72 41.03
C SER E 19 -48.27 7.74 39.89
N ILE E 20 -49.22 6.87 39.57
CA ILE E 20 -49.04 5.85 38.54
C ILE E 20 -50.25 5.85 37.63
N GLU E 21 -51.44 6.04 38.20
CA GLU E 21 -52.68 5.95 37.44
C GLU E 21 -52.84 7.06 36.41
N GLN E 22 -52.17 8.20 36.58
CA GLN E 22 -52.26 9.25 35.57
C GLN E 22 -51.56 8.83 34.27
N GLU E 23 -50.38 8.20 34.38
CA GLU E 23 -49.68 7.76 33.18
C GLU E 23 -50.43 6.65 32.46
N LEU E 24 -51.03 5.71 33.21
CA LEU E 24 -51.78 4.63 32.58
C LEU E 24 -52.92 5.17 31.72
N GLU E 25 -53.61 6.20 32.19
CA GLU E 25 -54.71 6.76 31.40
C GLU E 25 -54.19 7.44 30.15
N GLN E 26 -53.01 8.08 30.24
CA GLN E 26 -52.40 8.69 29.06
C GLN E 26 -51.86 7.66 28.09
N LEU E 27 -51.53 6.45 28.57
CA LEU E 27 -50.97 5.41 27.71
C LEU E 27 -51.98 4.31 27.38
N ARG E 28 -53.25 4.68 27.24
CA ARG E 28 -54.25 3.72 26.83
C ARG E 28 -54.08 3.43 25.34
N ASP E 29 -54.55 2.26 24.92
CA ASP E 29 -54.44 1.80 23.53
C ASP E 29 -52.98 1.74 23.08
N VAL E 30 -52.07 1.43 24.01
CA VAL E 30 -50.66 1.23 23.72
C VAL E 30 -50.26 -0.14 24.25
N THR E 31 -49.41 -0.82 23.52
CA THR E 31 -49.03 -2.14 24.01
C THR E 31 -47.75 -2.04 24.84
N PRO E 32 -47.70 -2.67 26.01
CA PRO E 32 -46.44 -2.72 26.75
C PRO E 32 -45.39 -3.50 25.97
N ILE E 33 -44.12 -3.21 26.25
CA ILE E 33 -43.05 -3.74 25.41
C ILE E 33 -42.88 -5.24 25.63
N ASN E 34 -43.23 -5.76 26.80
CA ASN E 34 -43.10 -7.20 27.03
C ASN E 34 -44.15 -8.00 26.28
N GLN E 35 -45.20 -7.34 25.78
CA GLN E 35 -46.26 -8.00 25.03
C GLN E 35 -46.01 -7.92 23.53
N TRP E 36 -45.50 -6.78 23.05
CA TRP E 36 -45.16 -6.52 21.66
C TRP E 36 -44.85 -7.78 20.85
N LYS E 37 -45.66 -8.05 19.84
CA LYS E 37 -45.42 -9.19 18.98
C LYS E 37 -44.26 -8.88 18.06
N ARG E 38 -43.16 -9.61 18.20
CA ARG E 38 -41.94 -9.39 17.44
C ARG E 38 -41.93 -10.34 16.26
N LYS E 39 -42.22 -9.78 15.08
CA LYS E 39 -42.21 -10.57 13.85
C LYS E 39 -40.79 -10.68 13.31
N ARG E 40 -40.39 -11.91 12.98
CA ARG E 40 -39.08 -12.21 12.41
C ARG E 40 -37.96 -11.67 13.32
N SER E 41 -37.93 -12.19 14.54
CA SER E 41 -36.89 -11.86 15.50
C SER E 41 -35.73 -12.83 15.39
N LEU E 42 -34.53 -12.30 15.18
CA LEU E 42 -33.34 -13.12 14.96
C LEU E 42 -32.63 -13.52 16.24
N TRP E 43 -33.26 -13.33 17.40
CA TRP E 43 -32.63 -13.71 18.66
C TRP E 43 -32.64 -15.21 18.86
N ASP E 44 -31.59 -15.72 19.49
CA ASP E 44 -31.41 -17.12 19.84
C ASP E 44 -31.36 -18.04 18.63
N ILE E 45 -31.27 -17.49 17.42
CA ILE E 45 -31.16 -18.30 16.22
C ILE E 45 -29.71 -18.71 16.04
N LYS E 46 -29.46 -20.01 16.07
CA LYS E 46 -28.12 -20.58 15.95
C LYS E 46 -27.90 -21.10 14.55
N PRO E 47 -26.65 -21.18 14.10
CA PRO E 47 -26.37 -21.75 12.78
C PRO E 47 -26.72 -23.22 12.73
N PRO E 48 -26.95 -23.77 11.54
CA PRO E 48 -27.36 -25.19 11.45
C PRO E 48 -26.29 -26.12 12.00
N GLY E 49 -26.73 -27.09 12.79
CA GLY E 49 -25.83 -28.05 13.41
C GLY E 49 -25.31 -27.65 14.77
N TYR E 50 -25.46 -26.38 15.16
CA TYR E 50 -24.90 -25.86 16.40
C TYR E 50 -25.87 -25.94 17.58
N GLU E 51 -26.79 -26.93 17.59
CA GLU E 51 -27.76 -27.01 18.66
C GLU E 51 -27.09 -27.29 20.01
N LEU E 52 -25.99 -28.03 20.01
CA LEU E 52 -25.31 -28.39 21.25
C LEU E 52 -24.11 -27.49 21.54
N VAL E 53 -23.83 -26.50 20.70
CA VAL E 53 -22.73 -25.59 20.92
C VAL E 53 -23.25 -24.38 21.70
N THR E 54 -22.63 -24.11 22.84
CA THR E 54 -22.96 -22.93 23.62
C THR E 54 -22.24 -21.71 23.05
N ALA E 55 -22.70 -20.52 23.44
CA ALA E 55 -22.05 -19.31 22.99
C ALA E 55 -20.60 -19.24 23.44
N ASP E 56 -20.30 -19.76 24.63
CA ASP E 56 -18.93 -19.76 25.12
C ASP E 56 -18.05 -20.69 24.28
N GLN E 57 -18.58 -21.84 23.87
CA GLN E 57 -17.81 -22.75 23.03
C GLN E 57 -17.55 -22.15 21.66
N ALA E 58 -18.46 -21.31 21.16
CA ALA E 58 -18.25 -20.67 19.86
C ALA E 58 -17.15 -19.62 19.95
N LYS E 59 -17.11 -18.88 21.06
CA LYS E 59 -16.07 -17.87 21.24
C LYS E 59 -14.70 -18.49 21.39
N MET E 60 -14.62 -19.63 22.09
CA MET E 60 -13.34 -20.30 22.29
C MET E 60 -12.81 -20.97 21.02
N SER E 61 -13.70 -21.29 20.08
CA SER E 61 -13.25 -21.97 18.86
C SER E 61 -12.51 -21.03 17.92
N GLY E 62 -12.80 -19.73 18.00
CA GLY E 62 -12.18 -18.77 17.10
C GLY E 62 -12.86 -18.63 15.77
N VAL E 63 -13.94 -19.38 15.51
CA VAL E 63 -14.66 -19.26 14.24
C VAL E 63 -15.57 -18.04 14.20
N PHE E 64 -15.87 -17.44 15.35
CA PHE E 64 -16.68 -16.22 15.43
C PHE E 64 -15.88 -15.15 16.15
N PRO E 65 -14.84 -14.60 15.53
CA PRO E 65 -14.05 -13.56 16.19
C PRO E 65 -14.56 -12.16 15.91
N LEU E 66 -14.33 -11.27 16.87
CA LEU E 66 -14.63 -9.87 16.67
C LEU E 66 -13.64 -9.26 15.69
N PRO E 67 -14.05 -8.22 14.96
CA PRO E 67 -13.13 -7.58 14.00
C PRO E 67 -11.88 -7.06 14.69
N GLY E 68 -10.74 -7.62 14.29
CA GLY E 68 -9.46 -7.22 14.85
C GLY E 68 -8.71 -8.37 15.50
N ALA G 2 39.66 20.81 -18.77
CA ALA G 2 39.60 19.75 -19.78
C ALA G 2 38.46 20.00 -20.77
N SER G 3 37.71 18.95 -21.07
CA SER G 3 36.63 19.04 -22.05
C SER G 3 35.32 19.55 -21.46
N HIS G 4 35.10 19.33 -20.17
CA HIS G 4 33.84 19.68 -19.53
C HIS G 4 34.13 20.12 -18.09
N LEU G 5 33.06 20.45 -17.37
CA LEU G 5 33.15 20.82 -15.97
C LEU G 5 32.75 19.63 -15.11
N ALA G 6 33.59 19.31 -14.13
CA ALA G 6 33.28 18.24 -13.19
C ALA G 6 32.28 18.73 -12.15
N SER G 7 31.32 17.87 -11.80
CA SER G 7 30.28 18.20 -10.85
C SER G 7 30.08 17.04 -9.89
N ILE G 8 29.31 17.28 -8.83
CA ILE G 8 29.04 16.27 -7.83
C ILE G 8 27.54 16.18 -7.56
N TYR G 9 26.74 16.90 -8.36
CA TYR G 9 25.30 16.88 -8.17
C TYR G 9 24.74 15.48 -8.33
N GLY G 10 23.86 15.09 -7.40
CA GLY G 10 23.27 13.77 -7.46
C GLY G 10 24.20 12.64 -7.09
N THR G 11 25.33 12.94 -6.48
CA THR G 11 26.29 11.93 -6.06
C THR G 11 26.43 11.94 -4.55
N GLU G 12 27.08 10.91 -4.02
CA GLU G 12 27.27 10.82 -2.57
C GLU G 12 28.17 11.91 -2.01
N GLN G 13 28.91 12.62 -2.87
CA GLN G 13 29.68 13.78 -2.45
C GLN G 13 28.87 15.06 -2.44
N ASP G 14 27.66 15.04 -3.00
CA ASP G 14 26.74 16.18 -2.87
C ASP G 14 26.19 16.19 -1.46
N LYS G 15 26.57 17.19 -0.68
CA LYS G 15 26.21 17.24 0.73
C LYS G 15 24.82 17.82 0.98
N VAL G 16 24.12 18.26 -0.06
CA VAL G 16 22.80 18.86 0.09
C VAL G 16 21.70 17.96 -0.49
N ASN G 17 21.87 17.48 -1.71
CA ASN G 17 20.92 16.55 -2.29
C ASN G 17 21.23 15.11 -1.86
N CYS G 18 20.18 14.33 -1.62
CA CYS G 18 20.33 12.93 -1.24
C CYS G 18 20.61 12.10 -2.48
N SER G 19 21.79 11.48 -2.54
CA SER G 19 22.15 10.69 -3.71
C SER G 19 21.22 9.51 -3.87
N PHE G 20 20.78 8.90 -2.77
CA PHE G 20 19.96 7.69 -2.87
C PHE G 20 18.56 8.02 -3.35
N TYR G 21 17.97 9.12 -2.88
CA TYR G 21 16.65 9.50 -3.37
C TYR G 21 16.71 9.96 -4.82
N TYR G 22 17.82 10.56 -5.24
CA TYR G 22 17.95 11.03 -6.61
C TYR G 22 18.04 9.88 -7.60
N LYS G 23 18.69 8.79 -7.20
CA LYS G 23 18.86 7.63 -8.08
C LYS G 23 17.85 6.53 -7.83
N ILE G 24 17.54 6.22 -6.56
CA ILE G 24 16.65 5.09 -6.26
C ILE G 24 15.21 5.53 -6.02
N GLY G 25 14.96 6.82 -5.84
CA GLY G 25 13.60 7.26 -5.55
C GLY G 25 13.11 6.90 -4.17
N ALA G 26 14.00 6.42 -3.30
CA ALA G 26 13.64 6.04 -1.94
C ALA G 26 14.88 6.06 -1.08
N CYS G 27 14.75 6.59 0.14
CA CYS G 27 15.86 6.70 1.07
C CYS G 27 15.44 6.11 2.41
N ARG G 28 16.39 5.43 3.07
CA ARG G 28 16.08 4.78 4.34
C ARG G 28 15.67 5.78 5.41
N HIS G 29 16.07 7.04 5.29
CA HIS G 29 15.74 8.05 6.29
C HIS G 29 14.41 8.73 6.04
N GLY G 30 13.88 8.64 4.83
CA GLY G 30 12.56 9.20 4.56
C GLY G 30 12.58 10.71 4.66
N GLU G 31 11.53 11.25 5.30
CA GLU G 31 11.41 12.69 5.45
C GLU G 31 12.36 13.25 6.50
N ARG G 32 12.96 12.40 7.33
CA ARG G 32 13.92 12.82 8.34
C ARG G 32 15.35 12.78 7.82
N CYS G 33 15.54 12.86 6.51
CA CYS G 33 16.86 12.77 5.92
C CYS G 33 17.60 14.11 6.00
N SER G 34 18.90 14.04 6.30
CA SER G 34 19.69 15.26 6.39
C SER G 34 19.92 15.92 5.03
N ARG G 35 19.70 15.18 3.93
CA ARG G 35 19.88 15.71 2.59
C ARG G 35 18.54 15.87 1.90
N LYS G 36 18.55 16.65 0.82
CA LYS G 36 17.32 17.04 0.14
C LYS G 36 16.76 15.92 -0.71
N HIS G 37 15.43 15.78 -0.67
CA HIS G 37 14.69 14.86 -1.52
C HIS G 37 13.87 15.73 -2.49
N VAL G 38 14.42 15.95 -3.67
CA VAL G 38 13.79 16.82 -4.66
C VAL G 38 12.64 16.07 -5.32
N LYS G 39 11.42 16.59 -5.14
CA LYS G 39 10.24 15.95 -5.70
C LYS G 39 10.02 16.48 -7.11
N PRO G 40 10.08 15.64 -8.14
CA PRO G 40 9.96 16.16 -9.50
C PRO G 40 8.52 16.58 -9.80
N ASN G 41 8.39 17.71 -10.49
CA ASN G 41 7.07 18.14 -10.93
C ASN G 41 6.67 17.47 -12.23
N PHE G 42 7.64 17.12 -13.06
CA PHE G 42 7.43 16.38 -14.31
C PHE G 42 8.36 15.18 -14.31
N SER G 43 7.81 14.01 -14.63
CA SER G 43 8.63 12.80 -14.70
C SER G 43 7.91 11.76 -15.53
N GLN G 44 8.69 10.86 -16.12
CA GLN G 44 8.14 9.72 -16.83
C GLN G 44 7.96 8.51 -15.93
N THR G 45 8.58 8.50 -14.75
CA THR G 45 8.56 7.35 -13.87
C THR G 45 7.70 7.67 -12.64
N ILE G 46 6.89 6.69 -12.25
CA ILE G 46 6.03 6.78 -11.08
C ILE G 46 6.44 5.72 -10.08
N LEU G 47 6.06 5.94 -8.82
CA LEU G 47 6.40 5.05 -7.72
C LEU G 47 5.15 4.67 -6.96
N CYS G 48 4.97 3.36 -6.74
CA CYS G 48 3.89 2.82 -5.90
C CYS G 48 4.52 2.06 -4.76
N PRO G 49 4.72 2.70 -3.61
CA PRO G 49 5.42 2.05 -2.49
C PRO G 49 4.58 0.95 -1.84
N ASN G 50 5.29 -0.05 -1.31
CA ASN G 50 4.67 -1.14 -0.55
C ASN G 50 3.55 -1.81 -1.36
N MET G 51 3.81 -2.02 -2.64
CA MET G 51 2.81 -2.61 -3.51
C MET G 51 2.94 -4.13 -3.62
N TYR G 52 4.16 -4.65 -3.70
CA TYR G 52 4.40 -6.07 -3.88
C TYR G 52 4.73 -6.73 -2.55
N LYS G 53 3.88 -7.66 -2.12
CA LYS G 53 4.14 -8.43 -0.91
C LYS G 53 4.60 -9.83 -1.30
N ASN G 54 5.92 -10.03 -1.30
CA ASN G 54 6.49 -11.33 -1.63
C ASN G 54 6.14 -12.35 -0.55
N PRO G 55 5.45 -13.45 -0.89
CA PRO G 55 5.14 -14.47 0.13
C PRO G 55 6.36 -15.12 0.74
N ILE G 56 7.52 -15.07 0.08
CA ILE G 56 8.73 -15.75 0.51
C ILE G 56 9.37 -15.12 1.74
N HIS G 57 8.81 -14.01 2.23
CA HIS G 57 9.40 -13.29 3.36
C HIS G 57 8.73 -13.61 4.69
N GLU G 58 7.96 -14.69 4.76
CA GLU G 58 7.30 -15.14 5.97
C GLU G 58 7.57 -16.62 6.17
N PRO G 59 7.37 -17.14 7.39
CA PRO G 59 7.69 -18.57 7.65
C PRO G 59 7.01 -19.54 6.69
N ASN G 60 5.78 -19.26 6.28
CA ASN G 60 5.08 -20.14 5.33
C ASN G 60 5.63 -19.94 3.93
N GLY G 61 6.86 -19.44 3.83
CA GLY G 61 7.49 -19.27 2.52
C GLY G 61 7.67 -20.59 1.79
N LYS G 62 8.23 -21.59 2.47
CA LYS G 62 8.55 -22.86 1.82
C LYS G 62 7.30 -23.72 1.68
N LYS G 63 6.15 -23.08 1.53
CA LYS G 63 4.88 -23.76 1.32
C LYS G 63 4.52 -23.79 -0.15
N PHE G 64 5.41 -23.28 -1.01
CA PHE G 64 5.20 -23.20 -2.43
C PHE G 64 6.37 -23.83 -3.17
N THR G 65 6.09 -24.39 -4.33
CA THR G 65 7.18 -24.91 -5.14
C THR G 65 7.78 -23.79 -5.97
N GLN G 66 8.96 -24.06 -6.55
CA GLN G 66 9.59 -23.05 -7.38
C GLN G 66 8.72 -22.70 -8.58
N ARG G 67 7.91 -23.65 -9.05
CA ARG G 67 6.95 -23.35 -10.10
C ARG G 67 5.82 -22.47 -9.57
N GLU G 68 5.32 -22.76 -8.37
CA GLU G 68 4.24 -21.98 -7.80
C GLU G 68 4.68 -20.55 -7.50
N LEU G 69 5.91 -20.39 -6.99
CA LEU G 69 6.42 -19.05 -6.72
C LEU G 69 6.62 -18.26 -8.01
N ALA G 70 7.06 -18.94 -9.08
CA ALA G 70 7.28 -18.24 -10.35
C ALA G 70 5.96 -17.81 -10.99
N GLU G 71 4.96 -18.71 -11.01
CA GLU G 71 3.67 -18.34 -11.59
C GLU G 71 2.96 -17.30 -10.74
N GLN G 72 3.18 -17.31 -9.43
CA GLN G 72 2.55 -16.32 -8.57
C GLN G 72 3.11 -14.92 -8.84
N PHE G 73 4.43 -14.81 -9.03
CA PHE G 73 5.00 -13.51 -9.35
C PHE G 73 4.64 -13.07 -10.76
N ASP G 74 4.61 -14.01 -11.71
CA ASP G 74 4.16 -13.67 -13.06
C ASP G 74 2.74 -13.14 -13.03
N ALA G 75 1.88 -13.70 -12.19
CA ALA G 75 0.53 -13.17 -12.06
C ALA G 75 0.56 -11.75 -11.54
N PHE G 76 1.50 -11.45 -10.62
CA PHE G 76 1.59 -10.09 -10.10
C PHE G 76 2.14 -9.13 -11.15
N TYR G 77 3.25 -9.52 -11.81
CA TYR G 77 3.83 -8.66 -12.83
C TYR G 77 2.83 -8.42 -13.96
N GLU G 78 2.10 -9.46 -14.36
CA GLU G 78 1.05 -9.29 -15.34
C GLU G 78 -0.03 -8.35 -14.83
N ASP G 79 -0.43 -8.52 -13.57
CA ASP G 79 -1.46 -7.66 -12.98
C ASP G 79 -1.00 -6.21 -12.92
N MET G 80 0.30 -5.98 -12.71
CA MET G 80 0.81 -4.62 -12.68
C MET G 80 0.90 -4.04 -14.08
N PHE G 81 1.58 -4.74 -14.99
CA PHE G 81 1.83 -4.20 -16.33
C PHE G 81 0.55 -3.88 -17.06
N CYS G 82 -0.45 -4.76 -16.98
CA CYS G 82 -1.69 -4.54 -17.72
C CYS G 82 -2.42 -3.31 -17.22
N GLU G 83 -2.51 -3.14 -15.89
CA GLU G 83 -3.26 -2.03 -15.35
C GLU G 83 -2.55 -0.71 -15.61
N PHE G 84 -1.22 -0.69 -15.53
CA PHE G 84 -0.48 0.53 -15.81
C PHE G 84 -0.54 0.89 -17.30
N SER G 85 -0.78 -0.09 -18.17
CA SER G 85 -0.84 0.18 -19.60
C SER G 85 -2.04 1.04 -19.96
N LYS G 86 -3.10 1.00 -19.15
CA LYS G 86 -4.30 1.78 -19.43
C LYS G 86 -4.10 3.27 -19.25
N TYR G 87 -2.96 3.70 -18.69
CA TYR G 87 -2.66 5.11 -18.56
C TYR G 87 -1.74 5.64 -19.65
N GLY G 88 -1.02 4.76 -20.33
CA GLY G 88 -0.10 5.18 -21.37
C GLY G 88 0.84 4.04 -21.72
N GLU G 89 1.80 4.36 -22.59
CA GLU G 89 2.78 3.36 -23.00
C GLU G 89 3.79 3.14 -21.89
N VAL G 90 3.91 1.89 -21.45
CA VAL G 90 4.82 1.52 -20.36
C VAL G 90 6.16 1.11 -20.96
N GLU G 91 7.18 1.94 -20.72
CA GLU G 91 8.51 1.61 -21.23
C GLU G 91 9.20 0.56 -20.37
N GLN G 92 9.05 0.65 -19.04
CA GLN G 92 9.63 -0.33 -18.16
C GLN G 92 8.89 -0.33 -16.82
N LEU G 93 8.76 -1.51 -16.22
CA LEU G 93 8.13 -1.67 -14.93
C LEU G 93 9.05 -2.53 -14.08
N VAL G 94 9.47 -2.01 -12.93
CA VAL G 94 10.46 -2.67 -12.06
C VAL G 94 9.81 -2.90 -10.70
N VAL G 95 9.98 -4.10 -10.16
CA VAL G 95 9.44 -4.49 -8.88
C VAL G 95 10.59 -4.84 -7.94
N CYS G 96 10.62 -4.18 -6.78
CA CYS G 96 11.72 -4.33 -5.82
C CYS G 96 11.42 -5.44 -4.84
N ASP G 97 12.39 -6.32 -4.63
CA ASP G 97 12.28 -7.44 -3.70
C ASP G 97 12.95 -7.13 -2.36
N ASN G 98 13.16 -5.85 -2.05
CA ASN G 98 13.79 -5.46 -0.80
C ASN G 98 12.81 -5.60 0.36
N VAL G 99 13.35 -5.49 1.58
CA VAL G 99 12.53 -5.51 2.79
C VAL G 99 12.67 -4.24 3.62
N GLY G 100 13.61 -3.36 3.29
CA GLY G 100 13.69 -2.09 3.99
C GLY G 100 12.42 -1.28 3.85
N ASP G 101 12.12 -0.51 4.90
CA ASP G 101 10.84 0.20 4.96
C ASP G 101 10.65 1.14 3.79
N HIS G 102 11.74 1.66 3.23
CA HIS G 102 11.65 2.62 2.14
C HIS G 102 11.51 1.97 0.77
N LEU G 103 11.90 0.70 0.65
CA LEU G 103 11.94 0.02 -0.64
C LEU G 103 11.06 -1.22 -0.72
N VAL G 104 10.42 -1.61 0.38
CA VAL G 104 9.69 -2.89 0.40
C VAL G 104 8.52 -2.83 -0.57
N GLY G 105 8.49 -3.77 -1.50
CA GLY G 105 7.38 -3.88 -2.44
C GLY G 105 7.19 -2.70 -3.35
N ASN G 106 8.23 -1.89 -3.56
CA ASN G 106 8.10 -0.74 -4.45
C ASN G 106 7.94 -1.19 -5.89
N VAL G 107 7.04 -0.53 -6.61
CA VAL G 107 6.78 -0.80 -8.02
C VAL G 107 7.04 0.49 -8.77
N TYR G 108 8.10 0.51 -9.57
CA TYR G 108 8.43 1.65 -10.40
C TYR G 108 7.94 1.40 -11.82
N VAL G 109 7.35 2.43 -12.43
CA VAL G 109 6.80 2.32 -13.77
C VAL G 109 7.26 3.54 -14.55
N ARG G 110 7.98 3.31 -15.65
CA ARG G 110 8.43 4.38 -16.52
C ARG G 110 7.53 4.43 -17.75
N PHE G 111 6.84 5.54 -17.92
CA PHE G 111 5.98 5.75 -19.09
C PHE G 111 6.79 6.41 -20.19
N LYS G 112 6.21 6.46 -21.38
CA LYS G 112 6.89 7.12 -22.49
C LYS G 112 6.72 8.63 -22.43
N TYR G 113 5.54 9.09 -22.02
CA TYR G 113 5.23 10.51 -21.97
C TYR G 113 4.99 10.92 -20.52
N GLU G 114 5.40 12.16 -20.20
CA GLU G 114 5.23 12.65 -18.84
C GLU G 114 3.76 12.86 -18.49
N GLU G 115 2.91 13.13 -19.48
CA GLU G 115 1.49 13.29 -19.20
C GLU G 115 0.86 11.97 -18.77
N SER G 116 1.33 10.85 -19.33
CA SER G 116 0.82 9.55 -18.91
C SER G 116 1.16 9.26 -17.45
N ALA G 117 2.32 9.72 -17.00
CA ALA G 117 2.71 9.49 -15.60
C ALA G 117 1.88 10.33 -14.65
N GLN G 118 1.61 11.59 -15.01
CA GLN G 118 0.83 12.46 -14.15
C GLN G 118 -0.62 12.00 -14.08
N ASN G 119 -1.19 11.58 -15.21
CA ASN G 119 -2.55 11.06 -15.21
C ASN G 119 -2.67 9.77 -14.41
N ALA G 120 -1.59 8.97 -14.37
CA ALA G 120 -1.64 7.72 -13.62
C ALA G 120 -1.70 7.97 -12.12
N ILE G 121 -0.82 8.84 -11.60
CA ILE G 121 -0.79 9.08 -10.16
C ILE G 121 -2.05 9.81 -9.71
N ASP G 122 -2.65 10.61 -10.59
CA ASP G 122 -3.88 11.32 -10.21
C ASP G 122 -5.03 10.34 -10.03
N ASP G 123 -5.04 9.26 -10.80
CA ASP G 123 -6.09 8.25 -10.73
C ASP G 123 -5.76 7.14 -9.72
N LEU G 124 -4.48 6.75 -9.64
CA LEU G 124 -4.11 5.66 -8.75
C LEU G 124 -4.28 6.04 -7.28
N ASN G 125 -4.01 7.30 -6.93
CA ASN G 125 -4.12 7.73 -5.54
C ASN G 125 -5.55 7.68 -5.01
N SER G 126 -6.52 7.31 -5.84
CA SER G 126 -7.90 7.15 -5.41
C SER G 126 -8.41 5.74 -5.64
N ARG G 127 -7.53 4.81 -6.02
CA ARG G 127 -7.90 3.42 -6.32
C ARG G 127 -7.38 2.51 -5.22
N TRP G 128 -7.77 1.24 -5.32
CA TRP G 128 -7.38 0.22 -4.36
C TRP G 128 -6.67 -0.94 -5.06
N TYR G 129 -5.79 -1.61 -4.31
CA TYR G 129 -5.17 -2.84 -4.78
C TYR G 129 -5.01 -3.78 -3.59
N SER G 130 -5.63 -4.96 -3.68
CA SER G 130 -5.52 -6.00 -2.67
C SER G 130 -5.85 -5.46 -1.28
N GLN G 131 -7.03 -4.85 -1.18
CA GLN G 131 -7.57 -4.35 0.09
C GLN G 131 -6.68 -3.30 0.74
N ARG G 132 -5.98 -2.51 -0.09
CA ARG G 132 -5.12 -1.44 0.40
C ARG G 132 -5.18 -0.25 -0.55
N PRO G 133 -5.26 0.97 -0.04
CA PRO G 133 -5.27 2.14 -0.91
C PRO G 133 -3.89 2.35 -1.54
N VAL G 134 -3.90 2.73 -2.82
CA VAL G 134 -2.67 2.87 -3.60
C VAL G 134 -2.10 4.27 -3.38
N TYR G 135 -0.82 4.32 -3.02
CA TYR G 135 -0.05 5.55 -2.98
C TYR G 135 0.75 5.67 -4.27
N ALA G 136 0.60 6.80 -4.95
CA ALA G 136 1.29 7.04 -6.22
C ALA G 136 1.91 8.43 -6.22
N GLU G 137 3.12 8.53 -6.76
CA GLU G 137 3.82 9.81 -6.85
C GLU G 137 4.83 9.73 -7.97
N LEU G 138 5.23 10.90 -8.46
CA LEU G 138 6.26 10.97 -9.48
C LEU G 138 7.63 10.65 -8.88
N SER G 139 8.38 9.83 -9.57
CA SER G 139 9.68 9.43 -9.03
C SER G 139 10.81 10.03 -9.85
N PRO G 140 11.89 10.48 -9.20
CA PRO G 140 13.04 11.02 -9.95
C PRO G 140 13.90 9.95 -10.61
N VAL G 141 13.50 8.68 -10.54
CA VAL G 141 14.28 7.61 -11.15
C VAL G 141 14.25 7.77 -12.67
N THR G 142 15.43 7.72 -13.28
CA THR G 142 15.54 7.79 -14.74
C THR G 142 16.16 6.53 -15.32
N ASP G 143 17.41 6.23 -14.97
CA ASP G 143 18.10 5.04 -15.44
C ASP G 143 18.10 4.02 -14.32
N PHE G 144 17.42 2.89 -14.52
CA PHE G 144 17.37 1.86 -13.49
C PHE G 144 18.73 1.20 -13.27
N ARG G 145 19.64 1.29 -14.24
CA ARG G 145 20.97 0.74 -14.05
C ARG G 145 21.72 1.45 -12.94
N GLU G 146 21.48 2.76 -12.78
CA GLU G 146 22.09 3.52 -11.71
C GLU G 146 21.39 3.33 -10.37
N ALA G 147 20.28 2.59 -10.35
CA ALA G 147 19.55 2.32 -9.13
C ALA G 147 19.61 0.86 -8.70
N CYS G 148 20.04 -0.04 -9.57
CA CYS G 148 20.13 -1.45 -9.25
C CYS G 148 21.47 -1.79 -8.59
N CYS G 149 21.43 -2.84 -7.77
CA CYS G 149 22.61 -3.32 -7.05
C CYS G 149 23.50 -4.16 -7.95
N ARG G 150 24.80 -3.86 -7.97
CA ARG G 150 25.72 -4.60 -8.83
C ARG G 150 25.96 -6.01 -8.30
N GLN G 151 26.21 -6.15 -7.00
CA GLN G 151 26.48 -7.46 -6.43
C GLN G 151 25.24 -8.36 -6.40
N HIS G 152 24.06 -7.81 -6.70
CA HIS G 152 22.85 -8.61 -6.81
C HIS G 152 22.68 -9.21 -8.20
N GLU G 153 23.36 -8.64 -9.19
CA GLU G 153 23.32 -9.20 -10.54
C GLU G 153 23.91 -10.60 -10.56
N THR G 154 25.08 -10.78 -9.96
CA THR G 154 25.67 -12.10 -9.80
C THR G 154 25.14 -12.85 -8.58
N SER G 155 24.07 -12.34 -7.96
CA SER G 155 23.42 -12.93 -6.79
C SER G 155 24.33 -13.04 -5.59
N GLU G 156 25.47 -12.34 -5.59
CA GLU G 156 26.43 -12.38 -4.49
C GLU G 156 26.41 -11.10 -3.67
N CYS G 157 25.23 -10.52 -3.45
CA CYS G 157 25.14 -9.33 -2.63
C CYS G 157 25.16 -9.70 -1.15
N GLN G 158 26.14 -9.20 -0.41
CA GLN G 158 26.27 -9.53 1.00
C GLN G 158 25.25 -8.82 1.88
N ARG G 159 24.63 -7.74 1.38
CA ARG G 159 23.69 -6.98 2.19
C ARG G 159 22.31 -7.62 2.29
N GLY G 160 21.97 -8.52 1.37
CA GLY G 160 20.68 -9.18 1.44
C GLY G 160 19.53 -8.26 1.06
N GLY G 161 18.36 -8.59 1.59
CA GLY G 161 17.15 -7.83 1.30
C GLY G 161 17.14 -6.42 1.85
N LEU G 162 18.04 -6.10 2.78
CA LEU G 162 18.13 -4.76 3.35
C LEU G 162 19.03 -3.84 2.54
N CYS G 163 19.42 -4.25 1.33
CA CYS G 163 20.22 -3.38 0.47
C CYS G 163 19.44 -2.12 0.13
N ASN G 164 20.15 -0.98 0.15
CA ASN G 164 19.52 0.29 -0.17
C ASN G 164 19.44 0.55 -1.66
N PHE G 165 20.03 -0.30 -2.48
CA PHE G 165 19.85 -0.26 -3.92
C PHE G 165 18.79 -1.29 -4.31
N MET G 166 18.24 -1.12 -5.51
CA MET G 166 17.12 -1.95 -5.93
C MET G 166 17.56 -3.39 -6.16
N HIS G 167 16.89 -4.32 -5.48
CA HIS G 167 17.02 -5.75 -5.79
C HIS G 167 15.79 -6.14 -6.60
N ALA G 168 15.82 -5.80 -7.89
CA ALA G 168 14.67 -5.98 -8.74
C ALA G 168 14.35 -7.47 -8.93
N LYS G 169 13.09 -7.83 -8.76
CA LYS G 169 12.62 -9.18 -9.03
C LYS G 169 12.11 -9.22 -10.47
N LYS G 170 12.82 -9.95 -11.33
CA LYS G 170 12.43 -9.93 -12.73
C LYS G 170 11.39 -11.00 -13.02
N PRO G 171 10.40 -10.71 -13.86
CA PRO G 171 9.40 -11.71 -14.22
C PRO G 171 9.98 -12.71 -15.20
N SER G 172 9.15 -13.68 -15.57
CA SER G 172 9.57 -14.64 -16.57
C SER G 172 9.76 -13.96 -17.91
N PRO G 173 10.80 -14.32 -18.66
CA PRO G 173 10.98 -13.73 -20.00
C PRO G 173 9.80 -13.98 -20.91
N GLN G 174 9.08 -15.09 -20.72
CA GLN G 174 7.88 -15.36 -21.50
C GLN G 174 6.84 -14.28 -21.28
N LEU G 175 6.59 -13.93 -20.02
CA LEU G 175 5.61 -12.90 -19.70
C LEU G 175 6.08 -11.53 -20.16
N LEU G 176 7.36 -11.21 -19.95
CA LEU G 176 7.86 -9.90 -20.35
C LEU G 176 7.79 -9.72 -21.87
N ARG G 177 8.12 -10.78 -22.62
CA ARG G 177 8.03 -10.69 -24.07
C ARG G 177 6.57 -10.57 -24.52
N ASP G 178 5.69 -11.40 -23.95
CA ASP G 178 4.28 -11.33 -24.32
C ASP G 178 3.67 -9.97 -23.96
N LEU G 179 4.18 -9.33 -22.91
CA LEU G 179 3.63 -8.04 -22.50
C LEU G 179 4.05 -6.93 -23.46
N VAL G 180 5.32 -6.94 -23.89
CA VAL G 180 5.78 -5.91 -24.81
C VAL G 180 5.09 -6.04 -26.17
N LEU G 181 4.91 -7.28 -26.64
CA LEU G 181 4.20 -7.49 -27.90
C LEU G 181 2.72 -7.15 -27.78
N ALA G 182 2.12 -7.47 -26.64
CA ALA G 182 0.71 -7.15 -26.43
C ALA G 182 0.50 -5.63 -26.39
N GLN G 183 1.45 -4.90 -25.82
CA GLN G 183 1.32 -3.45 -25.78
C GLN G 183 1.55 -2.84 -27.16
N ARG G 184 2.49 -3.38 -27.94
CA ARG G 184 2.71 -2.86 -29.28
C ARG G 184 1.49 -3.08 -30.17
N LYS G 185 0.83 -4.23 -30.03
CA LYS G 185 -0.37 -4.47 -30.82
C LYS G 185 -1.50 -3.55 -30.37
N TYR G 186 -1.68 -3.39 -29.06
CA TYR G 186 -2.70 -2.48 -28.54
C TYR G 186 -2.44 -1.05 -29.01
N LEU G 187 -1.17 -0.64 -29.04
CA LEU G 187 -0.84 0.71 -29.49
C LEU G 187 -0.95 0.83 -31.00
N ALA G 188 -0.66 -0.25 -31.74
CA ALA G 188 -0.81 -0.23 -33.19
C ALA G 188 -2.29 -0.16 -33.57
N LEU G 189 -3.14 -0.85 -32.83
CA LEU G 189 -4.58 -0.78 -33.10
C LEU G 189 -5.15 0.60 -32.79
N ASN G 190 -4.58 1.28 -31.80
CA ASN G 190 -4.98 2.66 -31.52
C ASN G 190 -4.18 3.63 -32.39
N ALA G 191 -3.87 3.22 -33.61
CA ALA G 191 -3.19 4.07 -34.57
C ALA G 191 -3.94 4.21 -35.88
N ALA G 192 -4.73 3.22 -36.28
CA ALA G 192 -5.52 3.29 -37.50
C ALA G 192 -6.62 4.34 -37.45
N GLU G 193 -6.76 5.04 -36.31
CA GLU G 193 -7.75 6.10 -36.18
C GLU G 193 -7.08 7.47 -36.30
N SER H 16 2.24 6.25 -43.54
CA SER H 16 2.28 5.75 -42.18
C SER H 16 1.28 4.62 -41.98
N VAL H 17 0.22 4.63 -42.80
CA VAL H 17 -0.79 3.58 -42.71
C VAL H 17 -0.22 2.23 -43.13
N ARG H 18 0.74 2.23 -44.06
CA ARG H 18 1.35 0.98 -44.48
C ARG H 18 2.17 0.35 -43.35
N SER H 19 2.93 1.16 -42.61
CA SER H 19 3.75 0.63 -41.53
C SER H 19 2.89 0.07 -40.40
N ILE H 20 1.78 0.76 -40.09
CA ILE H 20 0.87 0.26 -39.07
C ILE H 20 0.30 -1.09 -39.48
N GLU H 21 -0.18 -1.18 -40.72
CA GLU H 21 -0.79 -2.41 -41.20
C GLU H 21 0.22 -3.55 -41.29
N GLN H 22 1.52 -3.23 -41.44
CA GLN H 22 2.54 -4.27 -41.42
C GLN H 22 2.72 -4.85 -40.02
N GLU H 23 2.74 -3.99 -38.99
CA GLU H 23 2.97 -4.46 -37.63
C GLU H 23 1.86 -5.39 -37.16
N LEU H 24 0.60 -5.08 -37.51
CA LEU H 24 -0.49 -5.97 -37.13
C LEU H 24 -0.26 -7.36 -37.72
N GLU H 25 0.25 -7.42 -38.95
CA GLU H 25 0.56 -8.71 -39.56
C GLU H 25 1.75 -9.36 -38.86
N GLN H 26 2.70 -8.56 -38.38
CA GLN H 26 3.83 -9.13 -37.64
C GLN H 26 3.37 -9.64 -36.28
N LEU H 27 2.29 -9.06 -35.75
CA LEU H 27 1.75 -9.40 -34.44
C LEU H 27 0.46 -10.20 -34.57
N ARG H 28 0.38 -11.07 -35.57
CA ARG H 28 -0.79 -11.92 -35.72
C ARG H 28 -0.78 -12.96 -34.61
N ASP H 29 -1.97 -13.51 -34.33
CA ASP H 29 -2.18 -14.48 -33.24
C ASP H 29 -1.54 -14.01 -31.93
N VAL H 30 -1.59 -12.70 -31.70
CA VAL H 30 -1.16 -12.09 -30.44
C VAL H 30 -2.32 -11.28 -29.89
N THR H 31 -2.50 -11.33 -28.57
CA THR H 31 -3.63 -10.60 -27.99
C THR H 31 -3.18 -9.21 -27.56
N PRO H 32 -3.92 -8.15 -27.89
CA PRO H 32 -3.58 -6.83 -27.35
C PRO H 32 -3.76 -6.82 -25.83
N ILE H 33 -3.03 -5.93 -25.17
CA ILE H 33 -2.97 -5.97 -23.71
C ILE H 33 -4.30 -5.54 -23.08
N ASN H 34 -5.08 -4.71 -23.78
CA ASN H 34 -6.36 -4.27 -23.22
C ASN H 34 -7.42 -5.36 -23.22
N GLN H 35 -7.20 -6.46 -23.94
CA GLN H 35 -8.13 -7.58 -24.00
C GLN H 35 -7.80 -8.68 -23.00
N TRP H 36 -6.51 -8.97 -22.81
CA TRP H 36 -5.98 -9.97 -21.89
C TRP H 36 -6.91 -10.30 -20.72
N LYS H 37 -7.40 -11.53 -20.66
CA LYS H 37 -8.26 -11.93 -19.55
C LYS H 37 -7.39 -12.21 -18.32
N ARG H 38 -7.55 -11.39 -17.29
CA ARG H 38 -6.78 -11.52 -16.05
C ARG H 38 -7.63 -12.21 -15.00
N LYS H 39 -7.33 -13.48 -14.74
CA LYS H 39 -8.05 -14.22 -13.71
C LYS H 39 -7.46 -13.88 -12.34
N ARG H 40 -8.35 -13.59 -11.39
CA ARG H 40 -7.95 -13.26 -10.02
C ARG H 40 -7.02 -12.05 -10.00
N SER H 41 -7.53 -10.94 -10.51
CA SER H 41 -6.84 -9.66 -10.49
C SER H 41 -7.21 -8.91 -9.21
N LEU H 42 -6.20 -8.49 -8.46
CA LEU H 42 -6.41 -7.91 -7.15
C LEU H 42 -6.66 -6.40 -7.19
N TRP H 43 -6.87 -5.82 -8.37
CA TRP H 43 -7.14 -4.39 -8.47
C TRP H 43 -8.57 -4.08 -8.05
N ASP H 44 -8.74 -2.90 -7.45
CA ASP H 44 -10.03 -2.37 -7.01
C ASP H 44 -10.70 -3.20 -5.92
N ILE H 45 -10.00 -4.19 -5.37
CA ILE H 45 -10.55 -5.01 -4.30
C ILE H 45 -10.38 -4.26 -2.98
N LYS H 46 -11.48 -3.96 -2.33
CA LYS H 46 -11.49 -3.24 -1.07
C LYS H 46 -11.70 -4.19 0.10
N PRO H 47 -11.24 -3.83 1.30
CA PRO H 47 -11.48 -4.68 2.47
C PRO H 47 -12.96 -4.73 2.81
N PRO H 48 -13.39 -5.76 3.54
CA PRO H 48 -14.83 -5.89 3.84
C PRO H 48 -15.36 -4.71 4.64
N GLY H 49 -16.54 -4.23 4.23
CA GLY H 49 -17.16 -3.10 4.88
C GLY H 49 -16.85 -1.75 4.27
N TYR H 50 -15.86 -1.68 3.38
CA TYR H 50 -15.40 -0.43 2.81
C TYR H 50 -16.14 -0.04 1.53
N GLU H 51 -17.40 -0.46 1.39
CA GLU H 51 -18.14 -0.15 0.16
C GLU H 51 -18.32 1.35 -0.03
N LEU H 52 -18.50 2.09 1.07
CA LEU H 52 -18.70 3.53 1.01
C LEU H 52 -17.45 4.33 1.38
N VAL H 53 -16.35 3.66 1.69
CA VAL H 53 -15.12 4.35 2.08
C VAL H 53 -14.27 4.59 0.84
N THR H 54 -13.90 5.83 0.61
CA THR H 54 -13.01 6.18 -0.48
C THR H 54 -11.56 5.94 -0.08
N ALA H 55 -10.68 5.90 -1.08
CA ALA H 55 -9.26 5.72 -0.81
C ALA H 55 -8.72 6.86 0.03
N ASP H 56 -9.23 8.08 -0.17
CA ASP H 56 -8.77 9.22 0.62
C ASP H 56 -9.16 9.06 2.09
N GLN H 57 -10.37 8.55 2.34
CA GLN H 57 -10.81 8.34 3.71
C GLN H 57 -9.98 7.27 4.41
N ALA H 58 -9.48 6.28 3.65
CA ALA H 58 -8.65 5.24 4.26
C ALA H 58 -7.28 5.79 4.61
N LYS H 59 -6.73 6.67 3.78
CA LYS H 59 -5.43 7.26 4.06
C LYS H 59 -5.52 8.21 5.26
N MET H 60 -6.63 8.93 5.40
CA MET H 60 -6.77 9.85 6.52
C MET H 60 -6.99 9.13 7.85
N SER H 61 -7.46 7.89 7.82
CA SER H 61 -7.72 7.17 9.07
C SER H 61 -6.43 6.74 9.76
N GLY H 62 -5.36 6.54 8.99
CA GLY H 62 -4.11 6.06 9.54
C GLY H 62 -4.00 4.56 9.66
N VAL H 63 -5.04 3.81 9.28
CA VAL H 63 -4.97 2.35 9.36
C VAL H 63 -4.17 1.74 8.21
N PHE H 64 -3.90 2.52 7.15
CA PHE H 64 -3.09 2.05 6.03
C PHE H 64 -1.90 2.99 5.83
N PRO H 65 -0.92 2.96 6.73
CA PRO H 65 0.25 3.82 6.58
C PRO H 65 1.36 3.12 5.82
N LEU H 66 2.16 3.93 5.12
CA LEU H 66 3.35 3.39 4.49
C LEU H 66 4.40 3.06 5.57
N PRO H 67 5.25 2.06 5.33
CA PRO H 67 6.27 1.71 6.33
C PRO H 67 7.19 2.88 6.61
N GLY H 68 7.20 3.32 7.87
CA GLY H 68 8.04 4.41 8.30
C GLY H 68 7.27 5.53 8.97
N ALA J 2 -71.88 15.94 -28.66
CA ALA J 2 -72.13 14.94 -29.69
C ALA J 2 -71.30 15.22 -30.94
N SER J 3 -70.21 15.97 -30.76
CA SER J 3 -69.33 16.30 -31.87
C SER J 3 -68.09 15.41 -31.97
N HIS J 4 -67.73 14.74 -30.88
CA HIS J 4 -66.56 13.86 -30.86
C HIS J 4 -66.70 12.90 -29.68
N LEU J 5 -66.13 11.70 -29.85
CA LEU J 5 -66.21 10.69 -28.80
C LEU J 5 -65.39 11.10 -27.59
N ALA J 6 -66.02 11.09 -26.42
CA ALA J 6 -65.30 11.36 -25.18
C ALA J 6 -64.32 10.24 -24.90
N SER J 7 -63.11 10.59 -24.52
CA SER J 7 -62.03 9.62 -24.31
C SER J 7 -61.55 9.66 -22.87
N ILE J 8 -61.30 8.47 -22.32
CA ILE J 8 -60.68 8.32 -21.00
C ILE J 8 -59.39 7.55 -21.24
N TYR J 9 -58.28 8.28 -21.35
CA TYR J 9 -56.97 7.67 -21.56
C TYR J 9 -55.91 8.65 -21.08
N GLY J 10 -54.85 8.11 -20.48
CA GLY J 10 -53.77 8.93 -19.98
C GLY J 10 -54.21 9.87 -18.87
N THR J 11 -55.39 9.59 -18.33
CA THR J 11 -56.00 10.40 -17.29
C THR J 11 -56.10 9.60 -16.00
N GLU J 12 -56.37 10.32 -14.90
CA GLU J 12 -56.53 9.68 -13.61
C GLU J 12 -57.75 8.77 -13.56
N GLN J 13 -58.67 8.88 -14.52
CA GLN J 13 -59.78 7.96 -14.63
C GLN J 13 -59.43 6.72 -15.45
N ASP J 14 -58.36 6.77 -16.25
CA ASP J 14 -57.85 5.59 -16.95
C ASP J 14 -57.11 4.74 -15.92
N LYS J 15 -57.79 3.74 -15.37
CA LYS J 15 -57.22 2.94 -14.30
C LYS J 15 -56.22 1.91 -14.79
N VAL J 16 -55.96 1.82 -16.08
CA VAL J 16 -54.99 0.87 -16.62
C VAL J 16 -53.64 1.53 -16.87
N ASN J 17 -53.61 2.64 -17.60
CA ASN J 17 -52.39 3.40 -17.81
C ASN J 17 -52.15 4.35 -16.64
N CYS J 18 -50.88 4.52 -16.28
CA CYS J 18 -50.52 5.45 -15.21
C CYS J 18 -50.54 6.87 -15.75
N SER J 19 -51.44 7.69 -15.23
CA SER J 19 -51.57 9.06 -15.71
C SER J 19 -50.30 9.87 -15.44
N PHE J 20 -49.64 9.62 -14.31
CA PHE J 20 -48.50 10.44 -13.93
C PHE J 20 -47.29 10.15 -14.81
N TYR J 21 -47.04 8.89 -15.16
CA TYR J 21 -45.94 8.62 -16.08
C TYR J 21 -46.26 9.11 -17.48
N TYR J 22 -47.55 9.08 -17.86
CA TYR J 22 -47.93 9.57 -19.18
C TYR J 22 -47.79 11.08 -19.28
N LYS J 23 -48.03 11.80 -18.19
CA LYS J 23 -47.97 13.26 -18.18
C LYS J 23 -46.64 13.80 -17.67
N ILE J 24 -46.10 13.24 -16.59
CA ILE J 24 -44.89 13.76 -15.98
C ILE J 24 -43.64 13.01 -16.39
N GLY J 25 -43.77 11.83 -16.98
CA GLY J 25 -42.61 11.05 -17.33
C GLY J 25 -41.89 10.43 -16.16
N ALA J 26 -42.49 10.47 -14.97
CA ALA J 26 -41.88 9.91 -13.77
C ALA J 26 -42.97 9.64 -12.75
N CYS J 27 -42.88 8.50 -12.08
CA CYS J 27 -43.86 8.06 -11.11
C CYS J 27 -43.18 7.68 -9.80
N ARG J 28 -43.83 7.98 -8.68
CA ARG J 28 -43.26 7.66 -7.37
C ARG J 28 -43.07 6.17 -7.18
N HIS J 29 -43.82 5.33 -7.88
CA HIS J 29 -43.72 3.89 -7.73
C HIS J 29 -42.67 3.25 -8.64
N GLY J 30 -42.25 3.95 -9.70
CA GLY J 30 -41.17 3.44 -10.52
C GLY J 30 -41.57 2.16 -11.24
N GLU J 31 -40.67 1.18 -11.23
CA GLU J 31 -40.92 -0.08 -11.90
C GLU J 31 -41.91 -0.95 -11.15
N ARG J 32 -42.19 -0.63 -9.88
CA ARG J 32 -43.15 -1.36 -9.07
C ARG J 32 -44.55 -0.77 -9.14
N CYS J 33 -44.88 -0.07 -10.22
CA CYS J 33 -46.18 0.59 -10.32
C CYS J 33 -47.26 -0.40 -10.76
N SER J 34 -48.43 -0.30 -10.12
CA SER J 34 -49.55 -1.16 -10.48
C SER J 34 -50.18 -0.79 -11.81
N ARG J 35 -49.90 0.41 -12.32
CA ARG J 35 -50.46 0.92 -13.56
C ARG J 35 -49.37 0.95 -14.62
N LYS J 36 -49.79 1.02 -15.88
CA LYS J 36 -48.88 0.86 -17.00
C LYS J 36 -48.03 2.10 -17.23
N HIS J 37 -46.74 1.88 -17.46
CA HIS J 37 -45.79 2.92 -17.87
C HIS J 37 -45.35 2.56 -19.29
N VAL J 38 -46.04 3.11 -20.29
CA VAL J 38 -45.72 2.83 -21.68
C VAL J 38 -44.52 3.68 -22.05
N LYS J 39 -43.39 3.02 -22.32
CA LYS J 39 -42.16 3.73 -22.67
C LYS J 39 -42.09 3.91 -24.18
N PRO J 40 -42.07 5.14 -24.69
CA PRO J 40 -42.09 5.32 -26.15
C PRO J 40 -40.79 4.89 -26.79
N ASN J 41 -40.91 4.28 -27.97
CA ASN J 41 -39.72 3.92 -28.74
C ASN J 41 -39.22 5.10 -29.55
N PHE J 42 -40.11 6.02 -29.91
CA PHE J 42 -39.75 7.26 -30.61
C PHE J 42 -40.35 8.43 -29.86
N SER J 43 -39.55 9.47 -29.65
CA SER J 43 -40.02 10.64 -28.94
C SER J 43 -39.11 11.83 -29.23
N GLN J 44 -39.67 13.03 -29.06
CA GLN J 44 -38.89 14.26 -29.15
C GLN J 44 -38.27 14.65 -27.82
N THR J 45 -38.75 14.07 -26.71
CA THR J 45 -38.33 14.46 -25.38
C THR J 45 -37.50 13.34 -24.74
N ILE J 46 -36.42 13.74 -24.07
CA ILE J 46 -35.53 12.83 -23.36
C ILE J 46 -35.57 13.20 -21.88
N LEU J 47 -35.20 12.23 -21.05
CA LEU J 47 -35.21 12.39 -19.61
C LEU J 47 -33.85 12.00 -19.03
N CYS J 48 -33.28 12.90 -18.22
CA CYS J 48 -32.05 12.64 -17.47
C CYS J 48 -32.38 12.77 -15.99
N PRO J 49 -32.72 11.67 -15.31
CA PRO J 49 -33.15 11.77 -13.92
C PRO J 49 -31.99 12.11 -12.99
N ASN J 50 -32.32 12.86 -11.93
CA ASN J 50 -31.36 13.23 -10.88
C ASN J 50 -30.11 13.86 -11.48
N MET J 51 -30.32 14.76 -12.44
CA MET J 51 -29.23 15.44 -13.11
C MET J 51 -28.83 16.72 -12.39
N TYR J 52 -29.80 17.44 -11.84
CA TYR J 52 -29.56 18.71 -11.17
C TYR J 52 -29.49 18.48 -9.67
N LYS J 53 -28.33 18.77 -9.08
CA LYS J 53 -28.14 18.71 -7.64
C LYS J 53 -28.20 20.14 -7.12
N ASN J 54 -29.37 20.52 -6.61
CA ASN J 54 -29.58 21.86 -6.09
C ASN J 54 -28.66 22.08 -4.89
N PRO J 55 -27.81 23.11 -4.90
CA PRO J 55 -26.92 23.35 -3.75
C PRO J 55 -27.68 23.57 -2.45
N ILE J 56 -28.95 23.98 -2.50
CA ILE J 56 -29.71 24.23 -1.29
C ILE J 56 -30.04 22.94 -0.55
N HIS J 57 -29.80 21.79 -1.18
CA HIS J 57 -30.11 20.49 -0.60
C HIS J 57 -28.86 19.75 -0.15
N GLU J 58 -27.67 20.29 -0.42
CA GLU J 58 -26.39 19.75 -0.03
C GLU J 58 -25.93 20.36 1.29
N PRO J 59 -25.13 19.63 2.06
CA PRO J 59 -24.57 20.19 3.30
C PRO J 59 -23.83 21.50 3.03
N ASN J 60 -23.88 22.40 4.01
CA ASN J 60 -23.40 23.78 3.88
C ASN J 60 -24.01 24.46 2.64
N GLY J 61 -25.22 24.02 2.29
CA GLY J 61 -25.94 24.63 1.17
C GLY J 61 -26.31 26.08 1.43
N LYS J 62 -26.87 26.36 2.60
CA LYS J 62 -27.40 27.70 2.87
C LYS J 62 -26.32 28.71 3.23
N LYS J 63 -25.14 28.59 2.62
CA LYS J 63 -24.06 29.56 2.81
C LYS J 63 -24.01 30.56 1.67
N PHE J 64 -25.08 30.68 0.89
CA PHE J 64 -25.07 31.47 -0.33
C PHE J 64 -26.11 32.57 -0.28
N THR J 65 -25.80 33.67 -0.96
CA THR J 65 -26.72 34.77 -1.16
C THR J 65 -27.59 34.48 -2.38
N GLN J 66 -28.66 35.27 -2.53
CA GLN J 66 -29.55 35.09 -3.67
C GLN J 66 -28.82 35.27 -5.00
N ARG J 67 -27.76 36.06 -5.01
CA ARG J 67 -26.97 36.22 -6.23
C ARG J 67 -26.19 34.95 -6.57
N GLU J 68 -25.56 34.34 -5.57
CA GLU J 68 -24.76 33.14 -5.82
C GLU J 68 -25.64 31.97 -6.26
N LEU J 69 -26.82 31.81 -5.64
CA LEU J 69 -27.70 30.73 -6.04
C LEU J 69 -28.23 30.94 -7.46
N ALA J 70 -28.51 32.19 -7.83
CA ALA J 70 -29.00 32.46 -9.18
C ALA J 70 -27.92 32.24 -10.23
N GLU J 71 -26.69 32.70 -9.95
CA GLU J 71 -25.61 32.52 -10.91
C GLU J 71 -25.21 31.06 -11.05
N GLN J 72 -25.32 30.27 -9.97
CA GLN J 72 -24.96 28.86 -10.04
C GLN J 72 -25.93 28.08 -10.90
N PHE J 73 -27.23 28.37 -10.77
CA PHE J 73 -28.21 27.67 -11.59
C PHE J 73 -28.13 28.11 -13.04
N ASP J 74 -27.85 29.40 -13.29
CA ASP J 74 -27.62 29.85 -14.66
C ASP J 74 -26.44 29.11 -15.28
N ALA J 75 -25.38 28.89 -14.50
CA ALA J 75 -24.25 28.12 -14.99
C ALA J 75 -24.66 26.69 -15.31
N PHE J 76 -25.55 26.12 -14.50
CA PHE J 76 -26.02 24.77 -14.76
C PHE J 76 -26.92 24.73 -15.99
N TYR J 77 -27.89 25.66 -16.06
CA TYR J 77 -28.78 25.69 -17.21
C TYR J 77 -28.01 25.96 -18.49
N GLU J 78 -27.03 26.86 -18.44
CA GLU J 78 -26.17 27.09 -19.60
C GLU J 78 -25.38 25.85 -19.96
N ASP J 79 -24.82 25.17 -18.94
CA ASP J 79 -24.07 23.95 -19.20
C ASP J 79 -24.96 22.86 -19.77
N MET J 80 -26.24 22.83 -19.39
CA MET J 80 -27.16 21.85 -19.94
C MET J 80 -27.52 22.19 -21.37
N PHE J 81 -28.01 23.41 -21.61
CA PHE J 81 -28.51 23.78 -22.93
C PHE J 81 -27.42 23.65 -23.99
N CYS J 82 -26.20 24.11 -23.68
CA CYS J 82 -25.13 24.08 -24.68
C CYS J 82 -24.77 22.66 -25.07
N GLU J 83 -24.66 21.76 -24.10
CA GLU J 83 -24.24 20.39 -24.41
C GLU J 83 -25.33 19.64 -25.16
N PHE J 84 -26.60 19.86 -24.81
CA PHE J 84 -27.68 19.20 -25.54
C PHE J 84 -27.83 19.71 -26.96
N SER J 85 -27.32 20.92 -27.24
CA SER J 85 -27.46 21.48 -28.58
C SER J 85 -26.67 20.71 -29.63
N LYS J 86 -25.59 20.02 -29.22
CA LYS J 86 -24.80 19.27 -30.19
C LYS J 86 -25.51 18.04 -30.72
N TYR J 87 -26.67 17.67 -30.16
CA TYR J 87 -27.43 16.54 -30.63
C TYR J 87 -28.57 16.94 -31.57
N GLY J 88 -28.99 18.20 -31.53
CA GLY J 88 -30.08 18.66 -32.36
C GLY J 88 -30.61 19.98 -31.85
N GLU J 89 -31.70 20.43 -32.47
CA GLU J 89 -32.34 21.67 -32.06
C GLU J 89 -33.11 21.43 -30.76
N VAL J 90 -32.78 22.21 -29.73
CA VAL J 90 -33.42 22.09 -28.42
C VAL J 90 -34.64 23.02 -28.39
N GLU J 91 -35.83 22.43 -28.38
CA GLU J 91 -37.05 23.23 -28.33
C GLU J 91 -37.33 23.75 -26.92
N GLN J 92 -37.09 22.93 -25.89
CA GLN J 92 -37.34 23.36 -24.53
C GLN J 92 -36.48 22.54 -23.57
N LEU J 93 -36.05 23.20 -22.50
CA LEU J 93 -35.24 22.59 -21.46
C LEU J 93 -35.87 22.89 -20.11
N VAL J 94 -36.25 21.84 -19.38
CA VAL J 94 -36.94 21.98 -18.11
C VAL J 94 -36.15 21.26 -17.03
N VAL J 95 -35.94 21.92 -15.90
CA VAL J 95 -35.20 21.37 -14.77
C VAL J 95 -36.13 21.35 -13.56
N CYS J 96 -36.30 20.18 -12.96
CA CYS J 96 -37.22 20.01 -11.84
C CYS J 96 -36.48 20.23 -10.52
N ASP J 97 -37.07 21.06 -9.66
CA ASP J 97 -36.50 21.35 -8.35
C ASP J 97 -37.17 20.56 -7.24
N ASN J 98 -37.82 19.45 -7.57
CA ASN J 98 -38.51 18.65 -6.57
C ASN J 98 -37.50 17.89 -5.70
N VAL J 99 -38.02 17.27 -4.64
CA VAL J 99 -37.21 16.45 -3.76
C VAL J 99 -37.66 15.00 -3.74
N GLY J 100 -38.82 14.68 -4.32
CA GLY J 100 -39.24 13.30 -4.41
C GLY J 100 -38.24 12.46 -5.20
N ASP J 101 -38.10 11.20 -4.80
CA ASP J 101 -37.07 10.34 -5.36
C ASP J 101 -37.23 10.14 -6.86
N HIS J 102 -38.42 10.36 -7.41
CA HIS J 102 -38.68 10.14 -8.82
C HIS J 102 -38.60 11.42 -9.66
N LEU J 103 -38.49 12.58 -9.03
CA LEU J 103 -38.45 13.84 -9.75
C LEU J 103 -37.31 14.75 -9.35
N VAL J 104 -36.51 14.38 -8.36
CA VAL J 104 -35.47 15.28 -7.86
C VAL J 104 -34.42 15.49 -8.94
N GLY J 105 -34.19 16.75 -9.29
CA GLY J 105 -33.15 17.08 -10.25
C GLY J 105 -33.36 16.53 -11.64
N ASN J 106 -34.59 16.18 -12.01
CA ASN J 106 -34.84 15.67 -13.35
C ASN J 106 -34.66 16.77 -14.38
N VAL J 107 -34.03 16.42 -15.50
CA VAL J 107 -33.80 17.34 -16.60
C VAL J 107 -34.47 16.77 -17.84
N TYR J 108 -35.53 17.43 -18.29
CA TYR J 108 -36.23 17.05 -19.51
C TYR J 108 -35.78 17.96 -20.64
N VAL J 109 -35.60 17.37 -21.83
CA VAL J 109 -35.17 18.10 -23.01
C VAL J 109 -36.04 17.66 -24.16
N ARG J 110 -36.76 18.60 -24.76
CA ARG J 110 -37.58 18.33 -25.94
C ARG J 110 -36.85 18.84 -27.17
N PHE J 111 -36.52 17.93 -28.08
CA PHE J 111 -35.88 18.28 -29.33
C PHE J 111 -36.93 18.56 -30.40
N LYS J 112 -36.46 19.09 -31.54
CA LYS J 112 -37.37 19.35 -32.65
C LYS J 112 -37.65 18.09 -33.45
N TYR J 113 -36.65 17.23 -33.61
CA TYR J 113 -36.77 16.00 -34.36
C TYR J 113 -36.58 14.81 -33.44
N GLU J 114 -37.31 13.72 -33.72
CA GLU J 114 -37.19 12.52 -32.91
C GLU J 114 -35.83 11.86 -33.06
N GLU J 115 -35.18 12.04 -34.21
CA GLU J 115 -33.87 11.44 -34.42
C GLU J 115 -32.81 12.08 -33.52
N SER J 116 -32.93 13.38 -33.24
CA SER J 116 -32.00 14.02 -32.32
C SER J 116 -32.11 13.46 -30.92
N ALA J 117 -33.32 13.05 -30.50
CA ALA J 117 -33.49 12.51 -29.17
C ALA J 117 -32.86 11.13 -29.03
N GLN J 118 -32.98 10.30 -30.07
CA GLN J 118 -32.40 8.95 -30.01
C GLN J 118 -30.87 9.02 -30.01
N ASN J 119 -30.29 9.91 -30.80
CA ASN J 119 -28.84 10.09 -30.78
C ASN J 119 -28.36 10.62 -29.44
N ALA J 120 -29.18 11.41 -28.75
CA ALA J 120 -28.77 11.96 -27.46
C ALA J 120 -28.67 10.87 -26.40
N ILE J 121 -29.71 10.04 -26.26
CA ILE J 121 -29.69 9.02 -25.23
C ILE J 121 -28.62 7.96 -25.50
N ASP J 122 -28.29 7.73 -26.78
CA ASP J 122 -27.26 6.75 -27.10
C ASP J 122 -25.88 7.23 -26.67
N ASP J 123 -25.63 8.54 -26.72
CA ASP J 123 -24.34 9.08 -26.32
C ASP J 123 -24.29 9.44 -24.84
N LEU J 124 -25.40 9.95 -24.29
CA LEU J 124 -25.40 10.38 -22.90
C LEU J 124 -25.23 9.20 -21.96
N ASN J 125 -25.79 8.04 -22.31
CA ASN J 125 -25.69 6.85 -21.47
C ASN J 125 -24.27 6.31 -21.35
N SER J 126 -23.29 6.91 -22.02
CA SER J 126 -21.89 6.52 -21.88
C SER J 126 -21.03 7.68 -21.38
N ARG J 127 -21.63 8.79 -21.00
CA ARG J 127 -20.91 9.97 -20.55
C ARG J 127 -21.12 10.17 -19.05
N TRP J 128 -20.37 11.13 -18.51
CA TRP J 128 -20.44 11.49 -17.10
C TRP J 128 -20.80 12.96 -16.97
N TYR J 129 -21.42 13.31 -15.86
CA TYR J 129 -21.65 14.71 -15.53
C TYR J 129 -21.51 14.89 -14.02
N SER J 130 -20.58 15.76 -13.62
CA SER J 130 -20.37 16.08 -12.21
C SER J 130 -20.12 14.83 -11.39
N GLN J 131 -19.14 14.03 -11.84
CA GLN J 131 -18.68 12.84 -11.11
C GLN J 131 -19.81 11.81 -10.93
N ARG J 132 -20.74 11.76 -11.88
CA ARG J 132 -21.84 10.83 -11.84
C ARG J 132 -22.19 10.38 -13.25
N PRO J 133 -22.45 9.09 -13.47
CA PRO J 133 -22.84 8.64 -14.81
C PRO J 133 -24.23 9.13 -15.15
N VAL J 134 -24.41 9.54 -16.41
CA VAL J 134 -25.66 10.14 -16.86
C VAL J 134 -26.61 9.03 -17.28
N TYR J 135 -27.82 9.07 -16.73
CA TYR J 135 -28.91 8.21 -17.16
C TYR J 135 -29.78 8.97 -18.14
N ALA J 136 -30.02 8.39 -19.31
CA ALA J 136 -30.81 9.01 -20.34
C ALA J 136 -31.80 8.01 -20.91
N GLU J 137 -33.03 8.47 -21.15
CA GLU J 137 -34.08 7.64 -21.70
C GLU J 137 -35.10 8.52 -22.38
N LEU J 138 -35.85 7.93 -23.29
CA LEU J 138 -36.91 8.66 -23.98
C LEU J 138 -38.09 8.87 -23.04
N SER J 139 -38.61 10.08 -23.02
CA SER J 139 -39.72 10.36 -22.13
C SER J 139 -41.00 10.62 -22.92
N PRO J 140 -42.14 10.11 -22.46
CA PRO J 140 -43.39 10.36 -23.17
C PRO J 140 -43.97 11.75 -22.97
N VAL J 141 -43.25 12.63 -22.26
CA VAL J 141 -43.74 13.99 -22.00
C VAL J 141 -43.81 14.76 -23.30
N THR J 142 -44.94 15.41 -23.55
CA THR J 142 -45.13 16.25 -24.74
C THR J 142 -45.41 17.70 -24.36
N ASP J 143 -46.49 17.96 -23.62
CA ASP J 143 -46.85 19.31 -23.20
C ASP J 143 -46.43 19.48 -21.75
N PHE J 144 -45.47 20.39 -21.51
CA PHE J 144 -44.99 20.64 -20.16
C PHE J 144 -46.05 21.34 -19.30
N ARG J 145 -47.02 22.01 -19.92
CA ARG J 145 -48.09 22.63 -19.15
C ARG J 145 -48.92 21.57 -18.44
N GLU J 146 -49.08 20.40 -19.05
CA GLU J 146 -49.80 19.29 -18.43
C GLU J 146 -48.96 18.55 -17.40
N ALA J 147 -47.68 18.89 -17.26
CA ALA J 147 -46.80 18.24 -16.30
C ALA J 147 -46.35 19.16 -15.17
N CYS J 148 -46.52 20.47 -15.30
CA CYS J 148 -46.10 21.41 -14.28
C CYS J 148 -47.18 21.56 -13.22
N CYS J 149 -46.75 21.90 -12.01
CA CYS J 149 -47.67 22.06 -10.89
C CYS J 149 -48.38 23.40 -11.00
N ARG J 150 -49.70 23.37 -10.89
CA ARG J 150 -50.50 24.59 -11.04
C ARG J 150 -50.34 25.50 -9.83
N GLN J 151 -50.41 24.95 -8.62
CA GLN J 151 -50.29 25.75 -7.42
C GLN J 151 -48.87 26.26 -7.17
N HIS J 152 -47.88 25.79 -7.93
CA HIS J 152 -46.52 26.28 -7.80
C HIS J 152 -46.24 27.52 -8.64
N GLU J 153 -47.00 27.73 -9.70
CA GLU J 153 -46.82 28.94 -10.51
C GLU J 153 -47.21 30.17 -9.72
N THR J 154 -48.43 30.18 -9.18
CA THR J 154 -48.89 31.26 -8.31
C THR J 154 -48.49 30.95 -6.87
N SER J 155 -47.56 31.74 -6.34
CA SER J 155 -47.04 31.59 -4.96
C SER J 155 -46.40 30.20 -4.87
N GLU J 156 -46.50 29.52 -3.73
CA GLU J 156 -45.93 28.20 -3.54
C GLU J 156 -47.02 27.13 -3.51
N CYS J 157 -46.61 25.91 -3.82
CA CYS J 157 -47.49 24.75 -3.77
C CYS J 157 -47.63 24.26 -2.34
N GLN J 158 -48.87 24.02 -1.91
CA GLN J 158 -49.09 23.60 -0.52
C GLN J 158 -48.49 22.23 -0.24
N ARG J 159 -48.18 21.45 -1.27
CA ARG J 159 -47.56 20.15 -1.09
C ARG J 159 -46.05 20.26 -0.87
N GLY J 160 -45.46 21.40 -1.21
CA GLY J 160 -44.04 21.61 -1.04
C GLY J 160 -43.22 20.85 -2.08
N GLY J 161 -41.97 20.56 -1.70
CA GLY J 161 -41.06 19.85 -2.59
C GLY J 161 -41.46 18.42 -2.89
N LEU J 162 -42.39 17.85 -2.14
CA LEU J 162 -42.85 16.49 -2.35
C LEU J 162 -43.98 16.40 -3.38
N CYS J 163 -44.26 17.49 -4.09
CA CYS J 163 -45.28 17.46 -5.13
C CYS J 163 -44.89 16.49 -6.25
N ASN J 164 -45.87 15.74 -6.73
CA ASN J 164 -45.66 14.78 -7.82
C ASN J 164 -45.72 15.43 -9.19
N PHE J 165 -46.04 16.71 -9.28
CA PHE J 165 -45.97 17.47 -10.51
C PHE J 165 -44.66 18.24 -10.57
N MET J 166 -44.31 18.68 -11.79
CA MET J 166 -43.02 19.33 -11.99
C MET J 166 -42.97 20.70 -11.33
N HIS J 167 -41.96 20.91 -10.49
CA HIS J 167 -41.63 22.22 -9.95
C HIS J 167 -40.44 22.74 -10.73
N ALA J 168 -40.71 23.25 -11.93
CA ALA J 168 -39.65 23.68 -12.83
C ALA J 168 -38.92 24.89 -12.25
N LYS J 169 -37.59 24.81 -12.25
CA LYS J 169 -36.75 25.94 -11.83
C LYS J 169 -36.40 26.73 -13.09
N LYS J 170 -36.88 27.98 -13.15
CA LYS J 170 -36.68 28.75 -14.37
C LYS J 170 -35.33 29.48 -14.32
N PRO J 171 -34.61 29.51 -15.44
CA PRO J 171 -33.37 30.26 -15.50
C PRO J 171 -33.63 31.75 -15.66
N SER J 172 -32.55 32.52 -15.70
CA SER J 172 -32.67 33.95 -15.93
C SER J 172 -33.23 34.21 -17.32
N PRO J 173 -34.13 35.18 -17.48
CA PRO J 173 -34.63 35.50 -18.81
C PRO J 173 -33.53 35.95 -19.76
N GLN J 174 -32.48 36.59 -19.23
CA GLN J 174 -31.36 37.01 -20.06
C GLN J 174 -30.64 35.79 -20.65
N LEU J 175 -30.37 34.78 -19.83
CA LEU J 175 -29.68 33.59 -20.31
C LEU J 175 -30.55 32.81 -21.29
N LEU J 176 -31.84 32.67 -20.99
CA LEU J 176 -32.73 31.94 -21.89
C LEU J 176 -32.83 32.63 -23.24
N ARG J 177 -32.90 33.96 -23.25
CA ARG J 177 -32.93 34.70 -24.49
C ARG J 177 -31.61 34.56 -25.25
N ASP J 178 -30.49 34.69 -24.54
CA ASP J 178 -29.20 34.53 -25.19
C ASP J 178 -29.01 33.12 -25.73
N LEU J 179 -29.63 32.13 -25.08
CA LEU J 179 -29.48 30.75 -25.54
C LEU J 179 -30.29 30.48 -26.80
N VAL J 180 -31.53 30.98 -26.87
CA VAL J 180 -32.33 30.74 -28.06
C VAL J 180 -31.76 31.47 -29.26
N LEU J 181 -31.24 32.68 -29.06
CA LEU J 181 -30.60 33.41 -30.15
C LEU J 181 -29.30 32.73 -30.58
N ALA J 182 -28.55 32.21 -29.60
CA ALA J 182 -27.32 31.49 -29.94
C ALA J 182 -27.61 30.22 -30.73
N GLN J 183 -28.71 29.54 -30.41
CA GLN J 183 -29.06 28.33 -31.14
C GLN J 183 -29.54 28.65 -32.54
N ARG J 184 -30.29 29.74 -32.71
CA ARG J 184 -30.71 30.14 -34.05
C ARG J 184 -29.51 30.50 -34.91
N LYS J 185 -28.50 31.12 -34.30
CA LYS J 185 -27.29 31.46 -35.03
C LYS J 185 -26.55 30.21 -35.46
N TYR J 186 -26.39 29.24 -34.55
CA TYR J 186 -25.75 27.98 -34.91
C TYR J 186 -26.54 27.23 -35.97
N LEU J 187 -27.87 27.26 -35.89
CA LEU J 187 -28.68 26.56 -36.86
C LEU J 187 -28.70 27.27 -38.21
N ALA J 188 -28.63 28.59 -38.20
CA ALA J 188 -28.55 29.33 -39.46
C ALA J 188 -27.19 29.14 -40.12
N LEU J 189 -26.12 29.11 -39.32
CA LEU J 189 -24.79 28.90 -39.88
C LEU J 189 -24.63 27.50 -40.48
N ASN J 190 -25.29 26.49 -39.90
CA ASN J 190 -25.30 25.16 -40.50
C ASN J 190 -26.38 25.02 -41.56
N ALA J 191 -26.70 26.11 -42.26
CA ALA J 191 -27.65 26.07 -43.36
C ALA J 191 -27.04 26.70 -44.62
N ALA J 192 -26.17 27.69 -44.42
CA ALA J 192 -25.50 28.32 -45.55
C ALA J 192 -24.52 27.35 -46.21
N GLU J 193 -23.95 26.45 -45.43
CA GLU J 193 -23.04 25.42 -45.95
C GLU J 193 -23.79 24.24 -46.57
N GLU J 194 -24.82 24.53 -47.37
CA GLU J 194 -25.61 23.49 -48.02
C GLU J 194 -26.00 23.91 -49.43
N SER K 16 -34.48 30.29 -50.68
CA SER K 16 -34.32 30.01 -49.27
C SER K 16 -33.06 30.66 -48.71
N VAL K 17 -32.08 30.88 -49.59
CA VAL K 17 -30.82 31.49 -49.18
C VAL K 17 -31.01 32.95 -48.81
N ARG K 18 -32.08 33.59 -49.28
CA ARG K 18 -32.31 35.00 -48.97
C ARG K 18 -32.64 35.19 -47.50
N SER K 19 -33.40 34.27 -46.91
CA SER K 19 -33.85 34.41 -45.53
C SER K 19 -32.77 34.07 -44.50
N ILE K 20 -31.71 33.38 -44.92
CA ILE K 20 -30.69 32.94 -43.97
C ILE K 20 -29.72 34.09 -43.66
N GLU K 21 -29.12 34.67 -44.70
CA GLU K 21 -28.15 35.74 -44.51
C GLU K 21 -28.78 36.97 -43.85
N GLN K 22 -30.10 37.11 -43.94
CA GLN K 22 -30.78 38.19 -43.22
C GLN K 22 -30.72 37.96 -41.72
N GLU K 23 -30.90 36.71 -41.29
CA GLU K 23 -30.85 36.40 -39.86
C GLU K 23 -29.47 36.66 -39.29
N LEU K 24 -28.41 36.30 -40.03
CA LEU K 24 -27.05 36.51 -39.55
C LEU K 24 -26.77 37.99 -39.28
N GLU K 25 -27.26 38.88 -40.16
CA GLU K 25 -27.01 40.30 -39.96
C GLU K 25 -27.77 40.82 -38.75
N GLN K 26 -28.97 40.29 -38.51
CA GLN K 26 -29.71 40.68 -37.31
C GLN K 26 -29.07 40.09 -36.06
N LEU K 27 -28.36 38.98 -36.21
CA LEU K 27 -27.71 38.27 -35.11
C LEU K 27 -26.19 38.45 -35.17
N ARG K 28 -25.73 39.64 -35.55
CA ARG K 28 -24.29 39.87 -35.62
C ARG K 28 -23.67 39.94 -34.23
N ASP K 29 -24.44 40.32 -33.22
CA ASP K 29 -23.92 40.46 -31.86
C ASP K 29 -24.27 39.26 -30.99
N VAL K 30 -24.39 38.07 -31.58
CA VAL K 30 -24.64 36.85 -30.84
C VAL K 30 -23.59 35.82 -31.25
N THR K 31 -23.17 35.00 -30.28
CA THR K 31 -22.19 33.96 -30.50
C THR K 31 -22.89 32.64 -30.82
N PRO K 32 -22.44 31.90 -31.82
CA PRO K 32 -23.01 30.55 -32.05
C PRO K 32 -22.73 29.65 -30.87
N ILE K 33 -23.56 28.61 -30.73
CA ILE K 33 -23.56 27.82 -29.50
C ILE K 33 -22.29 26.98 -29.35
N ASN K 34 -21.65 26.58 -30.46
CA ASN K 34 -20.43 25.78 -30.33
C ASN K 34 -19.24 26.60 -29.89
N GLN K 35 -19.33 27.93 -29.94
CA GLN K 35 -18.22 28.79 -29.59
C GLN K 35 -18.27 29.23 -28.13
N TRP K 36 -19.48 29.49 -27.62
CA TRP K 36 -19.75 29.86 -26.23
C TRP K 36 -18.71 29.32 -25.26
N LYS K 37 -17.98 30.20 -24.59
CA LYS K 37 -16.98 29.77 -23.63
C LYS K 37 -17.71 29.34 -22.36
N ARG K 38 -17.63 28.05 -22.04
CA ARG K 38 -18.28 27.51 -20.84
C ARG K 38 -17.23 27.38 -19.76
N LYS K 39 -17.27 28.29 -18.78
CA LYS K 39 -16.36 28.24 -17.65
C LYS K 39 -16.89 27.25 -16.64
N ARG K 40 -16.01 26.33 -16.20
CA ARG K 40 -16.37 25.29 -15.24
C ARG K 40 -17.54 24.45 -15.75
N SER K 41 -17.31 23.77 -16.86
CA SER K 41 -18.29 22.83 -17.42
C SER K 41 -18.04 21.46 -16.80
N LEU K 42 -19.06 20.90 -16.17
CA LEU K 42 -18.94 19.66 -15.42
C LEU K 42 -19.18 18.41 -16.27
N TRP K 43 -19.22 18.55 -17.58
CA TRP K 43 -19.46 17.38 -18.42
C TRP K 43 -18.19 16.53 -18.52
N ASP K 44 -18.41 15.22 -18.61
CA ASP K 44 -17.35 14.21 -18.74
C ASP K 44 -16.39 14.18 -17.55
N ILE K 45 -16.72 14.88 -16.46
CA ILE K 45 -15.90 14.86 -15.26
C ILE K 45 -16.26 13.63 -14.44
N LYS K 46 -15.27 12.77 -14.20
CA LYS K 46 -15.50 11.56 -13.43
C LYS K 46 -15.02 11.72 -11.99
N PRO K 47 -15.58 10.95 -11.06
CA PRO K 47 -15.12 11.02 -9.66
C PRO K 47 -13.69 10.51 -9.54
N PRO K 48 -12.99 10.86 -8.46
CA PRO K 48 -11.60 10.43 -8.33
C PRO K 48 -11.49 8.91 -8.29
N GLY K 49 -10.54 8.39 -9.07
CA GLY K 49 -10.31 6.96 -9.18
C GLY K 49 -11.09 6.26 -10.27
N TYR K 50 -12.14 6.90 -10.80
CA TYR K 50 -12.99 6.29 -11.82
C TYR K 50 -12.61 6.74 -13.24
N GLU K 51 -11.35 7.14 -13.45
CA GLU K 51 -10.95 7.62 -14.76
C GLU K 51 -10.99 6.53 -15.84
N LEU K 52 -10.72 5.29 -15.46
CA LEU K 52 -10.64 4.21 -16.43
C LEU K 52 -11.91 3.38 -16.53
N VAL K 53 -12.93 3.70 -15.74
CA VAL K 53 -14.21 3.00 -15.78
C VAL K 53 -15.15 3.79 -16.68
N THR K 54 -15.84 3.10 -17.57
CA THR K 54 -16.81 3.78 -18.40
C THR K 54 -18.09 4.05 -17.61
N ALA K 55 -18.91 4.96 -18.14
CA ALA K 55 -20.16 5.29 -17.46
C ALA K 55 -21.08 4.08 -17.38
N ASP K 56 -21.06 3.22 -18.40
CA ASP K 56 -21.91 2.03 -18.37
C ASP K 56 -21.46 1.05 -17.30
N GLN K 57 -20.14 0.89 -17.13
CA GLN K 57 -19.63 0.00 -16.09
C GLN K 57 -19.94 0.51 -14.68
N ALA K 58 -20.04 1.83 -14.52
CA ALA K 58 -20.35 2.39 -13.21
C ALA K 58 -21.81 2.13 -12.83
N LYS K 59 -22.71 2.20 -13.81
CA LYS K 59 -24.13 1.98 -13.52
C LYS K 59 -24.38 0.53 -13.10
N MET K 60 -23.71 -0.42 -13.76
CA MET K 60 -23.92 -1.82 -13.46
C MET K 60 -23.28 -2.23 -12.13
N SER K 61 -22.32 -1.46 -11.64
CA SER K 61 -21.66 -1.80 -10.38
C SER K 61 -22.57 -1.59 -9.18
N GLY K 62 -23.58 -0.72 -9.30
CA GLY K 62 -24.47 -0.41 -8.21
C GLY K 62 -23.98 0.68 -7.28
N VAL K 63 -22.80 1.24 -7.53
CA VAL K 63 -22.28 2.31 -6.70
C VAL K 63 -22.90 3.67 -7.02
N PHE K 64 -23.54 3.81 -8.18
CA PHE K 64 -24.17 5.05 -8.60
C PHE K 64 -25.65 4.80 -8.91
N PRO K 65 -26.48 4.59 -7.90
CA PRO K 65 -27.90 4.36 -8.14
C PRO K 65 -28.71 5.64 -8.14
N LEU K 66 -29.81 5.59 -8.89
CA LEU K 66 -30.76 6.69 -8.90
C LEU K 66 -31.47 6.77 -7.55
N PRO K 67 -31.95 7.96 -7.15
CA PRO K 67 -32.62 8.08 -5.85
C PRO K 67 -33.78 7.13 -5.67
N GLY K 68 -34.41 6.68 -6.76
CA GLY K 68 -35.47 5.69 -6.64
C GLY K 68 -34.98 4.34 -6.18
N ALA K 69 -33.67 4.08 -6.32
CA ALA K 69 -33.02 2.89 -5.80
C ALA K 69 -33.68 1.59 -6.29
N VAL M 16 46.48 7.57 30.49
CA VAL M 16 46.63 7.24 29.07
C VAL M 16 45.58 6.20 28.66
N ASN M 17 45.42 5.15 29.45
CA ASN M 17 44.38 4.15 29.21
C ASN M 17 43.05 4.65 29.74
N CYS M 18 41.97 4.32 29.04
CA CYS M 18 40.63 4.73 29.46
C CYS M 18 40.18 3.85 30.61
N SER M 19 40.08 4.45 31.80
CA SER M 19 39.67 3.70 32.99
C SER M 19 38.23 3.22 32.90
N PHE M 20 37.35 4.01 32.28
CA PHE M 20 35.93 3.68 32.28
C PHE M 20 35.62 2.47 31.41
N TYR M 21 36.30 2.35 30.26
CA TYR M 21 36.08 1.16 29.45
C TYR M 21 36.64 -0.09 30.11
N TYR M 22 37.74 0.05 30.87
CA TYR M 22 38.32 -1.10 31.53
C TYR M 22 37.47 -1.58 32.70
N LYS M 23 36.80 -0.65 33.41
CA LYS M 23 36.02 -0.99 34.58
C LYS M 23 34.53 -1.17 34.27
N ILE M 24 33.95 -0.28 33.46
CA ILE M 24 32.52 -0.32 33.18
C ILE M 24 32.19 -1.02 31.87
N GLY M 25 33.18 -1.27 31.01
CA GLY M 25 32.93 -1.87 29.72
C GLY M 25 32.25 -0.99 28.71
N ALA M 26 32.14 0.31 29.00
CA ALA M 26 31.50 1.25 28.08
C ALA M 26 31.97 2.66 28.41
N CYS M 27 32.24 3.44 27.37
CA CYS M 27 32.70 4.82 27.51
C CYS M 27 31.83 5.74 26.67
N ARG M 28 31.53 6.92 27.21
CA ARG M 28 30.65 7.86 26.53
C ARG M 28 31.18 8.31 25.19
N HIS M 29 32.49 8.24 24.98
CA HIS M 29 33.09 8.69 23.72
C HIS M 29 33.14 7.59 22.66
N GLY M 30 32.98 6.34 23.07
CA GLY M 30 32.92 5.23 22.11
C GLY M 30 34.25 4.99 21.41
N GLU M 31 34.17 4.74 20.10
CA GLU M 31 35.36 4.42 19.33
C GLU M 31 36.21 5.64 19.03
N ARG M 32 35.64 6.85 19.13
CA ARG M 32 36.37 8.09 18.92
C ARG M 32 36.91 8.67 20.24
N CYS M 33 37.17 7.82 21.22
CA CYS M 33 37.65 8.24 22.53
C CYS M 33 39.13 8.58 22.47
N SER M 34 39.53 9.61 23.22
CA SER M 34 40.92 10.04 23.22
C SER M 34 41.85 9.04 23.88
N ARG M 35 41.32 8.11 24.69
CA ARG M 35 42.13 7.11 25.35
C ARG M 35 41.85 5.74 24.74
N LYS M 36 42.75 4.80 25.00
CA LYS M 36 42.71 3.50 24.34
C LYS M 36 41.63 2.61 24.93
N HIS M 37 40.89 1.92 24.06
CA HIS M 37 39.91 0.92 24.43
C HIS M 37 40.43 -0.44 23.98
N VAL M 38 41.15 -1.12 24.86
CA VAL M 38 41.73 -2.42 24.54
C VAL M 38 40.65 -3.48 24.73
N LYS M 39 40.25 -4.13 23.64
CA LYS M 39 39.22 -5.16 23.69
C LYS M 39 39.87 -6.52 23.95
N PRO M 40 39.53 -7.20 25.03
CA PRO M 40 40.21 -8.46 25.36
C PRO M 40 39.83 -9.57 24.39
N ASN M 41 40.82 -10.41 24.07
CA ASN M 41 40.57 -11.58 23.23
C ASN M 41 40.01 -12.74 24.03
N PHE M 42 40.31 -12.79 25.33
CA PHE M 42 39.76 -13.81 26.23
C PHE M 42 39.17 -13.10 27.44
N SER M 43 37.96 -13.48 27.82
CA SER M 43 37.29 -12.89 28.98
C SER M 43 36.17 -13.81 29.44
N GLN M 44 35.83 -13.68 30.72
CA GLN M 44 34.69 -14.38 31.29
C GLN M 44 33.39 -13.60 31.16
N THR M 45 33.46 -12.31 30.88
CA THR M 45 32.29 -11.45 30.84
C THR M 45 31.99 -11.04 29.40
N ILE M 46 30.71 -11.07 29.05
CA ILE M 46 30.25 -10.66 27.73
C ILE M 46 29.34 -9.45 27.89
N LEU M 47 29.22 -8.69 26.81
CA LEU M 47 28.42 -7.47 26.79
C LEU M 47 27.46 -7.51 25.61
N CYS M 48 26.19 -7.23 25.89
CA CYS M 48 25.16 -7.07 24.86
C CYS M 48 24.65 -5.64 24.99
N PRO M 49 25.23 -4.69 24.27
CA PRO M 49 24.84 -3.29 24.46
C PRO M 49 23.45 -3.04 23.90
N ASN M 50 22.73 -2.14 24.59
CA ASN M 50 21.38 -1.74 24.19
C ASN M 50 20.48 -2.96 24.00
N MET M 51 20.59 -3.91 24.91
CA MET M 51 19.80 -5.14 24.87
C MET M 51 18.47 -4.98 25.60
N TYR M 52 18.47 -4.24 26.70
CA TYR M 52 17.27 -4.04 27.50
C TYR M 52 16.63 -2.73 27.09
N LYS M 53 15.41 -2.81 26.56
CA LYS M 53 14.63 -1.64 26.18
C LYS M 53 13.61 -1.44 27.30
N ASN M 54 13.93 -0.53 28.21
CA ASN M 54 13.06 -0.26 29.35
C ASN M 54 11.72 0.28 28.85
N PRO M 55 10.59 -0.34 29.22
CA PRO M 55 9.29 0.14 28.72
C PRO M 55 8.99 1.59 29.05
N ILE M 56 9.62 2.17 30.07
CA ILE M 56 9.34 3.56 30.44
C ILE M 56 9.88 4.53 29.39
N HIS M 57 10.66 4.04 28.44
CA HIS M 57 11.26 4.88 27.41
C HIS M 57 10.59 4.69 26.05
N GLU M 58 9.48 3.97 26.02
CA GLU M 58 8.70 3.69 24.82
C GLU M 58 7.35 4.39 24.87
N PRO M 59 6.65 4.51 23.74
CA PRO M 59 5.31 5.10 23.78
C PRO M 59 4.34 4.39 24.71
N ASN M 60 4.57 3.11 25.00
CA ASN M 60 3.73 2.34 25.93
C ASN M 60 3.94 2.73 27.38
N GLY M 61 4.92 3.59 27.67
CA GLY M 61 5.44 3.71 29.03
C GLY M 61 4.39 4.03 30.09
N LYS M 62 3.57 5.05 29.83
CA LYS M 62 2.70 5.58 30.86
C LYS M 62 1.43 4.76 31.11
N LYS M 63 1.17 3.69 30.37
CA LYS M 63 -0.04 2.91 30.61
C LYS M 63 0.20 1.69 31.50
N PHE M 64 1.29 1.66 32.25
CA PHE M 64 1.62 0.51 33.07
C PHE M 64 1.74 0.95 34.53
N THR M 65 1.37 0.04 35.43
CA THR M 65 1.55 0.31 36.85
C THR M 65 2.95 -0.09 37.29
N GLN M 66 3.33 0.36 38.48
CA GLN M 66 4.64 0.01 39.00
C GLN M 66 4.76 -1.50 39.23
N ARG M 67 3.64 -2.15 39.54
CA ARG M 67 3.63 -3.61 39.65
C ARG M 67 3.79 -4.26 38.29
N GLU M 68 3.10 -3.74 37.27
CA GLU M 68 3.21 -4.29 35.93
C GLU M 68 4.60 -4.10 35.36
N LEU M 69 5.21 -2.93 35.60
CA LEU M 69 6.57 -2.71 35.13
C LEU M 69 7.56 -3.63 35.82
N ALA M 70 7.32 -3.93 37.11
CA ALA M 70 8.19 -4.85 37.82
C ALA M 70 8.05 -6.26 37.29
N GLU M 71 6.81 -6.68 36.98
CA GLU M 71 6.59 -8.00 36.42
C GLU M 71 7.19 -8.13 35.02
N GLN M 72 7.19 -7.03 34.26
CA GLN M 72 7.76 -7.07 32.91
C GLN M 72 9.27 -7.24 32.96
N PHE M 73 9.94 -6.54 33.88
CA PHE M 73 11.39 -6.68 33.99
C PHE M 73 11.77 -8.04 34.53
N ASP M 74 10.97 -8.58 35.47
CA ASP M 74 11.21 -9.94 35.94
C ASP M 74 11.12 -10.94 34.80
N ALA M 75 10.17 -10.73 33.87
CA ALA M 75 10.09 -11.58 32.70
C ALA M 75 11.32 -11.43 31.82
N PHE M 76 11.86 -10.21 31.71
CA PHE M 76 13.05 -9.98 30.90
C PHE M 76 14.28 -10.59 31.54
N TYR M 77 14.48 -10.35 32.83
CA TYR M 77 15.63 -10.94 33.52
C TYR M 77 15.56 -12.46 33.47
N GLU M 78 14.36 -13.04 33.61
CA GLU M 78 14.20 -14.47 33.46
C GLU M 78 14.53 -14.90 32.04
N ASP M 79 14.05 -14.16 31.04
CA ASP M 79 14.33 -14.50 29.65
C ASP M 79 15.82 -14.39 29.34
N MET M 80 16.52 -13.47 29.98
CA MET M 80 17.96 -13.35 29.77
C MET M 80 18.71 -14.48 30.46
N PHE M 81 18.48 -14.66 31.76
CA PHE M 81 19.25 -15.64 32.53
C PHE M 81 19.11 -17.04 31.95
N CYS M 82 17.90 -17.44 31.58
CA CYS M 82 17.68 -18.80 31.08
C CYS M 82 18.43 -19.03 29.77
N GLU M 83 18.36 -18.06 28.84
CA GLU M 83 18.98 -18.26 27.54
C GLU M 83 20.50 -18.26 27.64
N PHE M 84 21.06 -17.42 28.51
CA PHE M 84 22.51 -17.40 28.69
C PHE M 84 23.01 -18.68 29.35
N SER M 85 22.14 -19.39 30.08
CA SER M 85 22.55 -20.63 30.75
C SER M 85 22.93 -21.71 29.74
N LYS M 86 22.38 -21.65 28.52
CA LYS M 86 22.67 -22.66 27.52
C LYS M 86 24.10 -22.58 27.00
N TYR M 87 24.84 -21.51 27.33
CA TYR M 87 26.23 -21.38 26.92
C TYR M 87 27.22 -21.77 28.02
N GLY M 88 26.80 -21.76 29.27
CA GLY M 88 27.69 -22.08 30.37
C GLY M 88 27.08 -21.63 31.68
N GLU M 89 27.88 -21.74 32.73
CA GLU M 89 27.45 -21.31 34.07
C GLU M 89 27.47 -19.80 34.15
N VAL M 90 26.33 -19.21 34.49
CA VAL M 90 26.19 -17.76 34.60
C VAL M 90 26.47 -17.38 36.05
N GLU M 91 27.62 -16.72 36.27
CA GLU M 91 27.96 -16.29 37.62
C GLU M 91 27.18 -15.05 38.05
N GLN M 92 27.00 -14.10 37.13
CA GLN M 92 26.25 -12.89 37.46
C GLN M 92 25.69 -12.28 36.19
N LEU M 93 24.49 -11.69 36.32
CA LEU M 93 23.80 -11.04 35.22
C LEU M 93 23.39 -9.65 35.67
N VAL M 94 23.88 -8.63 34.96
CA VAL M 94 23.65 -7.23 35.31
C VAL M 94 23.00 -6.53 34.14
N VAL M 95 21.94 -5.79 34.41
CA VAL M 95 21.21 -5.03 33.39
C VAL M 95 21.27 -3.56 33.80
N CYS M 96 21.78 -2.71 32.92
CA CYS M 96 21.98 -1.30 33.23
C CYS M 96 20.75 -0.49 32.84
N ASP M 97 20.28 0.35 33.76
CA ASP M 97 19.13 1.22 33.53
C ASP M 97 19.54 2.65 33.21
N ASN M 98 20.77 2.86 32.77
CA ASN M 98 21.24 4.19 32.43
C ASN M 98 20.66 4.63 31.09
N VAL M 99 20.85 5.91 30.77
CA VAL M 99 20.38 6.46 29.51
C VAL M 99 21.50 6.99 28.63
N GLY M 100 22.73 7.08 29.13
CA GLY M 100 23.82 7.52 28.27
C GLY M 100 23.97 6.62 27.06
N ASP M 101 24.33 7.23 25.92
CA ASP M 101 24.33 6.51 24.64
C ASP M 101 25.25 5.32 24.62
N HIS M 102 26.18 5.23 25.57
CA HIS M 102 27.21 4.20 25.53
C HIS M 102 26.86 2.94 26.29
N LEU M 103 26.06 3.04 27.35
CA LEU M 103 25.80 1.89 28.20
C LEU M 103 24.30 1.67 28.44
N VAL M 104 23.43 2.46 27.79
CA VAL M 104 21.99 2.37 28.04
C VAL M 104 21.49 0.98 27.67
N GLY M 105 20.80 0.34 28.61
CA GLY M 105 20.24 -0.98 28.38
C GLY M 105 21.27 -2.06 28.15
N ASN M 106 22.51 -1.85 28.60
CA ASN M 106 23.54 -2.86 28.45
C ASN M 106 23.26 -4.04 29.37
N VAL M 107 23.50 -5.24 28.86
CA VAL M 107 23.31 -6.48 29.60
C VAL M 107 24.65 -7.18 29.65
N TYR M 108 25.25 -7.23 30.84
CA TYR M 108 26.52 -7.91 31.07
C TYR M 108 26.27 -9.29 31.66
N VAL M 109 27.04 -10.27 31.19
CA VAL M 109 26.93 -11.65 31.65
C VAL M 109 28.33 -12.16 31.92
N ARG M 110 28.58 -12.55 33.17
CA ARG M 110 29.86 -13.11 33.57
C ARG M 110 29.72 -14.63 33.67
N PHE M 111 30.45 -15.35 32.83
CA PHE M 111 30.47 -16.80 32.88
C PHE M 111 31.57 -17.30 33.81
N LYS M 112 31.55 -18.61 34.08
CA LYS M 112 32.58 -19.19 34.93
C LYS M 112 33.85 -19.47 34.15
N TYR M 113 33.73 -19.89 32.89
CA TYR M 113 34.86 -20.21 32.04
C TYR M 113 34.88 -19.27 30.84
N GLU M 114 36.10 -18.94 30.40
CA GLU M 114 36.23 -18.03 29.26
C GLU M 114 35.74 -18.66 27.96
N GLU M 115 35.81 -19.99 27.86
CA GLU M 115 35.32 -20.65 26.64
C GLU M 115 33.81 -20.52 26.50
N SER M 116 33.07 -20.52 27.61
CA SER M 116 31.64 -20.31 27.53
C SER M 116 31.31 -18.91 27.03
N ALA M 117 32.13 -17.93 27.39
CA ALA M 117 31.89 -16.56 26.94
C ALA M 117 32.15 -16.42 25.45
N GLN M 118 33.20 -17.06 24.95
CA GLN M 118 33.50 -16.99 23.52
C GLN M 118 32.45 -17.73 22.71
N ASN M 119 31.97 -18.87 23.20
CA ASN M 119 30.91 -19.60 22.53
C ASN M 119 29.61 -18.81 22.51
N ALA M 120 29.39 -17.97 23.52
CA ALA M 120 28.17 -17.18 23.58
C ALA M 120 28.14 -16.09 22.51
N ILE M 121 29.23 -15.31 22.41
CA ILE M 121 29.24 -14.22 21.45
C ILE M 121 29.24 -14.74 20.02
N ASP M 122 29.79 -15.93 19.78
CA ASP M 122 29.79 -16.49 18.43
C ASP M 122 28.38 -16.85 17.98
N ASP M 123 27.53 -17.28 18.91
CA ASP M 123 26.15 -17.65 18.59
C ASP M 123 25.19 -16.47 18.70
N LEU M 124 25.39 -15.60 19.69
CA LEU M 124 24.47 -14.48 19.88
C LEU M 124 24.53 -13.49 18.73
N ASN M 125 25.72 -13.27 18.17
CA ASN M 125 25.89 -12.30 17.09
C ASN M 125 25.20 -12.73 15.80
N SER M 126 24.55 -13.89 15.77
CA SER M 126 23.76 -14.31 14.62
C SER M 126 22.30 -14.53 14.98
N ARG M 127 21.88 -14.16 16.19
CA ARG M 127 20.52 -14.35 16.66
C ARG M 127 19.79 -13.02 16.76
N TRP M 128 18.49 -13.12 17.04
CA TRP M 128 17.63 -11.97 17.20
C TRP M 128 16.97 -12.00 18.57
N TYR M 129 16.61 -10.82 19.07
CA TYR M 129 15.81 -10.72 20.28
C TYR M 129 14.86 -9.54 20.13
N SER M 130 13.56 -9.82 20.18
CA SER M 130 12.50 -8.80 20.12
C SER M 130 12.68 -7.93 18.88
N GLN M 131 12.76 -8.58 17.71
CA GLN M 131 12.81 -7.91 16.42
C GLN M 131 14.01 -6.99 16.28
N ARG M 132 15.12 -7.34 16.93
CA ARG M 132 16.36 -6.57 16.85
C ARG M 132 17.55 -7.51 16.86
N PRO M 133 18.54 -7.27 16.00
CA PRO M 133 19.74 -8.12 16.00
C PRO M 133 20.58 -7.90 17.24
N VAL M 134 21.10 -9.00 17.77
CA VAL M 134 21.87 -8.97 19.02
C VAL M 134 23.32 -8.66 18.72
N TYR M 135 23.85 -7.65 19.39
CA TYR M 135 25.28 -7.34 19.37
C TYR M 135 25.92 -7.96 20.61
N ALA M 136 26.98 -8.73 20.41
CA ALA M 136 27.68 -9.40 21.51
C ALA M 136 29.17 -9.22 21.34
N GLU M 137 29.85 -8.97 22.45
CA GLU M 137 31.30 -8.81 22.45
C GLU M 137 31.82 -9.14 23.84
N LEU M 138 33.11 -9.47 23.90
CA LEU M 138 33.74 -9.74 25.19
C LEU M 138 33.96 -8.44 25.94
N SER M 139 33.64 -8.45 27.23
CA SER M 139 33.78 -7.24 28.03
C SER M 139 34.91 -7.39 29.05
N PRO M 140 35.71 -6.34 29.26
CA PRO M 140 36.76 -6.41 30.27
C PRO M 140 36.29 -6.27 31.71
N VAL M 141 34.98 -6.17 31.93
CA VAL M 141 34.46 -6.03 33.29
C VAL M 141 34.70 -7.32 34.05
N THR M 142 35.24 -7.20 35.26
CA THR M 142 35.51 -8.35 36.12
C THR M 142 34.71 -8.28 37.42
N ASP M 143 34.93 -7.24 38.23
CA ASP M 143 34.21 -7.06 39.48
C ASP M 143 33.13 -6.00 39.25
N PHE M 144 31.86 -6.40 39.35
CA PHE M 144 30.78 -5.45 39.16
C PHE M 144 30.67 -4.47 40.31
N ARG M 145 31.20 -4.81 41.49
CA ARG M 145 31.22 -3.84 42.58
C ARG M 145 32.13 -2.67 42.24
N GLU M 146 33.17 -2.93 41.46
CA GLU M 146 34.07 -1.89 40.97
C GLU M 146 33.49 -1.13 39.79
N ALA M 147 32.35 -1.59 39.25
CA ALA M 147 31.69 -0.93 38.13
C ALA M 147 30.35 -0.31 38.49
N CYS M 148 29.78 -0.64 39.64
CA CYS M 148 28.50 -0.08 40.04
C CYS M 148 28.69 1.27 40.72
N CYS M 149 27.66 2.11 40.62
CA CYS M 149 27.71 3.45 41.20
C CYS M 149 27.49 3.37 42.70
N ARG M 150 28.38 4.02 43.46
CA ARG M 150 28.29 3.98 44.91
C ARG M 150 27.10 4.78 45.41
N GLN M 151 26.92 5.99 44.87
CA GLN M 151 25.83 6.85 45.30
C GLN M 151 24.47 6.35 44.84
N HIS M 152 24.42 5.34 43.97
CA HIS M 152 23.14 4.78 43.56
C HIS M 152 22.66 3.65 44.47
N GLU M 153 23.57 2.92 45.11
CA GLU M 153 23.16 1.88 46.05
C GLU M 153 22.56 2.50 47.30
N THR M 154 23.34 3.33 48.00
CA THR M 154 22.86 4.12 49.12
C THR M 154 22.38 5.45 48.56
N SER M 155 21.07 5.73 48.70
CA SER M 155 20.48 6.94 48.15
C SER M 155 20.65 6.95 46.64
N GLU M 156 20.25 8.03 45.98
CA GLU M 156 20.40 8.13 44.53
C GLU M 156 21.53 9.10 44.21
N CYS M 157 22.22 8.82 43.11
CA CYS M 157 23.31 9.66 42.62
C CYS M 157 22.72 10.86 41.89
N GLN M 158 23.24 12.05 42.18
CA GLN M 158 22.73 13.28 41.58
C GLN M 158 22.93 13.31 40.08
N ARG M 159 23.72 12.40 39.51
CA ARG M 159 23.94 12.39 38.06
C ARG M 159 22.75 11.82 37.30
N GLY M 160 21.86 11.08 37.97
CA GLY M 160 20.69 10.55 37.33
C GLY M 160 21.01 9.40 36.37
N GLY M 161 20.14 9.22 35.38
CA GLY M 161 20.33 8.17 34.40
C GLY M 161 21.52 8.36 33.50
N LEU M 162 22.09 9.56 33.46
CA LEU M 162 23.26 9.85 32.65
C LEU M 162 24.56 9.55 33.36
N CYS M 163 24.50 8.86 34.51
CA CYS M 163 25.70 8.46 35.23
C CYS M 163 26.53 7.51 34.39
N ASN M 164 27.85 7.70 34.43
CA ASN M 164 28.77 6.87 33.66
C ASN M 164 29.09 5.55 34.34
N PHE M 165 28.63 5.33 35.57
CA PHE M 165 28.74 4.05 36.24
C PHE M 165 27.43 3.28 36.10
N MET M 166 27.51 1.98 36.35
CA MET M 166 26.36 1.10 36.13
C MET M 166 25.25 1.39 37.14
N HIS M 167 24.06 1.69 36.63
CA HIS M 167 22.85 1.76 37.45
C HIS M 167 22.06 0.49 37.21
N ALA M 168 22.48 -0.58 37.89
CA ALA M 168 21.90 -1.90 37.66
C ALA M 168 20.44 -1.91 38.08
N LYS M 169 19.58 -2.44 37.21
CA LYS M 169 18.18 -2.65 37.51
C LYS M 169 18.04 -4.06 38.09
N LYS M 170 17.70 -4.14 39.37
CA LYS M 170 17.67 -5.45 40.00
C LYS M 170 16.30 -6.09 39.85
N PRO M 171 16.25 -7.39 39.59
CA PRO M 171 14.97 -8.11 39.57
C PRO M 171 14.52 -8.37 41.00
N SER M 172 13.36 -9.03 41.11
CA SER M 172 12.89 -9.41 42.44
C SER M 172 13.87 -10.42 43.04
N PRO M 173 14.19 -10.30 44.32
CA PRO M 173 15.14 -11.25 44.93
C PRO M 173 14.66 -12.69 44.89
N GLN M 174 13.35 -12.94 44.95
CA GLN M 174 12.85 -14.30 44.86
C GLN M 174 13.16 -14.91 43.50
N LEU M 175 12.96 -14.15 42.42
CA LEU M 175 13.26 -14.66 41.09
C LEU M 175 14.75 -14.92 40.91
N LEU M 176 15.59 -14.02 41.42
CA LEU M 176 17.04 -14.23 41.32
C LEU M 176 17.46 -15.48 42.08
N ARG M 177 16.89 -15.71 43.26
CA ARG M 177 17.20 -16.92 44.01
C ARG M 177 16.67 -18.15 43.29
N ASP M 178 15.44 -18.08 42.77
CA ASP M 178 14.88 -19.20 42.03
C ASP M 178 15.71 -19.51 40.79
N LEU M 179 16.35 -18.50 40.20
CA LEU M 179 17.18 -18.72 39.02
C LEU M 179 18.49 -19.40 39.40
N VAL M 180 19.09 -18.98 40.51
CA VAL M 180 20.34 -19.60 40.95
C VAL M 180 20.09 -21.04 41.36
N LEU M 181 18.95 -21.31 42.01
CA LEU M 181 18.62 -22.68 42.36
C LEU M 181 18.34 -23.52 41.11
N ALA M 182 17.70 -22.92 40.11
CA ALA M 182 17.46 -23.63 38.86
C ALA M 182 18.76 -23.92 38.12
N GLN M 183 19.72 -22.98 38.17
CA GLN M 183 21.00 -23.23 37.52
C GLN M 183 21.84 -24.22 38.31
N ARG M 184 21.80 -24.14 39.64
CA ARG M 184 22.53 -25.11 40.46
C ARG M 184 21.97 -26.51 40.27
N LYS M 185 20.65 -26.62 40.11
CA LYS M 185 20.04 -27.91 39.82
C LYS M 185 20.44 -28.39 38.43
N TYR M 186 20.37 -27.51 37.43
CA TYR M 186 20.78 -27.88 36.08
C TYR M 186 22.24 -28.29 36.04
N LEU M 187 23.09 -27.59 36.80
CA LEU M 187 24.51 -27.92 36.82
C LEU M 187 24.79 -29.18 37.63
N ALA M 188 24.00 -29.45 38.67
CA ALA M 188 24.21 -30.67 39.46
C ALA M 188 23.86 -31.91 38.65
N LEU M 189 22.77 -31.85 37.87
CA LEU M 189 22.43 -32.99 37.02
C LEU M 189 23.44 -33.16 35.88
N ASN M 190 24.03 -32.07 35.41
CA ASN M 190 25.09 -32.16 34.41
C ASN M 190 26.45 -32.40 35.06
N ALA M 191 26.47 -33.14 36.15
CA ALA M 191 27.71 -33.54 36.79
C ALA M 191 27.83 -35.05 36.97
N ALA M 192 26.70 -35.74 37.16
CA ALA M 192 26.73 -37.20 37.24
C ALA M 192 27.04 -37.81 35.88
N GLU M 193 26.67 -37.13 34.80
CA GLU M 193 26.90 -37.61 33.46
C GLU M 193 28.39 -37.58 33.11
N SER N 16 34.33 -36.62 45.85
CA SER N 16 33.69 -35.52 45.14
C SER N 16 32.27 -35.90 44.71
N VAL N 17 32.07 -37.17 44.38
CA VAL N 17 30.76 -37.63 43.96
C VAL N 17 29.78 -37.61 45.13
N ARG N 18 30.28 -37.84 46.35
CA ARG N 18 29.41 -37.73 47.52
C ARG N 18 28.94 -36.30 47.73
N SER N 19 29.81 -35.33 47.44
CA SER N 19 29.40 -33.92 47.52
C SER N 19 28.44 -33.55 46.40
N ILE N 20 28.42 -34.32 45.31
CA ILE N 20 27.48 -34.06 44.23
C ILE N 20 26.06 -34.38 44.66
N GLU N 21 25.84 -35.64 45.08
CA GLU N 21 24.49 -36.09 45.39
C GLU N 21 23.91 -35.42 46.64
N GLN N 22 24.76 -34.90 47.53
CA GLN N 22 24.24 -34.15 48.67
C GLN N 22 23.59 -32.85 48.22
N GLU N 23 24.20 -32.17 47.24
CA GLU N 23 23.59 -30.95 46.70
C GLU N 23 22.25 -31.26 46.04
N LEU N 24 22.16 -32.38 45.33
CA LEU N 24 20.89 -32.79 44.73
C LEU N 24 19.83 -32.96 45.81
N GLU N 25 20.22 -33.44 46.99
CA GLU N 25 19.27 -33.65 48.07
C GLU N 25 18.68 -32.34 48.56
N GLN N 26 19.47 -31.26 48.53
CA GLN N 26 18.95 -29.95 48.89
C GLN N 26 18.03 -29.40 47.81
N LEU N 27 18.21 -29.86 46.56
CA LEU N 27 17.46 -29.41 45.40
C LEU N 27 16.47 -30.46 44.91
N ARG N 28 15.81 -31.16 45.83
CA ARG N 28 14.90 -32.22 45.45
C ARG N 28 13.63 -31.70 44.77
N ASP N 29 13.13 -30.52 45.17
CA ASP N 29 11.87 -30.00 44.64
C ASP N 29 12.06 -28.75 43.78
N VAL N 30 13.17 -28.66 43.05
CA VAL N 30 13.41 -27.56 42.13
C VAL N 30 13.71 -28.13 40.74
N THR N 31 13.25 -27.41 39.71
CA THR N 31 13.37 -27.72 38.30
C THR N 31 14.64 -27.09 37.71
N PRO N 32 15.39 -27.84 36.91
CA PRO N 32 16.57 -27.27 36.24
C PRO N 32 16.18 -26.16 35.27
N ILE N 33 17.16 -25.28 35.01
CA ILE N 33 16.88 -24.06 34.25
C ILE N 33 16.67 -24.37 32.77
N ASN N 34 17.26 -25.45 32.25
CA ASN N 34 17.10 -25.76 30.84
C ASN N 34 15.70 -26.26 30.50
N GLN N 35 14.91 -26.65 31.51
CA GLN N 35 13.54 -27.10 31.31
C GLN N 35 12.51 -26.00 31.52
N TRP N 36 12.74 -25.12 32.50
CA TRP N 36 11.87 -23.98 32.82
C TRP N 36 11.03 -23.51 31.64
N LYS N 37 9.71 -23.58 31.78
CA LYS N 37 8.82 -23.16 30.71
C LYS N 37 8.83 -21.63 30.63
N ARG N 38 9.33 -21.10 29.52
CA ARG N 38 9.42 -19.67 29.30
C ARG N 38 8.25 -19.23 28.43
N LYS N 39 7.26 -18.62 29.06
CA LYS N 39 6.11 -18.09 28.35
C LYS N 39 6.44 -16.72 27.79
N ARG N 40 6.13 -16.51 26.51
CA ARG N 40 6.39 -15.25 25.81
C ARG N 40 7.87 -14.90 25.87
N SER N 41 8.69 -15.78 25.30
CA SER N 41 10.12 -15.56 25.16
C SER N 41 10.38 -14.84 23.85
N LEU N 42 11.05 -13.69 23.93
CA LEU N 42 11.25 -12.83 22.77
C LEU N 42 12.52 -13.16 21.98
N TRP N 43 13.16 -14.30 22.27
CA TRP N 43 14.37 -14.67 21.57
C TRP N 43 14.05 -15.17 20.16
N ASP N 44 14.97 -14.89 19.23
CA ASP N 44 14.92 -15.33 17.84
C ASP N 44 13.72 -14.77 17.09
N ILE N 45 12.99 -13.83 17.67
CA ILE N 45 11.84 -13.21 17.01
C ILE N 45 12.34 -12.11 16.08
N LYS N 46 12.09 -12.25 14.79
CA LYS N 46 12.48 -11.28 13.79
C LYS N 46 11.29 -10.41 13.41
N PRO N 47 11.53 -9.20 12.92
CA PRO N 47 10.41 -8.36 12.47
C PRO N 47 9.74 -8.96 11.25
N PRO N 48 8.49 -8.60 10.98
CA PRO N 48 7.78 -9.20 9.84
C PRO N 48 8.46 -8.87 8.52
N GLY N 49 8.55 -9.88 7.65
CA GLY N 49 9.21 -9.74 6.37
C GLY N 49 10.68 -10.10 6.37
N TYR N 50 11.30 -10.25 7.54
CA TYR N 50 12.73 -10.51 7.68
C TYR N 50 13.06 -11.99 7.71
N GLU N 51 12.25 -12.83 7.08
CA GLU N 51 12.49 -14.28 7.10
C GLU N 51 13.82 -14.64 6.45
N LEU N 52 14.22 -13.90 5.42
CA LEU N 52 15.45 -14.19 4.70
C LEU N 52 16.60 -13.27 5.10
N VAL N 53 16.37 -12.36 6.04
CA VAL N 53 17.42 -11.44 6.50
C VAL N 53 18.12 -12.08 7.70
N THR N 54 19.44 -12.22 7.61
CA THR N 54 20.23 -12.70 8.73
C THR N 54 20.55 -11.55 9.68
N ALA N 55 20.99 -11.92 10.89
CA ALA N 55 21.36 -10.91 11.87
C ALA N 55 22.53 -10.07 11.38
N ASP N 56 23.46 -10.67 10.64
CA ASP N 56 24.61 -9.92 10.13
C ASP N 56 24.16 -8.91 9.08
N GLN N 57 23.20 -9.28 8.23
CA GLN N 57 22.70 -8.36 7.22
C GLN N 57 21.97 -7.17 7.85
N ALA N 58 21.36 -7.36 9.02
CA ALA N 58 20.70 -6.25 9.69
C ALA N 58 21.73 -5.28 10.27
N LYS N 59 22.84 -5.80 10.77
CA LYS N 59 23.89 -4.93 11.31
C LYS N 59 24.56 -4.13 10.20
N MET N 60 24.76 -4.74 9.03
CA MET N 60 25.42 -4.05 7.93
C MET N 60 24.52 -3.01 7.26
N SER N 61 23.20 -3.15 7.39
CA SER N 61 22.30 -2.21 6.72
C SER N 61 22.28 -0.85 7.40
N GLY N 62 22.59 -0.80 8.70
CA GLY N 62 22.52 0.44 9.43
C GLY N 62 21.14 0.80 9.94
N VAL N 63 20.13 -0.03 9.67
CA VAL N 63 18.78 0.23 10.13
C VAL N 63 18.62 -0.12 11.61
N PHE N 64 19.55 -0.90 12.17
CA PHE N 64 19.54 -1.27 13.58
C PHE N 64 20.88 -0.86 14.19
N PRO N 65 21.12 0.44 14.36
CA PRO N 65 22.38 0.89 14.93
C PRO N 65 22.32 1.03 16.44
N LEU N 66 23.47 0.84 17.06
CA LEU N 66 23.58 1.09 18.49
C LEU N 66 23.54 2.59 18.75
N PRO N 67 23.04 3.01 19.92
CA PRO N 67 22.97 4.45 20.21
C PRO N 67 24.36 5.07 20.19
N GLY N 68 24.52 6.09 19.34
CA GLY N 68 25.78 6.79 19.22
C GLY N 68 26.50 6.48 17.92
N ALA P 2 20.96 -37.92 23.06
CA ALA P 2 21.63 -37.74 21.78
C ALA P 2 21.58 -39.02 20.95
N SER P 3 20.47 -39.73 21.04
CA SER P 3 20.30 -40.99 20.33
C SER P 3 19.77 -40.81 18.91
N HIS P 4 19.09 -39.70 18.62
CA HIS P 4 18.51 -39.47 17.31
C HIS P 4 18.29 -37.98 17.12
N LEU P 5 18.08 -37.59 15.87
CA LEU P 5 17.85 -36.19 15.53
C LEU P 5 16.41 -35.79 15.82
N ALA P 6 16.24 -34.72 16.60
CA ALA P 6 14.91 -34.21 16.90
C ALA P 6 14.39 -33.39 15.73
N SER P 7 13.16 -33.65 15.33
CA SER P 7 12.52 -32.98 14.21
C SER P 7 11.33 -32.16 14.70
N ILE P 8 10.76 -31.38 13.78
CA ILE P 8 9.53 -30.63 14.03
C ILE P 8 8.49 -30.86 12.95
N TYR P 9 8.76 -31.69 11.96
CA TYR P 9 7.81 -31.92 10.88
C TYR P 9 6.51 -32.52 11.42
N GLY P 10 5.39 -31.97 10.96
CA GLY P 10 4.08 -32.43 11.39
C GLY P 10 3.60 -31.89 12.71
N THR P 11 4.43 -31.13 13.43
CA THR P 11 4.06 -30.58 14.72
C THR P 11 3.55 -29.15 14.55
N GLU P 12 3.05 -28.59 15.66
CA GLU P 12 2.58 -27.20 15.64
C GLU P 12 3.73 -26.20 15.56
N GLN P 13 4.97 -26.65 15.71
CA GLN P 13 6.13 -25.79 15.49
C GLN P 13 6.59 -25.79 14.04
N ASP P 14 6.09 -26.72 13.22
CA ASP P 14 6.34 -26.70 11.78
C ASP P 14 5.56 -25.53 11.19
N LYS P 15 6.27 -24.45 10.89
CA LYS P 15 5.64 -23.23 10.40
C LYS P 15 5.25 -23.32 8.92
N VAL P 16 5.53 -24.43 8.25
CA VAL P 16 5.24 -24.58 6.83
C VAL P 16 4.10 -25.57 6.60
N ASN P 17 4.23 -26.78 7.15
CA ASN P 17 3.16 -27.76 7.04
C ASN P 17 2.11 -27.54 8.12
N CYS P 18 0.85 -27.75 7.77
CA CYS P 18 -0.25 -27.63 8.72
C CYS P 18 -0.32 -28.88 9.58
N SER P 19 -0.07 -28.72 10.89
CA SER P 19 -0.09 -29.87 11.78
C SER P 19 -1.47 -30.50 11.85
N PHE P 20 -2.53 -29.69 11.76
CA PHE P 20 -3.88 -30.22 11.93
C PHE P 20 -4.30 -31.04 10.72
N TYR P 21 -3.95 -30.60 9.51
CA TYR P 21 -4.27 -31.40 8.33
C TYR P 21 -3.40 -32.65 8.26
N TYR P 22 -2.16 -32.57 8.74
CA TYR P 22 -1.27 -33.73 8.70
C TYR P 22 -1.72 -34.83 9.65
N LYS P 23 -2.30 -34.47 10.79
CA LYS P 23 -2.71 -35.42 11.81
C LYS P 23 -4.19 -35.77 11.71
N ILE P 24 -5.05 -34.78 11.52
CA ILE P 24 -6.50 -34.98 11.53
C ILE P 24 -7.10 -35.08 10.14
N GLY P 25 -6.37 -34.72 9.09
CA GLY P 25 -6.94 -34.76 7.75
C GLY P 25 -7.96 -33.69 7.46
N ALA P 26 -8.08 -32.68 8.32
CA ALA P 26 -9.03 -31.61 8.15
C ALA P 26 -8.56 -30.40 8.94
N CYS P 27 -8.71 -29.22 8.35
CA CYS P 27 -8.28 -27.97 8.97
C CYS P 27 -9.41 -26.96 8.96
N ARG P 28 -9.50 -26.18 10.04
CA ARG P 28 -10.57 -25.20 10.17
C ARG P 28 -10.48 -24.13 9.08
N HIS P 29 -9.29 -23.90 8.54
CA HIS P 29 -9.08 -22.86 7.54
C HIS P 29 -9.29 -23.36 6.11
N GLY P 30 -9.26 -24.67 5.90
CA GLY P 30 -9.53 -25.20 4.58
C GLY P 30 -8.44 -24.85 3.59
N GLU P 31 -8.86 -24.46 2.38
CA GLU P 31 -7.90 -24.14 1.32
C GLU P 31 -7.23 -22.79 1.52
N ARG P 32 -7.78 -21.93 2.38
CA ARG P 32 -7.19 -20.63 2.68
C ARG P 32 -6.24 -20.69 3.87
N CYS P 33 -5.67 -21.85 4.14
CA CYS P 33 -4.80 -22.02 5.30
C CYS P 33 -3.40 -21.48 5.01
N SER P 34 -2.80 -20.84 6.02
CA SER P 34 -1.47 -20.29 5.86
C SER P 34 -0.40 -21.37 5.76
N ARG P 35 -0.70 -22.59 6.18
CA ARG P 35 0.26 -23.68 6.14
C ARG P 35 -0.14 -24.71 5.09
N LYS P 36 0.83 -25.55 4.73
CA LYS P 36 0.67 -26.46 3.60
C LYS P 36 -0.21 -27.66 3.98
N HIS P 37 -1.10 -28.03 3.06
CA HIS P 37 -1.94 -29.22 3.19
C HIS P 37 -1.49 -30.21 2.13
N VAL P 38 -0.59 -31.11 2.51
CA VAL P 38 -0.04 -32.08 1.57
C VAL P 38 -1.05 -33.21 1.43
N LYS P 39 -1.61 -33.34 0.22
CA LYS P 39 -2.61 -34.38 -0.04
C LYS P 39 -1.90 -35.63 -0.54
N PRO P 40 -1.98 -36.75 0.18
CA PRO P 40 -1.19 -37.93 -0.21
C PRO P 40 -1.72 -38.58 -1.47
N ASN P 41 -0.80 -39.03 -2.32
CA ASN P 41 -1.17 -39.80 -3.50
C ASN P 41 -1.37 -41.27 -3.18
N PHE P 42 -0.72 -41.77 -2.14
CA PHE P 42 -0.90 -43.13 -1.66
C PHE P 42 -1.21 -43.07 -0.17
N SER P 43 -2.25 -43.78 0.26
CA SER P 43 -2.62 -43.81 1.67
C SER P 43 -3.52 -45.01 1.91
N GLN P 44 -3.53 -45.46 3.17
CA GLN P 44 -4.44 -46.50 3.61
C GLN P 44 -5.77 -45.94 4.11
N THR P 45 -5.84 -44.65 4.38
CA THR P 45 -7.02 -44.02 4.96
C THR P 45 -7.70 -43.12 3.94
N ILE P 46 -9.04 -43.18 3.91
CA ILE P 46 -9.86 -42.37 3.03
C ILE P 46 -10.75 -41.47 3.89
N LEU P 47 -11.22 -40.37 3.28
CA LEU P 47 -12.05 -39.39 3.96
C LEU P 47 -13.29 -39.09 3.15
N CYS P 48 -14.46 -39.16 3.81
CA CYS P 48 -15.74 -38.77 3.23
C CYS P 48 -16.32 -37.64 4.07
N PRO P 49 -16.08 -36.39 3.71
CA PRO P 49 -16.54 -35.28 4.56
C PRO P 49 -18.06 -35.10 4.48
N ASN P 50 -18.61 -34.58 5.58
CA ASN P 50 -20.04 -34.26 5.68
C ASN P 50 -20.92 -35.46 5.34
N MET P 51 -20.53 -36.63 5.84
CA MET P 51 -21.27 -37.85 5.58
C MET P 51 -22.30 -38.18 6.67
N TYR P 52 -21.97 -37.94 7.93
CA TYR P 52 -22.81 -38.29 9.06
C TYR P 52 -23.56 -37.06 9.57
N LYS P 53 -24.89 -37.11 9.53
CA LYS P 53 -25.74 -36.06 10.08
C LYS P 53 -26.33 -36.54 11.40
N ASN P 54 -25.68 -36.15 12.50
CA ASN P 54 -26.17 -36.50 13.84
C ASN P 54 -27.47 -35.77 14.13
N PRO P 55 -28.57 -36.48 14.42
CA PRO P 55 -29.85 -35.79 14.70
C PRO P 55 -29.83 -34.89 15.93
N ILE P 56 -28.96 -35.13 16.90
CA ILE P 56 -28.94 -34.36 18.15
C ILE P 56 -28.40 -32.95 17.94
N HIS P 57 -28.00 -32.63 16.71
CA HIS P 57 -27.41 -31.33 16.41
C HIS P 57 -28.41 -30.35 15.83
N GLU P 58 -29.71 -30.61 16.01
CA GLU P 58 -30.79 -29.74 15.57
C GLU P 58 -31.79 -29.62 16.69
N PRO P 59 -32.63 -28.56 16.67
CA PRO P 59 -33.57 -28.35 17.79
C PRO P 59 -34.45 -29.55 18.11
N ASN P 60 -34.86 -30.32 17.10
CA ASN P 60 -35.72 -31.48 17.30
C ASN P 60 -34.95 -32.72 17.73
N GLY P 61 -33.63 -32.60 17.90
CA GLY P 61 -32.83 -33.72 18.39
C GLY P 61 -33.43 -34.42 19.58
N LYS P 62 -33.90 -33.65 20.57
CA LYS P 62 -34.34 -34.21 21.84
C LYS P 62 -35.73 -34.84 21.77
N LYS P 63 -36.13 -35.36 20.61
CA LYS P 63 -37.39 -36.08 20.49
C LYS P 63 -37.19 -37.60 20.45
N PHE P 64 -35.98 -38.06 20.76
CA PHE P 64 -35.63 -39.47 20.66
C PHE P 64 -35.15 -39.97 22.02
N THR P 65 -35.38 -41.25 22.27
CA THR P 65 -34.90 -41.85 23.49
C THR P 65 -33.44 -42.27 23.34
N GLN P 66 -32.79 -42.58 24.46
CA GLN P 66 -31.41 -43.01 24.42
C GLN P 66 -31.26 -44.29 23.62
N ARG P 67 -32.30 -45.14 23.62
CA ARG P 67 -32.29 -46.33 22.78
C ARG P 67 -32.44 -45.98 21.31
N GLU P 68 -33.31 -45.04 20.99
CA GLU P 68 -33.53 -44.67 19.59
C GLU P 68 -32.28 -44.02 18.99
N LEU P 69 -31.61 -43.15 19.75
CA LEU P 69 -30.40 -42.52 19.25
C LEU P 69 -29.29 -43.55 19.06
N ALA P 70 -29.22 -44.54 19.94
CA ALA P 70 -28.19 -45.57 19.82
C ALA P 70 -28.47 -46.46 18.61
N GLU P 71 -29.72 -46.84 18.39
CA GLU P 71 -30.06 -47.68 17.25
C GLU P 71 -29.87 -46.93 15.93
N GLN P 72 -30.07 -45.61 15.93
CA GLN P 72 -29.91 -44.85 14.70
C GLN P 72 -28.46 -44.79 14.26
N PHE P 73 -27.54 -44.57 15.20
CA PHE P 73 -26.13 -44.52 14.83
C PHE P 73 -25.59 -45.90 14.46
N ASP P 74 -26.05 -46.94 15.17
CA ASP P 74 -25.67 -48.30 14.82
C ASP P 74 -26.07 -48.63 13.39
N ALA P 75 -27.25 -48.18 12.97
CA ALA P 75 -27.66 -48.38 11.58
C ALA P 75 -26.73 -47.66 10.62
N PHE P 76 -26.27 -46.46 11.01
CA PHE P 76 -25.35 -45.72 10.15
C PHE P 76 -23.97 -46.37 10.12
N TYR P 77 -23.43 -46.70 11.29
CA TYR P 77 -22.12 -47.34 11.34
C TYR P 77 -22.14 -48.69 10.63
N GLU P 78 -23.22 -49.45 10.79
CA GLU P 78 -23.38 -50.70 10.05
C GLU P 78 -23.47 -50.43 8.56
N ASP P 79 -24.24 -49.41 8.17
CA ASP P 79 -24.37 -49.08 6.75
C ASP P 79 -23.05 -48.61 6.16
N MET P 80 -22.21 -47.95 6.97
CA MET P 80 -20.90 -47.52 6.49
C MET P 80 -19.94 -48.70 6.37
N PHE P 81 -19.77 -49.46 7.46
CA PHE P 81 -18.78 -50.52 7.48
C PHE P 81 -19.04 -51.56 6.39
N CYS P 82 -20.29 -51.96 6.21
CA CYS P 82 -20.60 -53.00 5.23
C CYS P 82 -20.28 -52.54 3.82
N GLU P 83 -20.65 -51.30 3.47
CA GLU P 83 -20.46 -50.83 2.10
C GLU P 83 -18.98 -50.67 1.77
N PHE P 84 -18.18 -50.20 2.74
CA PHE P 84 -16.75 -50.06 2.51
C PHE P 84 -16.05 -51.42 2.41
N SER P 85 -16.65 -52.48 2.94
CA SER P 85 -16.02 -53.79 2.92
C SER P 85 -15.84 -54.33 1.52
N LYS P 86 -16.68 -53.91 0.57
CA LYS P 86 -16.55 -54.40 -0.80
C LYS P 86 -15.32 -53.86 -1.51
N TYR P 87 -14.62 -52.89 -0.92
CA TYR P 87 -13.40 -52.37 -1.52
C TYR P 87 -12.13 -52.99 -0.94
N GLY P 88 -12.19 -53.57 0.26
CA GLY P 88 -11.02 -54.16 0.86
C GLY P 88 -11.25 -54.40 2.34
N GLU P 89 -10.18 -54.83 3.02
CA GLU P 89 -10.24 -55.09 4.44
C GLU P 89 -10.24 -53.77 5.21
N VAL P 90 -11.26 -53.56 6.03
CA VAL P 90 -11.39 -52.35 6.83
C VAL P 90 -10.74 -52.58 8.19
N GLU P 91 -9.61 -51.92 8.45
CA GLU P 91 -8.94 -52.06 9.73
C GLU P 91 -9.63 -51.25 10.82
N GLN P 92 -10.09 -50.05 10.48
CA GLN P 92 -10.76 -49.20 11.48
C GLN P 92 -11.68 -48.22 10.77
N LEU P 93 -12.79 -47.92 11.42
CA LEU P 93 -13.80 -47.00 10.91
C LEU P 93 -14.11 -45.97 11.99
N VAL P 94 -13.89 -44.69 11.68
CA VAL P 94 -14.06 -43.60 12.64
C VAL P 94 -15.08 -42.61 12.07
N VAL P 95 -16.03 -42.22 12.91
CA VAL P 95 -17.07 -41.27 12.54
C VAL P 95 -16.97 -40.07 13.48
N CYS P 96 -16.84 -38.88 12.91
CA CYS P 96 -16.63 -37.67 13.68
C CYS P 96 -17.96 -37.02 14.02
N ASP P 97 -18.15 -36.67 15.29
CA ASP P 97 -19.35 -36.00 15.78
C ASP P 97 -19.15 -34.49 15.92
N ASN P 98 -18.14 -33.94 15.24
CA ASN P 98 -17.85 -32.53 15.33
C ASN P 98 -18.87 -31.71 14.53
N VAL P 99 -18.82 -30.40 14.74
CA VAL P 99 -19.69 -29.46 14.02
C VAL P 99 -18.90 -28.45 13.21
N GLY P 100 -17.57 -28.37 13.38
CA GLY P 100 -16.79 -27.46 12.57
C GLY P 100 -16.96 -27.73 11.09
N ASP P 101 -16.86 -26.65 10.30
CA ASP P 101 -17.19 -26.71 8.87
C ASP P 101 -16.34 -27.70 8.09
N HIS P 102 -15.23 -28.20 8.65
CA HIS P 102 -14.39 -29.14 7.93
C HIS P 102 -14.25 -30.49 8.62
N LEU P 103 -14.83 -30.67 9.81
CA LEU P 103 -14.89 -31.97 10.45
C LEU P 103 -16.30 -32.50 10.61
N VAL P 104 -17.32 -31.71 10.26
CA VAL P 104 -18.71 -32.12 10.53
C VAL P 104 -19.04 -33.34 9.68
N GLY P 105 -19.48 -34.40 10.35
CA GLY P 105 -19.89 -35.60 9.64
C GLY P 105 -18.79 -36.29 8.87
N ASN P 106 -17.54 -36.04 9.22
CA ASN P 106 -16.43 -36.71 8.54
C ASN P 106 -16.41 -38.19 8.88
N VAL P 107 -16.19 -39.02 7.87
CA VAL P 107 -16.10 -40.46 8.03
C VAL P 107 -14.73 -40.89 7.49
N TYR P 108 -13.85 -41.33 8.38
CA TYR P 108 -12.54 -41.82 8.01
C TYR P 108 -12.56 -43.34 7.97
N VAL P 109 -11.90 -43.91 6.96
CA VAL P 109 -11.86 -45.36 6.77
C VAL P 109 -10.42 -45.75 6.48
N ARG P 110 -9.83 -46.58 7.34
CA ARG P 110 -8.48 -47.08 7.15
C ARG P 110 -8.55 -48.51 6.62
N PHE P 111 -8.03 -48.72 5.42
CA PHE P 111 -7.95 -50.05 4.82
C PHE P 111 -6.63 -50.70 5.19
N LYS P 112 -6.51 -52.00 4.87
CA LYS P 112 -5.26 -52.70 5.13
C LYS P 112 -4.24 -52.44 4.03
N TYR P 113 -4.70 -52.33 2.78
CA TYR P 113 -3.83 -52.10 1.64
C TYR P 113 -4.15 -50.76 1.01
N GLU P 114 -3.11 -50.10 0.50
CA GLU P 114 -3.27 -48.80 -0.13
C GLU P 114 -4.08 -48.87 -1.42
N GLU P 115 -4.03 -50.00 -2.12
CA GLU P 115 -4.80 -50.14 -3.35
C GLU P 115 -6.30 -50.15 -3.08
N SER P 116 -6.72 -50.72 -1.95
CA SER P 116 -8.13 -50.71 -1.58
C SER P 116 -8.65 -49.29 -1.38
N ALA P 117 -7.80 -48.39 -0.88
CA ALA P 117 -8.22 -47.01 -0.66
C ALA P 117 -8.41 -46.27 -1.97
N GLN P 118 -7.52 -46.50 -2.94
CA GLN P 118 -7.64 -45.82 -4.23
C GLN P 118 -8.87 -46.30 -5.00
N ASN P 119 -9.16 -47.61 -4.96
CA ASN P 119 -10.35 -48.13 -5.62
C ASN P 119 -11.62 -47.58 -4.98
N ALA P 120 -11.58 -47.29 -3.68
CA ALA P 120 -12.77 -46.77 -3.00
C ALA P 120 -13.11 -45.36 -3.46
N ILE P 121 -12.13 -44.46 -3.46
CA ILE P 121 -12.41 -43.07 -3.82
C ILE P 121 -12.77 -42.96 -5.30
N ASP P 122 -12.24 -43.86 -6.14
CA ASP P 122 -12.58 -43.81 -7.55
C ASP P 122 -14.03 -44.18 -7.79
N ASP P 123 -14.59 -45.07 -6.97
CA ASP P 123 -15.98 -45.49 -7.08
C ASP P 123 -16.93 -44.62 -6.27
N LEU P 124 -16.50 -44.19 -5.08
CA LEU P 124 -17.37 -43.41 -4.21
C LEU P 124 -17.66 -42.04 -4.80
N ASN P 125 -16.69 -41.43 -5.47
CA ASN P 125 -16.88 -40.09 -6.03
C ASN P 125 -17.90 -40.06 -7.16
N SER P 126 -18.49 -41.20 -7.53
CA SER P 126 -19.55 -41.25 -8.53
C SER P 126 -20.85 -41.82 -7.95
N ARG P 127 -20.92 -42.03 -6.65
CA ARG P 127 -22.09 -42.61 -5.99
C ARG P 127 -22.80 -41.56 -5.16
N TRP P 128 -23.96 -41.97 -4.62
CA TRP P 128 -24.78 -41.12 -3.78
C TRP P 128 -25.00 -41.78 -2.43
N TYR P 129 -25.22 -40.95 -1.40
CA TYR P 129 -25.61 -41.44 -0.09
C TYR P 129 -26.58 -40.45 0.54
N SER P 130 -27.77 -40.93 0.87
CA SER P 130 -28.79 -40.14 1.56
C SER P 130 -29.07 -38.83 0.82
N GLN P 131 -29.38 -38.95 -0.47
CA GLN P 131 -29.79 -37.84 -1.31
C GLN P 131 -28.70 -36.76 -1.42
N ARG P 132 -27.43 -37.17 -1.33
CA ARG P 132 -26.31 -36.24 -1.46
C ARG P 132 -25.16 -36.97 -2.14
N PRO P 133 -24.46 -36.32 -3.09
CA PRO P 133 -23.32 -36.97 -3.72
C PRO P 133 -22.15 -37.10 -2.75
N VAL P 134 -21.48 -38.24 -2.82
CA VAL P 134 -20.40 -38.56 -1.89
C VAL P 134 -19.09 -37.98 -2.41
N TYR P 135 -18.40 -37.22 -1.55
CA TYR P 135 -17.05 -36.76 -1.82
C TYR P 135 -16.06 -37.68 -1.11
N ALA P 136 -15.09 -38.21 -1.85
CA ALA P 136 -14.10 -39.10 -1.29
C ALA P 136 -12.71 -38.74 -1.80
N GLU P 137 -11.73 -38.78 -0.91
CA GLU P 137 -10.34 -38.52 -1.28
C GLU P 137 -9.44 -39.19 -0.25
N LEU P 138 -8.19 -39.39 -0.64
CA LEU P 138 -7.21 -40.00 0.25
C LEU P 138 -6.81 -39.01 1.35
N SER P 139 -6.75 -39.52 2.59
CA SER P 139 -6.44 -38.72 3.76
C SER P 139 -5.08 -39.10 4.32
N PRO P 140 -4.29 -38.11 4.78
CA PRO P 140 -2.99 -38.41 5.37
C PRO P 140 -3.05 -38.97 6.78
N VAL P 141 -4.25 -39.22 7.32
CA VAL P 141 -4.38 -39.74 8.68
C VAL P 141 -3.81 -41.15 8.73
N THR P 142 -2.96 -41.40 9.72
CA THR P 142 -2.39 -42.72 9.95
C THR P 142 -2.77 -43.28 11.30
N ASP P 143 -2.39 -42.61 12.39
CA ASP P 143 -2.72 -43.03 13.74
C ASP P 143 -3.87 -42.16 14.25
N PHE P 144 -5.02 -42.79 14.48
CA PHE P 144 -6.18 -42.04 14.96
C PHE P 144 -5.99 -41.55 16.39
N ARG P 145 -5.07 -42.16 17.15
CA ARG P 145 -4.80 -41.68 18.50
C ARG P 145 -4.22 -40.28 18.49
N GLU P 146 -3.42 -39.94 17.48
CA GLU P 146 -2.87 -38.60 17.35
C GLU P 146 -3.85 -37.61 16.75
N ALA P 147 -5.02 -38.05 16.31
CA ALA P 147 -6.02 -37.17 15.74
C ALA P 147 -7.25 -37.01 16.61
N CYS P 148 -7.44 -37.88 17.59
CA CYS P 148 -8.59 -37.80 18.49
C CYS P 148 -8.28 -36.86 19.65
N CYS P 149 -9.33 -36.25 20.19
CA CYS P 149 -9.19 -35.35 21.32
C CYS P 149 -9.01 -36.16 22.60
N ARG P 150 -7.97 -35.84 23.37
CA ARG P 150 -7.71 -36.59 24.59
C ARG P 150 -8.75 -36.27 25.65
N GLN P 151 -9.10 -34.99 25.79
CA GLN P 151 -10.08 -34.55 26.78
C GLN P 151 -11.49 -35.04 26.47
N HIS P 152 -11.71 -35.67 25.32
CA HIS P 152 -13.01 -36.20 24.95
C HIS P 152 -13.26 -37.61 25.49
N GLU P 153 -12.21 -38.36 25.82
CA GLU P 153 -12.39 -39.67 26.44
C GLU P 153 -13.06 -39.53 27.80
N THR P 154 -12.56 -38.62 28.64
CA THR P 154 -13.19 -38.35 29.93
C THR P 154 -14.34 -37.36 29.82
N SER P 155 -14.74 -36.99 28.60
CA SER P 155 -15.86 -36.07 28.36
C SER P 155 -15.62 -34.71 28.99
N GLU P 156 -14.36 -34.31 29.12
CA GLU P 156 -14.00 -33.03 29.73
C GLU P 156 -13.52 -32.01 28.70
N CYS P 157 -13.90 -32.17 27.44
CA CYS P 157 -13.49 -31.20 26.42
C CYS P 157 -14.41 -30.00 26.48
N GLN P 158 -13.84 -28.84 26.84
CA GLN P 158 -14.61 -27.60 26.96
C GLN P 158 -14.97 -27.01 25.60
N ARG P 159 -14.33 -27.46 24.52
CA ARG P 159 -14.58 -26.89 23.20
C ARG P 159 -15.88 -27.35 22.57
N GLY P 160 -16.46 -28.46 23.04
CA GLY P 160 -17.71 -28.89 22.48
C GLY P 160 -17.55 -29.45 21.07
N GLY P 161 -18.62 -29.35 20.29
CA GLY P 161 -18.59 -29.84 18.92
C GLY P 161 -17.67 -29.08 17.99
N LEU P 162 -17.24 -27.88 18.39
CA LEU P 162 -16.33 -27.07 17.58
C LEU P 162 -14.87 -27.39 17.84
N CYS P 163 -14.57 -28.46 18.56
CA CYS P 163 -13.19 -28.87 18.77
C CYS P 163 -12.55 -29.22 17.42
N ASN P 164 -11.29 -28.81 17.25
CA ASN P 164 -10.60 -29.07 15.99
C ASN P 164 -10.01 -30.46 15.92
N PHE P 165 -10.05 -31.22 17.01
CA PHE P 165 -9.66 -32.63 17.00
C PHE P 165 -10.90 -33.51 16.88
N MET P 166 -10.67 -34.76 16.52
CA MET P 166 -11.78 -35.68 16.25
C MET P 166 -12.51 -36.02 17.55
N HIS P 167 -13.83 -35.81 17.55
CA HIS P 167 -14.71 -36.30 18.61
C HIS P 167 -15.43 -37.51 18.05
N ALA P 168 -14.73 -38.65 18.06
CA ALA P 168 -15.25 -39.86 17.45
C ALA P 168 -16.48 -40.37 18.18
N LYS P 169 -17.52 -40.68 17.43
CA LYS P 169 -18.74 -41.29 17.98
C LYS P 169 -18.59 -42.80 17.87
N LYS P 170 -18.52 -43.48 19.02
CA LYS P 170 -18.29 -44.91 18.92
C LYS P 170 -19.61 -45.66 18.78
N PRO P 171 -19.66 -46.68 17.94
CA PRO P 171 -20.87 -47.50 17.83
C PRO P 171 -20.97 -48.45 19.02
N SER P 172 -22.02 -49.24 19.04
CA SER P 172 -22.18 -50.23 20.09
C SER P 172 -21.08 -51.28 19.98
N PRO P 173 -20.52 -51.73 21.11
CA PRO P 173 -19.47 -52.75 21.04
C PRO P 173 -19.93 -54.03 20.37
N GLN P 174 -21.21 -54.37 20.49
CA GLN P 174 -21.73 -55.56 19.80
C GLN P 174 -21.62 -55.40 18.29
N LEU P 175 -21.98 -54.23 17.77
CA LEU P 175 -21.91 -54.02 16.33
C LEU P 175 -20.45 -54.02 15.86
N LEU P 176 -19.56 -53.38 16.61
CA LEU P 176 -18.16 -53.36 16.23
C LEU P 176 -17.56 -54.76 16.26
N ARG P 177 -17.90 -55.55 17.27
CA ARG P 177 -17.41 -56.93 17.34
C ARG P 177 -18.01 -57.79 16.24
N ASP P 178 -19.33 -57.67 16.01
CA ASP P 178 -19.98 -58.44 14.97
C ASP P 178 -19.46 -58.06 13.58
N LEU P 179 -19.04 -56.80 13.39
CA LEU P 179 -18.55 -56.38 12.09
C LEU P 179 -17.16 -56.94 11.81
N VAL P 180 -16.29 -56.94 12.81
CA VAL P 180 -14.94 -57.48 12.62
C VAL P 180 -15.00 -58.97 12.38
N LEU P 181 -15.87 -59.68 13.11
CA LEU P 181 -16.04 -61.11 12.88
C LEU P 181 -16.69 -61.39 11.53
N ALA P 182 -17.64 -60.54 11.13
CA ALA P 182 -18.27 -60.73 9.82
C ALA P 182 -17.28 -60.48 8.69
N GLN P 183 -16.39 -59.50 8.84
CA GLN P 183 -15.38 -59.25 7.81
C GLN P 183 -14.30 -60.33 7.83
N ARG P 184 -13.93 -60.78 9.03
CA ARG P 184 -12.93 -61.84 9.14
C ARG P 184 -13.43 -63.13 8.52
N LYS P 185 -14.72 -63.43 8.67
CA LYS P 185 -15.30 -64.59 8.00
C LYS P 185 -15.37 -64.37 6.50
N TYR P 186 -15.80 -63.19 6.07
CA TYR P 186 -15.85 -62.88 4.65
C TYR P 186 -14.48 -63.00 4.00
N LEU P 187 -13.43 -62.58 4.71
CA LEU P 187 -12.09 -62.69 4.16
C LEU P 187 -11.58 -64.12 4.15
N ALA P 188 -12.00 -64.92 5.13
CA ALA P 188 -11.59 -66.33 5.15
C ALA P 188 -12.22 -67.10 3.99
N LEU P 189 -13.49 -66.82 3.69
CA LEU P 189 -14.13 -67.47 2.54
C LEU P 189 -13.51 -67.00 1.23
N ASN P 190 -13.02 -65.77 1.16
CA ASN P 190 -12.34 -65.29 -0.03
C ASN P 190 -10.87 -65.71 0.01
N ALA P 191 -10.58 -66.86 0.60
CA ALA P 191 -9.22 -67.38 0.61
C ALA P 191 -9.17 -68.81 0.09
N ALA P 192 -10.24 -69.58 0.32
CA ALA P 192 -10.30 -70.95 -0.18
C ALA P 192 -10.41 -70.98 -1.69
N GLU P 193 -11.04 -69.98 -2.28
CA GLU P 193 -11.19 -69.91 -3.74
C GLU P 193 -9.86 -69.59 -4.40
N SER Q 16 -1.36 -71.42 4.48
CA SER Q 16 -2.34 -71.17 5.53
C SER Q 16 -3.61 -71.99 5.31
N VAL Q 17 -3.53 -72.95 4.38
CA VAL Q 17 -4.72 -73.69 3.97
C VAL Q 17 -5.31 -74.46 5.13
N ARG Q 18 -4.47 -74.98 6.03
CA ARG Q 18 -4.98 -75.73 7.17
C ARG Q 18 -5.55 -74.81 8.25
N SER Q 19 -5.00 -73.61 8.39
CA SER Q 19 -5.47 -72.67 9.41
C SER Q 19 -6.76 -71.95 9.00
N ILE Q 20 -7.02 -71.83 7.70
CA ILE Q 20 -8.24 -71.15 7.25
C ILE Q 20 -9.48 -71.94 7.68
N GLU Q 21 -9.48 -73.25 7.44
CA GLU Q 21 -10.62 -74.08 7.79
C GLU Q 21 -10.89 -74.08 9.29
N GLN Q 22 -9.86 -73.81 10.10
CA GLN Q 22 -10.06 -73.68 11.54
C GLN Q 22 -10.86 -72.44 11.90
N GLU Q 23 -10.57 -71.32 11.24
CA GLU Q 23 -11.27 -70.07 11.52
C GLU Q 23 -12.75 -70.19 11.19
N LEU Q 24 -13.08 -70.84 10.07
CA LEU Q 24 -14.49 -71.02 9.70
C LEU Q 24 -15.25 -71.80 10.77
N GLU Q 25 -14.61 -72.80 11.37
CA GLU Q 25 -15.31 -73.59 12.39
C GLU Q 25 -15.58 -72.77 13.63
N GLN Q 26 -14.67 -71.86 13.99
CA GLN Q 26 -14.90 -70.97 15.11
C GLN Q 26 -15.95 -69.90 14.78
N LEU Q 27 -16.13 -69.60 13.50
CA LEU Q 27 -17.08 -68.60 13.02
C LEU Q 27 -18.29 -69.26 12.37
N ARG Q 28 -18.75 -70.37 12.95
CA ARG Q 28 -19.90 -71.08 12.40
C ARG Q 28 -21.19 -70.28 12.56
N ASP Q 29 -21.33 -69.54 13.66
CA ASP Q 29 -22.51 -68.76 13.95
C ASP Q 29 -22.34 -67.28 13.60
N VAL Q 30 -21.54 -66.99 12.58
CA VAL Q 30 -21.32 -65.62 12.11
C VAL Q 30 -21.66 -65.55 10.63
N THR Q 31 -22.25 -64.41 10.23
CA THR Q 31 -22.63 -64.16 8.85
C THR Q 31 -21.51 -63.38 8.15
N PRO Q 32 -21.12 -63.75 6.93
CA PRO Q 32 -20.14 -62.94 6.20
C PRO Q 32 -20.69 -61.56 5.91
N ILE Q 33 -19.78 -60.59 5.75
CA ILE Q 33 -20.21 -59.20 5.67
C ILE Q 33 -20.91 -58.91 4.36
N ASN Q 34 -20.57 -59.63 3.29
CA ASN Q 34 -21.20 -59.41 1.99
C ASN Q 34 -22.62 -59.97 1.93
N GLN Q 35 -23.02 -60.77 2.91
CA GLN Q 35 -24.35 -61.38 2.95
C GLN Q 35 -25.32 -60.55 3.79
N TRP Q 36 -24.85 -60.01 4.91
CA TRP Q 36 -25.62 -59.18 5.85
C TRP Q 36 -26.78 -58.43 5.20
N LYS Q 37 -28.01 -58.73 5.62
CA LYS Q 37 -29.17 -58.02 5.10
C LYS Q 37 -29.26 -56.66 5.78
N ARG Q 38 -29.07 -55.60 5.00
CA ARG Q 38 -29.11 -54.23 5.51
C ARG Q 38 -30.48 -53.62 5.19
N LYS Q 39 -31.31 -53.49 6.21
CA LYS Q 39 -32.63 -52.88 6.02
C LYS Q 39 -32.52 -51.36 6.09
N ARG Q 40 -33.14 -50.70 5.11
CA ARG Q 40 -33.14 -49.23 5.02
C ARG Q 40 -31.71 -48.69 4.94
N SER Q 41 -31.01 -49.11 3.88
CA SER Q 41 -29.68 -48.62 3.58
C SER Q 41 -29.77 -47.39 2.70
N LEU Q 42 -29.13 -46.30 3.12
CA LEU Q 42 -29.24 -45.03 2.43
C LEU Q 42 -28.24 -44.88 1.29
N TRP Q 43 -27.56 -45.94 0.89
CA TRP Q 43 -26.61 -45.85 -0.20
C TRP Q 43 -27.33 -45.80 -1.54
N ASP Q 44 -26.75 -45.04 -2.47
CA ASP Q 44 -27.23 -44.88 -3.84
C ASP Q 44 -28.63 -44.27 -3.91
N ILE Q 45 -29.16 -43.78 -2.79
CA ILE Q 45 -30.47 -43.14 -2.78
C ILE Q 45 -30.29 -41.69 -3.23
N LYS Q 46 -30.94 -41.34 -4.31
CA LYS Q 46 -30.86 -40.02 -4.89
C LYS Q 46 -32.08 -39.20 -4.52
N PRO Q 47 -31.96 -37.88 -4.50
CA PRO Q 47 -33.14 -37.04 -4.20
C PRO Q 47 -34.19 -37.17 -5.29
N PRO Q 48 -35.44 -36.84 -4.98
CA PRO Q 48 -36.50 -37.01 -5.99
C PRO Q 48 -36.25 -36.14 -7.21
N GLY Q 49 -36.42 -36.74 -8.38
CA GLY Q 49 -36.20 -36.07 -9.64
C GLY Q 49 -34.79 -36.19 -10.19
N TYR Q 50 -33.83 -36.61 -9.36
CA TYR Q 50 -32.43 -36.69 -9.75
C TYR Q 50 -32.05 -38.04 -10.32
N GLU Q 51 -33.01 -38.76 -10.93
CA GLU Q 51 -32.72 -40.08 -11.46
C GLU Q 51 -31.68 -40.04 -12.57
N LEU Q 52 -31.67 -38.96 -13.35
CA LEU Q 52 -30.75 -38.82 -14.48
C LEU Q 52 -29.54 -37.96 -14.18
N VAL Q 53 -29.41 -37.45 -12.96
CA VAL Q 53 -28.27 -36.62 -12.58
C VAL Q 53 -27.18 -37.51 -12.01
N THR Q 54 -25.98 -37.41 -12.58
CA THR Q 54 -24.84 -38.14 -12.04
C THR Q 54 -24.24 -37.37 -10.86
N ALA Q 55 -23.41 -38.07 -10.09
CA ALA Q 55 -22.77 -37.43 -8.95
C ALA Q 55 -21.88 -36.28 -9.40
N ASP Q 56 -21.23 -36.43 -10.56
CA ASP Q 56 -20.37 -35.37 -11.07
C ASP Q 56 -21.18 -34.14 -11.46
N GLN Q 57 -22.35 -34.35 -12.06
CA GLN Q 57 -23.20 -33.22 -12.42
C GLN Q 57 -23.73 -32.51 -11.19
N ALA Q 58 -23.91 -33.24 -10.09
CA ALA Q 58 -24.37 -32.60 -8.86
C ALA Q 58 -23.27 -31.77 -8.22
N LYS Q 59 -22.03 -32.26 -8.26
CA LYS Q 59 -20.92 -31.52 -7.66
C LYS Q 59 -20.62 -30.23 -8.43
N MET Q 60 -20.68 -30.28 -9.76
CA MET Q 60 -20.40 -29.09 -10.55
C MET Q 60 -21.55 -28.08 -10.51
N SER Q 61 -22.75 -28.52 -10.16
CA SER Q 61 -23.88 -27.60 -10.13
C SER Q 61 -23.80 -26.64 -8.96
N GLY Q 62 -23.12 -27.02 -7.88
CA GLY Q 62 -22.99 -26.19 -6.71
C GLY Q 62 -24.15 -26.26 -5.73
N VAL Q 63 -25.17 -27.07 -6.00
CA VAL Q 63 -26.28 -27.17 -5.06
C VAL Q 63 -25.95 -28.06 -3.87
N PHE Q 64 -24.89 -28.88 -3.97
CA PHE Q 64 -24.44 -29.73 -2.87
C PHE Q 64 -22.97 -29.44 -2.58
N PRO Q 65 -22.67 -28.28 -2.00
CA PRO Q 65 -21.28 -27.97 -1.67
C PRO Q 65 -20.92 -28.42 -0.26
N LEU Q 66 -19.64 -28.73 -0.07
CA LEU Q 66 -19.17 -29.03 1.26
C LEU Q 66 -19.15 -27.75 2.10
N PRO Q 67 -19.38 -27.86 3.41
CA PRO Q 67 -19.35 -26.65 4.26
C PRO Q 67 -17.97 -26.01 4.23
N GLY Q 68 -17.94 -24.73 3.87
CA GLY Q 68 -16.70 -23.98 3.82
C GLY Q 68 -16.26 -23.65 2.41
N ALA S 6 -23.88 -2.08 -27.01
CA ALA S 6 -22.72 -2.35 -26.17
C ALA S 6 -22.99 -1.95 -24.72
N SER S 7 -24.12 -2.40 -24.19
CA SER S 7 -24.50 -2.12 -22.81
C SER S 7 -24.43 -3.39 -21.97
N ILE S 8 -24.14 -3.21 -20.68
CA ILE S 8 -23.96 -4.32 -19.75
C ILE S 8 -25.21 -4.56 -18.90
N TYR S 9 -26.30 -3.86 -19.19
CA TYR S 9 -27.52 -4.02 -18.41
C TYR S 9 -28.10 -5.42 -18.60
N GLY S 10 -28.58 -6.00 -17.50
CA GLY S 10 -29.19 -7.31 -17.53
C GLY S 10 -28.25 -8.46 -17.82
N THR S 11 -26.96 -8.20 -17.99
CA THR S 11 -26.01 -9.26 -18.30
C THR S 11 -25.44 -9.86 -17.01
N GLU S 12 -24.53 -10.83 -17.17
CA GLU S 12 -23.93 -11.46 -16.00
C GLU S 12 -22.97 -10.54 -15.26
N GLN S 13 -22.49 -9.47 -15.92
CA GLN S 13 -21.69 -8.46 -15.25
C GLN S 13 -22.53 -7.36 -14.61
N ASP S 14 -23.85 -7.51 -14.61
CA ASP S 14 -24.74 -6.58 -13.93
C ASP S 14 -24.78 -6.95 -12.45
N LYS S 15 -24.15 -6.13 -11.61
CA LYS S 15 -23.97 -6.47 -10.21
C LYS S 15 -25.22 -6.27 -9.36
N VAL S 16 -26.24 -5.56 -9.86
CA VAL S 16 -27.44 -5.28 -9.10
C VAL S 16 -28.63 -6.11 -9.58
N ASN S 17 -28.90 -6.12 -10.88
CA ASN S 17 -29.96 -6.95 -11.42
C ASN S 17 -29.46 -8.36 -11.67
N CYS S 18 -30.31 -9.35 -11.40
CA CYS S 18 -29.98 -10.75 -11.63
C CYS S 18 -30.14 -11.10 -13.10
N SER S 19 -29.03 -11.46 -13.74
CA SER S 19 -29.09 -11.81 -15.17
C SER S 19 -29.93 -13.05 -15.41
N PHE S 20 -29.90 -14.00 -14.48
CA PHE S 20 -30.58 -15.26 -14.70
C PHE S 20 -32.09 -15.11 -14.60
N TYR S 21 -32.57 -14.33 -13.63
CA TYR S 21 -34.01 -14.08 -13.55
C TYR S 21 -34.50 -13.19 -14.68
N TYR S 22 -33.66 -12.25 -15.13
CA TYR S 22 -34.08 -11.34 -16.20
C TYR S 22 -34.19 -12.06 -17.54
N LYS S 23 -33.34 -13.05 -17.77
CA LYS S 23 -33.31 -13.78 -19.04
C LYS S 23 -34.10 -15.07 -19.00
N ILE S 24 -33.95 -15.87 -17.94
CA ILE S 24 -34.58 -17.19 -17.85
C ILE S 24 -35.85 -17.18 -17.01
N GLY S 25 -36.11 -16.11 -16.27
CA GLY S 25 -37.28 -16.09 -15.41
C GLY S 25 -37.22 -16.97 -14.20
N ALA S 26 -36.04 -17.52 -13.88
CA ALA S 26 -35.87 -18.39 -12.74
C ALA S 26 -34.41 -18.40 -12.34
N CYS S 27 -34.15 -18.35 -11.04
CA CYS S 27 -32.80 -18.34 -10.49
C CYS S 27 -32.67 -19.41 -9.43
N ARG S 28 -31.52 -20.09 -9.41
CA ARG S 28 -31.31 -21.17 -8.45
C ARG S 28 -31.33 -20.66 -7.02
N HIS S 29 -31.06 -19.38 -6.79
CA HIS S 29 -30.99 -18.84 -5.45
C HIS S 29 -32.34 -18.38 -4.91
N GLY S 30 -33.33 -18.17 -5.78
CA GLY S 30 -34.65 -17.82 -5.28
C GLY S 30 -34.67 -16.46 -4.61
N GLU S 31 -35.33 -16.39 -3.46
CA GLU S 31 -35.48 -15.14 -2.73
C GLU S 31 -34.21 -14.71 -2.00
N ARG S 32 -33.25 -15.61 -1.79
CA ARG S 32 -31.99 -15.24 -1.14
C ARG S 32 -30.91 -14.87 -2.15
N CYS S 33 -31.29 -14.41 -3.34
CA CYS S 33 -30.31 -14.08 -4.36
C CYS S 33 -29.70 -12.72 -4.07
N SER S 34 -28.39 -12.62 -4.32
CA SER S 34 -27.69 -11.36 -4.04
C SER S 34 -28.08 -10.26 -5.02
N ARG S 35 -28.68 -10.60 -6.15
CA ARG S 35 -29.07 -9.62 -7.16
C ARG S 35 -30.58 -9.51 -7.21
N LYS S 36 -31.05 -8.41 -7.81
CA LYS S 36 -32.46 -8.06 -7.80
C LYS S 36 -33.26 -8.91 -8.78
N HIS S 37 -34.44 -9.35 -8.35
CA HIS S 37 -35.41 -10.05 -9.20
C HIS S 37 -36.63 -9.14 -9.35
N VAL S 38 -36.62 -8.32 -10.40
CA VAL S 38 -37.72 -7.40 -10.66
C VAL S 38 -38.84 -8.17 -11.34
N LYS S 39 -39.98 -8.29 -10.66
CA LYS S 39 -41.12 -9.02 -11.20
C LYS S 39 -42.00 -8.06 -11.99
N PRO S 40 -42.19 -8.27 -13.30
CA PRO S 40 -42.94 -7.29 -14.08
C PRO S 40 -44.42 -7.29 -13.74
N ASN S 41 -45.00 -6.09 -13.69
CA ASN S 41 -46.44 -5.97 -13.48
C ASN S 41 -47.21 -6.12 -14.78
N PHE S 42 -46.59 -5.81 -15.92
CA PHE S 42 -47.18 -6.02 -17.23
C PHE S 42 -46.19 -6.82 -18.07
N SER S 43 -46.67 -7.88 -18.71
CA SER S 43 -45.80 -8.72 -19.54
C SER S 43 -46.66 -9.54 -20.48
N GLN S 44 -46.04 -9.96 -21.58
CA GLN S 44 -46.68 -10.88 -22.52
C GLN S 44 -46.45 -12.35 -22.17
N THR S 45 -45.47 -12.65 -21.32
CA THR S 45 -45.08 -14.01 -21.02
C THR S 45 -45.49 -14.37 -19.60
N ILE S 46 -46.03 -15.58 -19.43
CA ILE S 46 -46.41 -16.09 -18.12
C ILE S 46 -45.57 -17.33 -17.82
N LEU S 47 -45.43 -17.62 -16.53
CA LEU S 47 -44.63 -18.75 -16.07
C LEU S 47 -45.48 -19.56 -15.09
N CYS S 48 -45.52 -20.87 -15.29
CA CYS S 48 -46.19 -21.79 -14.36
C CYS S 48 -45.17 -22.77 -13.81
N PRO S 49 -44.59 -22.50 -12.65
CA PRO S 49 -43.50 -23.35 -12.14
C PRO S 49 -44.00 -24.72 -11.71
N ASN S 50 -43.12 -25.71 -11.87
CA ASN S 50 -43.38 -27.09 -11.43
C ASN S 50 -44.69 -27.63 -12.01
N MET S 51 -44.90 -27.37 -13.29
CA MET S 51 -46.11 -27.81 -13.96
C MET S 51 -45.97 -29.20 -14.60
N TYR S 52 -44.82 -29.48 -15.20
CA TYR S 52 -44.59 -30.74 -15.92
C TYR S 52 -43.82 -31.71 -15.03
N LYS S 53 -44.43 -32.85 -14.73
CA LYS S 53 -43.79 -33.92 -13.97
C LYS S 53 -43.37 -35.00 -14.94
N ASN S 54 -42.09 -34.98 -15.33
CA ASN S 54 -41.57 -35.99 -16.25
C ASN S 54 -41.58 -37.36 -15.58
N PRO S 55 -42.27 -38.36 -16.15
CA PRO S 55 -42.29 -39.69 -15.52
C PRO S 55 -40.92 -40.35 -15.44
N ILE S 56 -39.94 -39.92 -16.23
CA ILE S 56 -38.66 -40.60 -16.27
C ILE S 56 -37.83 -40.43 -15.00
N HIS S 57 -38.25 -39.57 -14.08
CA HIS S 57 -37.51 -39.39 -12.82
C HIS S 57 -38.56 -39.11 -11.73
N GLU S 58 -39.04 -40.17 -11.10
CA GLU S 58 -40.09 -40.06 -10.09
C GLU S 58 -40.14 -41.30 -9.20
N GLY S 61 -37.46 -43.87 -12.89
CA GLY S 61 -38.33 -44.47 -11.90
C GLY S 61 -39.42 -45.34 -12.49
N LYS S 62 -40.16 -44.80 -13.44
CA LYS S 62 -41.31 -45.51 -14.00
C LYS S 62 -40.87 -46.50 -15.08
N LYS S 63 -41.74 -47.46 -15.37
CA LYS S 63 -41.49 -48.52 -16.35
C LYS S 63 -42.15 -48.22 -17.70
N PHE S 64 -41.60 -47.25 -18.42
CA PHE S 64 -42.18 -46.84 -19.69
C PHE S 64 -41.19 -47.01 -20.83
N THR S 65 -41.73 -47.33 -22.01
CA THR S 65 -40.97 -47.47 -23.23
C THR S 65 -40.82 -46.13 -23.96
N GLN S 66 -39.93 -46.11 -24.94
CA GLN S 66 -39.70 -44.91 -25.73
C GLN S 66 -40.95 -44.49 -26.48
N ARG S 67 -41.79 -45.45 -26.89
CA ARG S 67 -43.05 -45.08 -27.55
C ARG S 67 -44.03 -44.49 -26.55
N GLU S 68 -44.12 -45.07 -25.35
CA GLU S 68 -45.05 -44.59 -24.34
C GLU S 68 -44.68 -43.19 -23.85
N LEU S 69 -43.38 -42.93 -23.65
CA LEU S 69 -42.94 -41.63 -23.17
C LEU S 69 -43.18 -40.53 -24.19
N ALA S 70 -43.00 -40.82 -25.48
CA ALA S 70 -43.18 -39.79 -26.50
C ALA S 70 -44.64 -39.38 -26.63
N GLU S 71 -45.55 -40.34 -26.66
CA GLU S 71 -46.98 -40.00 -26.74
C GLU S 71 -47.47 -39.37 -25.45
N GLN S 72 -46.86 -39.74 -24.31
CA GLN S 72 -47.28 -39.18 -23.03
C GLN S 72 -46.97 -37.70 -22.93
N PHE S 73 -45.78 -37.30 -23.39
CA PHE S 73 -45.43 -35.88 -23.36
C PHE S 73 -46.23 -35.10 -24.40
N ASP S 74 -46.48 -35.70 -25.57
CA ASP S 74 -47.32 -35.07 -26.57
C ASP S 74 -48.72 -34.82 -26.02
N ALA S 75 -49.24 -35.76 -25.21
CA ALA S 75 -50.52 -35.52 -24.56
C ALA S 75 -50.46 -34.33 -23.61
N PHE S 76 -49.32 -34.15 -22.94
CA PHE S 76 -49.18 -33.02 -22.02
C PHE S 76 -49.06 -31.71 -22.79
N TYR S 77 -48.21 -31.66 -23.81
CA TYR S 77 -48.04 -30.43 -24.58
C TYR S 77 -49.34 -30.03 -25.26
N GLU S 78 -50.08 -31.01 -25.79
CA GLU S 78 -51.39 -30.72 -26.35
C GLU S 78 -52.35 -30.20 -25.29
N ASP S 79 -52.34 -30.81 -24.11
CA ASP S 79 -53.20 -30.36 -23.03
C ASP S 79 -52.83 -28.95 -22.58
N MET S 80 -51.55 -28.59 -22.68
CA MET S 80 -51.13 -27.24 -22.33
C MET S 80 -51.55 -26.23 -23.39
N PHE S 81 -51.18 -26.48 -24.65
CA PHE S 81 -51.41 -25.51 -25.72
C PHE S 81 -52.89 -25.17 -25.85
N CYS S 82 -53.76 -26.17 -25.80
CA CYS S 82 -55.19 -25.94 -25.98
C CYS S 82 -55.76 -25.09 -24.85
N GLU S 83 -55.38 -25.37 -23.61
CA GLU S 83 -55.94 -24.65 -22.47
C GLU S 83 -55.46 -23.21 -22.43
N PHE S 84 -54.19 -22.97 -22.78
CA PHE S 84 -53.68 -21.60 -22.79
C PHE S 84 -54.27 -20.78 -23.92
N SER S 85 -54.75 -21.43 -24.99
CA SER S 85 -55.30 -20.69 -26.13
C SER S 85 -56.59 -19.96 -25.77
N LYS S 86 -57.32 -20.44 -24.77
CA LYS S 86 -58.58 -19.79 -24.41
C LYS S 86 -58.38 -18.43 -23.76
N TYR S 87 -57.14 -18.05 -23.43
CA TYR S 87 -56.85 -16.75 -22.86
C TYR S 87 -56.36 -15.75 -23.90
N GLY S 88 -55.86 -16.22 -25.03
CA GLY S 88 -55.32 -15.34 -26.06
C GLY S 88 -54.50 -16.14 -27.04
N GLU S 89 -53.87 -15.40 -27.95
CA GLU S 89 -53.02 -16.03 -28.96
C GLU S 89 -51.71 -16.50 -28.33
N VAL S 90 -51.42 -17.79 -28.44
CA VAL S 90 -50.21 -18.38 -27.89
C VAL S 90 -49.13 -18.31 -28.96
N GLU S 91 -48.14 -17.44 -28.74
CA GLU S 91 -47.05 -17.30 -29.71
C GLU S 91 -46.03 -18.42 -29.57
N GLN S 92 -45.73 -18.83 -28.33
CA GLN S 92 -44.76 -19.89 -28.11
C GLN S 92 -45.02 -20.54 -26.77
N LEU S 93 -44.79 -21.86 -26.71
CA LEU S 93 -44.96 -22.65 -25.49
C LEU S 93 -43.70 -23.46 -25.26
N VAL S 94 -43.05 -23.25 -24.12
CA VAL S 94 -41.79 -23.91 -23.77
C VAL S 94 -41.97 -24.64 -22.46
N VAL S 95 -41.55 -25.91 -22.42
CA VAL S 95 -41.63 -26.74 -21.24
C VAL S 95 -40.22 -27.18 -20.86
N CYS S 96 -39.82 -26.90 -19.63
CA CYS S 96 -38.47 -27.17 -19.17
C CYS S 96 -38.37 -28.56 -18.55
N ASP S 97 -37.35 -29.32 -18.97
CA ASP S 97 -37.09 -30.65 -18.45
C ASP S 97 -35.99 -30.65 -17.40
N ASN S 98 -35.71 -29.49 -16.80
CA ASN S 98 -34.64 -29.39 -15.82
C ASN S 98 -35.07 -30.02 -14.50
N VAL S 99 -34.09 -30.16 -13.60
CA VAL S 99 -34.34 -30.70 -12.26
C VAL S 99 -34.01 -29.69 -11.17
N GLY S 100 -33.38 -28.57 -11.49
CA GLY S 100 -33.13 -27.56 -10.48
C GLY S 100 -34.41 -27.09 -9.83
N ASP S 101 -34.30 -26.74 -8.54
CA ASP S 101 -35.49 -26.45 -7.74
C ASP S 101 -36.30 -25.29 -8.28
N HIS S 102 -35.75 -24.47 -9.15
N HIS S 102 -35.71 -24.47 -9.14
CA HIS S 102 -36.49 -23.33 -9.69
CA HIS S 102 -36.36 -23.30 -9.71
C HIS S 102 -36.72 -23.41 -11.19
C HIS S 102 -36.86 -23.51 -11.14
N LEU S 103 -36.30 -24.48 -11.85
CA LEU S 103 -36.62 -24.70 -13.26
C LEU S 103 -37.34 -26.02 -13.52
N VAL S 104 -37.54 -26.85 -12.51
CA VAL S 104 -38.10 -28.18 -12.73
C VAL S 104 -39.56 -28.04 -13.18
N GLY S 105 -39.87 -28.63 -14.34
CA GLY S 105 -41.23 -28.65 -14.84
C GLY S 105 -41.82 -27.30 -15.15
N ASN S 106 -40.99 -26.28 -15.36
CA ASN S 106 -41.51 -24.95 -15.67
C ASN S 106 -42.15 -24.94 -17.06
N VAL S 107 -43.30 -24.26 -17.15
CA VAL S 107 -44.02 -24.10 -18.40
C VAL S 107 -44.16 -22.61 -18.66
N TYR S 108 -43.46 -22.13 -19.69
CA TYR S 108 -43.54 -20.72 -20.09
C TYR S 108 -44.50 -20.57 -21.25
N VAL S 109 -45.30 -19.51 -21.20
CA VAL S 109 -46.28 -19.21 -22.24
C VAL S 109 -46.18 -17.73 -22.57
N ARG S 110 -45.85 -17.42 -23.82
CA ARG S 110 -45.78 -16.05 -24.30
C ARG S 110 -47.03 -15.76 -25.12
N PHE S 111 -47.84 -14.82 -24.65
CA PHE S 111 -49.02 -14.40 -25.38
C PHE S 111 -48.69 -13.23 -26.31
N LYS S 112 -49.65 -12.88 -27.17
CA LYS S 112 -49.44 -11.77 -28.08
C LYS S 112 -49.70 -10.43 -27.39
N TYR S 113 -50.70 -10.38 -26.51
CA TYR S 113 -51.06 -9.16 -25.80
C TYR S 113 -50.85 -9.34 -24.30
N GLU S 114 -50.46 -8.24 -23.64
CA GLU S 114 -50.24 -8.29 -22.20
C GLU S 114 -51.54 -8.53 -21.45
N GLU S 115 -52.67 -8.11 -22.01
CA GLU S 115 -53.96 -8.34 -21.35
C GLU S 115 -54.30 -9.83 -21.32
N SER S 116 -53.91 -10.58 -22.35
CA SER S 116 -54.13 -12.02 -22.33
C SER S 116 -53.32 -12.69 -21.22
N ALA S 117 -52.12 -12.17 -20.95
CA ALA S 117 -51.28 -12.74 -19.90
C ALA S 117 -51.84 -12.43 -18.52
N GLN S 118 -52.34 -11.21 -18.31
CA GLN S 118 -52.90 -10.85 -17.01
C GLN S 118 -54.19 -11.62 -16.74
N ASN S 119 -55.03 -11.77 -17.77
CA ASN S 119 -56.24 -12.57 -17.60
C ASN S 119 -55.92 -14.04 -17.36
N ALA S 120 -54.80 -14.51 -17.90
CA ALA S 120 -54.42 -15.91 -17.72
C ALA S 120 -54.02 -16.18 -16.27
N ILE S 121 -53.13 -15.35 -15.72
CA ILE S 121 -52.67 -15.58 -14.36
C ILE S 121 -53.79 -15.34 -13.35
N ASP S 122 -54.75 -14.47 -13.68
CA ASP S 122 -55.86 -14.23 -12.76
C ASP S 122 -56.76 -15.45 -12.66
N ASP S 123 -56.90 -16.20 -13.75
CA ASP S 123 -57.73 -17.40 -13.75
C ASP S 123 -56.94 -18.65 -13.37
N LEU S 124 -55.69 -18.76 -13.82
CA LEU S 124 -54.91 -19.96 -13.56
C LEU S 124 -54.58 -20.09 -12.07
N ASN S 125 -54.30 -18.97 -11.40
CA ASN S 125 -53.97 -19.00 -9.98
C ASN S 125 -55.14 -19.41 -9.11
N SER S 126 -56.32 -19.66 -9.68
CA SER S 126 -57.47 -20.17 -8.94
C SER S 126 -57.92 -21.53 -9.46
N ARG S 127 -57.18 -22.15 -10.36
CA ARG S 127 -57.53 -23.43 -10.95
C ARG S 127 -56.58 -24.52 -10.45
N TRP S 128 -56.91 -25.76 -10.83
CA TRP S 128 -56.13 -26.92 -10.46
C TRP S 128 -55.67 -27.66 -11.71
N TYR S 129 -54.56 -28.38 -11.61
CA TYR S 129 -54.10 -29.26 -12.67
C TYR S 129 -53.47 -30.50 -12.06
N SER S 130 -54.03 -31.66 -12.38
CA SER S 130 -53.51 -32.96 -11.94
C SER S 130 -53.33 -33.00 -10.43
N GLN S 131 -54.41 -32.68 -9.71
CA GLN S 131 -54.48 -32.75 -8.25
C GLN S 131 -53.45 -31.84 -7.58
N ARG S 132 -53.13 -30.71 -8.24
CA ARG S 132 -52.20 -29.72 -7.70
C ARG S 132 -52.67 -28.33 -8.08
N PRO S 133 -52.62 -27.37 -7.17
CA PRO S 133 -52.99 -25.99 -7.52
C PRO S 133 -51.94 -25.37 -8.41
N VAL S 134 -52.42 -24.61 -9.41
CA VAL S 134 -51.55 -24.01 -10.41
C VAL S 134 -51.01 -22.69 -9.89
N TYR S 135 -49.70 -22.53 -9.93
CA TYR S 135 -49.05 -21.26 -9.65
C TYR S 135 -48.77 -20.54 -10.97
N ALA S 136 -49.23 -19.30 -11.06
CA ALA S 136 -49.05 -18.51 -12.27
C ALA S 136 -48.57 -17.11 -11.89
N GLU S 137 -47.63 -16.59 -12.67
CA GLU S 137 -47.09 -15.26 -12.43
C GLU S 137 -46.53 -14.73 -13.74
N LEU S 138 -46.41 -13.41 -13.82
CA LEU S 138 -45.83 -12.79 -15.00
C LEU S 138 -44.33 -13.00 -15.00
N SER S 139 -43.78 -13.39 -16.15
CA SER S 139 -42.37 -13.65 -16.26
C SER S 139 -41.69 -12.62 -17.15
N PRO S 140 -40.48 -12.16 -16.80
CA PRO S 140 -39.77 -11.20 -17.64
C PRO S 140 -39.12 -11.79 -18.87
N VAL S 141 -39.31 -13.09 -19.12
CA VAL S 141 -38.70 -13.74 -20.29
C VAL S 141 -39.31 -13.16 -21.55
N THR S 142 -38.45 -12.77 -22.49
CA THR S 142 -38.90 -12.25 -23.78
C THR S 142 -38.42 -13.11 -24.93
N ASP S 143 -37.10 -13.25 -25.12
CA ASP S 143 -36.53 -14.07 -26.18
C ASP S 143 -36.06 -15.38 -25.58
N PHE S 144 -36.70 -16.48 -25.98
CA PHE S 144 -36.30 -17.80 -25.50
C PHE S 144 -34.95 -18.24 -26.05
N ARG S 145 -34.49 -17.64 -27.15
CA ARG S 145 -33.19 -18.00 -27.70
C ARG S 145 -32.05 -17.65 -26.75
N GLU S 146 -32.17 -16.52 -26.05
CA GLU S 146 -31.16 -16.12 -25.07
C GLU S 146 -31.34 -16.80 -23.72
N ALA S 147 -32.40 -17.58 -23.53
CA ALA S 147 -32.65 -18.26 -22.27
C ALA S 147 -32.48 -19.77 -22.35
N CYS S 148 -32.44 -20.35 -23.56
CA CYS S 148 -32.25 -21.78 -23.72
C CYS S 148 -30.76 -22.12 -23.71
N CYS S 149 -30.45 -23.34 -23.28
CA CYS S 149 -29.07 -23.80 -23.23
C CYS S 149 -28.63 -24.21 -24.63
N ARG S 150 -27.52 -23.64 -25.09
CA ARG S 150 -27.02 -23.96 -26.43
C ARG S 150 -26.39 -25.35 -26.47
N GLN S 151 -25.61 -25.71 -25.44
CA GLN S 151 -24.95 -27.01 -25.43
C GLN S 151 -25.94 -28.17 -25.32
N HIS S 152 -27.22 -27.89 -25.06
CA HIS S 152 -28.24 -28.93 -25.05
C HIS S 152 -28.80 -29.19 -26.44
N GLU S 153 -28.75 -28.18 -27.32
CA GLU S 153 -29.13 -28.39 -28.71
C GLU S 153 -28.11 -29.24 -29.44
N THR S 154 -26.84 -28.85 -29.35
CA THR S 154 -25.71 -29.61 -29.91
C THR S 154 -25.27 -30.67 -28.90
N SER S 155 -25.99 -31.79 -28.92
CA SER S 155 -25.79 -32.93 -28.02
C SER S 155 -26.11 -32.54 -26.59
N GLU S 156 -25.39 -33.12 -25.62
CA GLU S 156 -25.67 -32.91 -24.21
C GLU S 156 -24.64 -32.02 -23.54
N CYS S 157 -25.13 -31.11 -22.70
CA CYS S 157 -24.30 -30.26 -21.88
C CYS S 157 -23.88 -31.05 -20.63
N GLN S 158 -22.60 -30.93 -20.26
CA GLN S 158 -22.07 -31.73 -19.17
C GLN S 158 -22.73 -31.43 -17.82
N ARG S 159 -23.51 -30.35 -17.70
CA ARG S 159 -24.16 -30.03 -16.43
C ARG S 159 -25.37 -30.92 -16.15
N GLY S 160 -25.93 -31.58 -17.17
CA GLY S 160 -27.05 -32.46 -16.94
C GLY S 160 -28.34 -31.71 -16.65
N GLY S 161 -29.24 -32.38 -15.94
CA GLY S 161 -30.53 -31.80 -15.59
C GLY S 161 -30.47 -30.62 -14.63
N LEU S 162 -29.33 -30.41 -13.97
CA LEU S 162 -29.16 -29.30 -13.05
C LEU S 162 -28.69 -28.03 -13.73
N CYS S 163 -28.71 -27.98 -15.06
CA CYS S 163 -28.34 -26.78 -15.80
C CYS S 163 -29.28 -25.62 -15.45
N ASN S 164 -28.70 -24.43 -15.30
CA ASN S 164 -29.47 -23.25 -14.95
C ASN S 164 -30.12 -22.57 -16.16
N PHE S 165 -29.83 -23.02 -17.37
CA PHE S 165 -30.53 -22.57 -18.56
C PHE S 165 -31.63 -23.56 -18.93
N MET S 166 -32.56 -23.10 -19.76
CA MET S 166 -33.73 -23.91 -20.09
C MET S 166 -33.30 -25.11 -20.94
N HIS S 167 -33.66 -26.31 -20.48
CA HIS S 167 -33.53 -27.53 -21.27
C HIS S 167 -34.93 -27.89 -21.77
N ALA S 168 -35.36 -27.19 -22.81
CA ALA S 168 -36.71 -27.34 -23.33
C ALA S 168 -36.89 -28.74 -23.90
N LYS S 169 -37.98 -29.41 -23.50
CA LYS S 169 -38.35 -30.70 -24.07
C LYS S 169 -39.30 -30.44 -25.23
N LYS S 170 -38.85 -30.74 -26.45
CA LYS S 170 -39.68 -30.40 -27.59
C LYS S 170 -40.66 -31.52 -27.89
N PRO S 171 -41.90 -31.19 -28.24
CA PRO S 171 -42.86 -32.21 -28.67
C PRO S 171 -42.57 -32.65 -30.09
N SER S 172 -43.39 -33.56 -30.59
CA SER S 172 -43.25 -34.00 -31.98
C SER S 172 -43.53 -32.82 -32.91
N PRO S 173 -42.74 -32.67 -33.99
CA PRO S 173 -42.99 -31.55 -34.91
C PRO S 173 -44.37 -31.57 -35.55
N GLN S 174 -44.95 -32.76 -35.76
CA GLN S 174 -46.29 -32.86 -36.32
C GLN S 174 -47.32 -32.24 -35.37
N LEU S 175 -47.21 -32.53 -34.07
CA LEU S 175 -48.16 -31.99 -33.11
C LEU S 175 -48.05 -30.47 -33.01
N LEU S 176 -46.83 -29.94 -33.04
CA LEU S 176 -46.64 -28.50 -32.99
C LEU S 176 -47.26 -27.82 -34.20
N ARG S 177 -47.12 -28.43 -35.38
CA ARG S 177 -47.71 -27.88 -36.59
C ARG S 177 -49.23 -27.89 -36.52
N ASP S 178 -49.81 -29.02 -36.08
CA ASP S 178 -51.27 -29.10 -35.96
C ASP S 178 -51.81 -28.11 -34.94
N LEU S 179 -51.01 -27.78 -33.91
CA LEU S 179 -51.48 -26.85 -32.88
C LEU S 179 -51.48 -25.42 -33.41
N VAL S 180 -50.45 -25.02 -34.14
CA VAL S 180 -50.40 -23.67 -34.68
C VAL S 180 -51.50 -23.47 -35.71
N LEU S 181 -51.76 -24.49 -36.53
CA LEU S 181 -52.85 -24.40 -37.50
C LEU S 181 -54.20 -24.37 -36.80
N ALA S 182 -54.35 -25.11 -35.71
CA ALA S 182 -55.61 -25.11 -34.97
C ALA S 182 -55.88 -23.74 -34.34
N GLN S 183 -54.82 -23.08 -33.85
CA GLN S 183 -54.99 -21.74 -33.31
C GLN S 183 -55.22 -20.73 -34.44
N ARG S 184 -54.54 -20.92 -35.56
CA ARG S 184 -54.73 -20.06 -36.72
C ARG S 184 -56.16 -20.19 -37.25
N LYS S 185 -56.70 -21.41 -37.23
CA LYS S 185 -58.09 -21.64 -37.61
C LYS S 185 -59.04 -21.05 -36.59
N TYR S 186 -58.77 -21.26 -35.29
CA TYR S 186 -59.63 -20.74 -34.24
C TYR S 186 -59.72 -19.22 -34.28
N LEU S 187 -58.60 -18.55 -34.60
CA LEU S 187 -58.62 -17.09 -34.64
C LEU S 187 -59.39 -16.55 -35.83
N ALA S 188 -59.39 -17.27 -36.95
CA ALA S 188 -60.15 -16.82 -38.11
C ALA S 188 -61.66 -16.88 -37.85
N LEU S 189 -62.13 -17.93 -37.18
CA LEU S 189 -63.55 -18.01 -36.87
C LEU S 189 -63.96 -16.97 -35.83
N ASN S 190 -63.07 -16.64 -34.89
CA ASN S 190 -63.31 -15.55 -33.95
C ASN S 190 -62.88 -14.20 -34.51
N ALA S 191 -63.01 -14.00 -35.82
CA ALA S 191 -62.74 -12.72 -36.46
C ALA S 191 -63.90 -12.21 -37.29
N ALA S 192 -64.70 -13.11 -37.86
CA ALA S 192 -65.88 -12.69 -38.61
C ALA S 192 -66.93 -12.09 -37.69
N GLU S 193 -67.24 -12.79 -36.60
CA GLU S 193 -68.23 -12.31 -35.63
C GLU S 193 -67.70 -11.13 -34.84
N SER T 19 -60.73 -10.05 -45.88
CA SER T 19 -59.28 -10.07 -45.78
C SER T 19 -58.82 -11.29 -44.97
N ILE T 20 -59.79 -12.07 -44.49
CA ILE T 20 -59.52 -13.25 -43.68
C ILE T 20 -60.01 -14.53 -44.34
N GLU T 21 -60.52 -14.47 -45.57
CA GLU T 21 -61.15 -15.62 -46.19
C GLU T 21 -60.20 -16.48 -47.00
N GLN T 22 -59.09 -15.92 -47.50
CA GLN T 22 -58.09 -16.75 -48.15
C GLN T 22 -57.38 -17.64 -47.15
N GLU T 23 -57.08 -17.11 -45.97
CA GLU T 23 -56.47 -17.91 -44.92
C GLU T 23 -57.40 -19.03 -44.45
N LEU T 24 -58.69 -18.70 -44.28
CA LEU T 24 -59.66 -19.70 -43.86
C LEU T 24 -59.80 -20.81 -44.89
N GLU T 25 -59.78 -20.46 -46.19
CA GLU T 25 -59.93 -21.46 -47.22
C GLU T 25 -58.74 -22.42 -47.30
N GLN T 26 -57.53 -21.92 -47.01
CA GLN T 26 -56.37 -22.81 -47.02
C GLN T 26 -56.40 -23.77 -45.84
N LEU T 27 -57.07 -23.41 -44.75
CA LEU T 27 -57.18 -24.24 -43.56
C LEU T 27 -58.60 -24.78 -43.39
N ARG T 28 -59.25 -25.13 -44.51
CA ARG T 28 -60.61 -25.68 -44.43
C ARG T 28 -60.64 -27.08 -43.83
N ASP T 29 -59.53 -27.81 -43.90
CA ASP T 29 -59.47 -29.17 -43.38
C ASP T 29 -58.77 -29.24 -42.03
N VAL T 30 -58.88 -28.19 -41.23
CA VAL T 30 -58.33 -28.14 -39.88
C VAL T 30 -59.45 -27.77 -38.91
N THR T 31 -59.41 -28.35 -37.71
CA THR T 31 -60.36 -28.12 -36.64
C THR T 31 -59.88 -26.99 -35.74
N PRO T 32 -60.75 -26.05 -35.36
CA PRO T 32 -60.33 -24.99 -34.43
C PRO T 32 -59.93 -25.57 -33.08
N ILE T 33 -59.10 -24.81 -32.37
CA ILE T 33 -58.47 -25.33 -31.15
C ILE T 33 -59.48 -25.45 -30.02
N ASN T 34 -60.54 -24.65 -30.03
CA ASN T 34 -61.54 -24.73 -28.96
C ASN T 34 -62.41 -25.97 -29.07
N GLN T 35 -62.37 -26.65 -30.21
CA GLN T 35 -63.13 -27.88 -30.45
C GLN T 35 -62.32 -29.13 -30.20
N TRP T 36 -61.03 -29.13 -30.59
CA TRP T 36 -60.08 -30.24 -30.41
C TRP T 36 -60.43 -31.16 -29.25
N LYS T 37 -60.64 -32.44 -29.56
CA LYS T 37 -61.02 -33.41 -28.54
C LYS T 37 -59.82 -33.73 -27.66
N ARG T 38 -59.91 -33.33 -26.38
CA ARG T 38 -58.85 -33.60 -25.41
C ARG T 38 -59.31 -34.77 -24.54
N LYS T 39 -58.78 -35.95 -24.80
CA LYS T 39 -59.10 -37.12 -23.99
C LYS T 39 -58.22 -37.14 -22.74
N ARG T 40 -58.86 -37.30 -21.58
CA ARG T 40 -58.17 -37.35 -20.29
C ARG T 40 -57.31 -36.11 -20.07
N SER T 41 -57.98 -34.95 -20.02
CA SER T 41 -57.32 -33.69 -19.70
C SER T 41 -57.31 -33.51 -18.20
N LEU T 42 -56.12 -33.28 -17.65
CA LEU T 42 -55.93 -33.24 -16.20
C LEU T 42 -56.23 -31.87 -15.61
N TRP T 43 -56.85 -30.97 -16.36
CA TRP T 43 -57.19 -29.65 -15.86
C TRP T 43 -58.37 -29.71 -14.91
N ASP T 44 -58.34 -28.85 -13.89
CA ASP T 44 -59.39 -28.70 -12.89
C ASP T 44 -59.63 -29.97 -12.07
N ILE T 45 -58.75 -30.97 -12.19
CA ILE T 45 -58.88 -32.20 -11.43
C ILE T 45 -58.26 -32.00 -10.05
N LYS T 46 -59.08 -32.12 -9.01
CA LYS T 46 -58.63 -31.95 -7.64
C LYS T 46 -58.46 -33.31 -6.96
N PRO T 47 -57.61 -33.38 -5.93
CA PRO T 47 -57.47 -34.64 -5.19
C PRO T 47 -58.76 -34.97 -4.46
N PRO T 48 -58.96 -36.24 -4.09
CA PRO T 48 -60.22 -36.62 -3.43
C PRO T 48 -60.43 -35.88 -2.12
N GLY T 49 -61.65 -35.40 -1.92
CA GLY T 49 -62.00 -34.65 -0.74
C GLY T 49 -61.84 -33.15 -0.87
N TYR T 50 -61.14 -32.67 -1.90
CA TYR T 50 -60.84 -31.25 -2.06
C TYR T 50 -61.89 -30.52 -2.89
N GLU T 51 -63.14 -30.99 -2.87
CA GLU T 51 -64.17 -30.36 -3.68
C GLU T 51 -64.44 -28.92 -3.24
N LEU T 52 -64.31 -28.64 -1.95
CA LEU T 52 -64.58 -27.31 -1.42
C LEU T 52 -63.33 -26.48 -1.18
N VAL T 53 -62.16 -27.01 -1.49
CA VAL T 53 -60.91 -26.28 -1.30
C VAL T 53 -60.57 -25.54 -2.60
N THR T 54 -60.39 -24.23 -2.51
CA THR T 54 -59.96 -23.45 -3.65
C THR T 54 -58.45 -23.54 -3.81
N ALA T 55 -57.96 -23.13 -4.98
CA ALA T 55 -56.53 -23.16 -5.22
C ALA T 55 -55.80 -22.25 -4.24
N ASP T 56 -56.41 -21.12 -3.87
CA ASP T 56 -55.77 -20.21 -2.94
C ASP T 56 -55.66 -20.84 -1.55
N GLN T 57 -56.69 -21.57 -1.13
CA GLN T 57 -56.65 -22.25 0.17
C GLN T 57 -55.59 -23.33 0.20
N ALA T 58 -55.33 -23.98 -0.94
CA ALA T 58 -54.29 -25.00 -0.99
C ALA T 58 -52.91 -24.39 -0.90
N LYS T 59 -52.71 -23.23 -1.54
CA LYS T 59 -51.43 -22.55 -1.49
C LYS T 59 -51.13 -22.03 -0.10
N MET T 60 -52.16 -21.51 0.58
CA MET T 60 -51.98 -20.99 1.93
C MET T 60 -51.81 -22.10 2.97
N SER T 61 -52.26 -23.31 2.66
CA SER T 61 -52.13 -24.41 3.62
C SER T 61 -50.70 -24.90 3.74
N GLY T 62 -49.89 -24.72 2.70
CA GLY T 62 -48.53 -25.21 2.70
C GLY T 62 -48.37 -26.66 2.31
N VAL T 63 -49.45 -27.36 2.00
CA VAL T 63 -49.35 -28.76 1.60
C VAL T 63 -48.92 -28.90 0.14
N PHE T 64 -49.01 -27.84 -0.65
CA PHE T 64 -48.59 -27.85 -2.06
C PHE T 64 -47.59 -26.72 -2.29
N PRO T 65 -46.36 -26.87 -1.79
CA PRO T 65 -45.37 -25.82 -1.97
C PRO T 65 -44.52 -26.01 -3.23
N LEU T 66 -44.07 -24.89 -3.77
CA LEU T 66 -43.14 -24.94 -4.89
C LEU T 66 -41.78 -25.45 -4.41
N PRO T 67 -41.03 -26.12 -5.29
CA PRO T 67 -39.71 -26.63 -4.88
C PRO T 67 -38.79 -25.51 -4.42
N GLY T 68 -38.19 -25.69 -3.25
CA GLY T 68 -37.26 -24.71 -2.70
C GLY T 68 -37.44 -24.49 -1.21
N VAL V 16 72.39 43.28 12.07
CA VAL V 16 71.21 44.11 11.92
C VAL V 16 70.03 43.31 11.35
N ASN V 17 70.26 42.58 10.26
CA ASN V 17 69.25 41.73 9.68
C ASN V 17 69.18 40.40 10.42
N CYS V 18 67.97 39.86 10.55
CA CYS V 18 67.76 38.58 11.23
C CYS V 18 68.18 37.45 10.31
N SER V 19 69.25 36.74 10.69
CA SER V 19 69.75 35.64 9.88
C SER V 19 68.76 34.49 9.80
N PHE V 20 68.01 34.25 10.87
CA PHE V 20 67.13 33.08 10.90
C PHE V 20 65.92 33.26 10.00
N TYR V 21 65.35 34.46 9.96
CA TYR V 21 64.23 34.68 9.06
C TYR V 21 64.67 34.71 7.60
N TYR V 22 65.89 35.19 7.34
CA TYR V 22 66.37 35.26 5.95
C TYR V 22 66.66 33.86 5.39
N LYS V 23 67.13 32.94 6.23
CA LYS V 23 67.48 31.60 5.78
C LYS V 23 66.37 30.58 6.02
N ILE V 24 65.74 30.62 7.19
CA ILE V 24 64.73 29.61 7.55
C ILE V 24 63.31 30.10 7.33
N GLY V 25 63.11 31.40 7.10
CA GLY V 25 61.76 31.92 6.91
C GLY V 25 60.92 31.99 8.15
N ALA V 26 61.49 31.79 9.33
CA ALA V 26 60.76 31.83 10.58
C ALA V 26 61.74 32.10 11.70
N CYS V 27 61.32 32.95 12.65
CA CYS V 27 62.16 33.34 13.77
C CYS V 27 61.40 33.13 15.07
N ARG V 28 62.13 32.70 16.11
CA ARG V 28 61.51 32.42 17.39
C ARG V 28 60.88 33.68 18.01
N HIS V 29 61.38 34.85 17.65
CA HIS V 29 60.91 36.10 18.25
C HIS V 29 59.74 36.72 17.49
N GLY V 30 59.50 36.33 16.24
CA GLY V 30 58.34 36.84 15.52
C GLY V 30 58.45 38.32 15.23
N GLU V 31 57.33 39.03 15.42
CA GLU V 31 57.29 40.46 15.12
C GLU V 31 57.99 41.32 16.15
N ARG V 32 58.28 40.77 17.34
CA ARG V 32 58.99 41.50 18.38
C ARG V 32 60.50 41.26 18.32
N CYS V 33 61.02 40.92 17.14
CA CYS V 33 62.43 40.62 17.00
C CYS V 33 63.24 41.90 16.91
N SER V 34 64.41 41.91 17.56
CA SER V 34 65.27 43.08 17.53
C SER V 34 65.90 43.29 16.17
N ARG V 35 65.90 42.29 15.30
CA ARG V 35 66.49 42.39 13.98
C ARG V 35 65.39 42.43 12.92
N LYS V 36 65.76 42.88 11.73
CA LYS V 36 64.81 43.14 10.67
C LYS V 36 64.36 41.83 10.01
N HIS V 37 63.07 41.73 9.73
CA HIS V 37 62.49 40.63 8.98
C HIS V 37 62.02 41.19 7.65
N VAL V 38 62.88 41.13 6.64
CA VAL V 38 62.57 41.67 5.33
C VAL V 38 61.71 40.66 4.59
N LYS V 39 60.46 41.03 4.30
CA LYS V 39 59.53 40.15 3.61
C LYS V 39 59.64 40.37 2.11
N PRO V 40 60.02 39.34 1.34
CA PRO V 40 60.22 39.57 -0.10
C PRO V 40 58.91 39.79 -0.82
N ASN V 41 58.95 40.70 -1.81
CA ASN V 41 57.78 40.93 -2.65
C ASN V 41 57.68 39.92 -3.78
N PHE V 42 58.81 39.36 -4.21
CA PHE V 42 58.86 38.32 -5.23
C PHE V 42 59.66 37.15 -4.69
N SER V 43 59.13 35.93 -4.83
CA SER V 43 59.83 34.75 -4.36
C SER V 43 59.24 33.51 -5.04
N GLN V 44 60.06 32.47 -5.11
CA GLN V 44 59.62 31.17 -5.60
C GLN V 44 59.08 30.28 -4.49
N THR V 45 59.36 30.60 -3.24
CA THR V 45 58.99 29.76 -2.10
C THR V 45 57.88 30.43 -1.31
N ILE V 46 56.90 29.63 -0.89
CA ILE V 46 55.78 30.11 -0.09
C ILE V 46 55.83 29.43 1.27
N LEU V 47 55.16 30.06 2.24
CA LEU V 47 55.12 29.56 3.62
C LEU V 47 53.69 29.50 4.10
N CYS V 48 53.30 28.35 4.66
CA CYS V 48 52.01 28.15 5.32
C CYS V 48 52.28 27.78 6.76
N PRO V 49 52.33 28.75 7.67
CA PRO V 49 52.68 28.46 9.07
C PRO V 49 51.55 27.73 9.79
N ASN V 50 51.95 26.87 10.74
CA ASN V 50 51.03 26.14 11.60
C ASN V 50 50.00 25.36 10.78
N MET V 51 50.48 24.70 9.73
CA MET V 51 49.61 23.94 8.84
C MET V 51 49.49 22.48 9.26
N TYR V 52 50.58 21.87 9.69
CA TYR V 52 50.62 20.46 10.05
C TYR V 52 50.54 20.31 11.57
N LYS V 53 49.49 19.67 12.05
CA LYS V 53 49.34 19.35 13.47
C LYS V 53 49.66 17.88 13.67
N ASN V 54 50.91 17.60 14.04
CA ASN V 54 51.35 16.23 14.27
C ASN V 54 50.65 15.66 15.50
N PRO V 55 49.93 14.54 15.38
CA PRO V 55 49.24 13.98 16.56
C PRO V 55 50.18 13.59 17.69
N ILE V 56 51.46 13.33 17.40
CA ILE V 56 52.40 12.93 18.45
C ILE V 56 52.78 14.06 19.37
N HIS V 57 52.33 15.29 19.09
CA HIS V 57 52.67 16.44 19.89
C HIS V 57 51.48 16.87 20.75
N GLY V 61 45.79 11.03 22.23
CA GLY V 61 47.22 11.21 22.34
C GLY V 61 48.02 10.13 21.63
N LYS V 62 48.79 9.38 22.41
CA LYS V 62 49.69 8.35 21.89
C LYS V 62 48.97 7.05 21.57
N LYS V 63 47.80 7.12 20.96
CA LYS V 63 46.97 5.97 20.65
C LYS V 63 47.24 5.37 19.27
N PHE V 64 48.39 5.67 18.67
CA PHE V 64 48.69 5.21 17.32
C PHE V 64 49.97 4.39 17.31
N THR V 65 50.01 3.40 16.41
CA THR V 65 51.19 2.58 16.18
C THR V 65 52.09 3.25 15.14
N GLN V 66 53.31 2.72 15.02
CA GLN V 66 54.26 3.26 14.04
C GLN V 66 53.74 3.12 12.61
N ARG V 67 52.92 2.10 12.33
CA ARG V 67 52.33 1.97 11.00
C ARG V 67 51.26 3.03 10.76
N GLU V 68 50.41 3.29 11.76
CA GLU V 68 49.34 4.26 11.60
C GLU V 68 49.90 5.68 11.46
N LEU V 69 50.94 6.01 12.23
CA LEU V 69 51.53 7.34 12.14
C LEU V 69 52.18 7.58 10.78
N ALA V 70 52.79 6.55 10.20
CA ALA V 70 53.42 6.72 8.89
C ALA V 70 52.36 6.90 7.80
N GLU V 71 51.28 6.12 7.86
CA GLU V 71 50.21 6.27 6.87
C GLU V 71 49.47 7.58 7.05
N GLN V 72 49.36 8.08 8.28
CA GLN V 72 48.65 9.33 8.51
C GLN V 72 49.41 10.52 7.92
N PHE V 73 50.73 10.54 8.08
CA PHE V 73 51.52 11.64 7.53
C PHE V 73 51.60 11.55 6.01
N ASP V 74 51.67 10.33 5.47
CA ASP V 74 51.65 10.17 4.01
C ASP V 74 50.38 10.75 3.40
N ALA V 75 49.25 10.58 4.08
CA ALA V 75 48.01 11.18 3.62
C ALA V 75 48.11 12.70 3.62
N PHE V 76 48.80 13.28 4.61
CA PHE V 76 48.95 14.72 4.67
C PHE V 76 49.88 15.23 3.57
N TYR V 77 51.04 14.61 3.41
CA TYR V 77 51.98 15.05 2.38
C TYR V 77 51.36 14.92 1.00
N GLU V 78 50.63 13.84 0.75
CA GLU V 78 49.91 13.70 -0.51
C GLU V 78 48.86 14.78 -0.66
N ASP V 79 48.10 15.06 0.40
CA ASP V 79 47.08 16.10 0.35
C ASP V 79 47.70 17.47 0.11
N MET V 80 48.91 17.70 0.62
CA MET V 80 49.58 18.97 0.38
C MET V 80 50.10 19.06 -1.06
N PHE V 81 50.87 18.06 -1.48
CA PHE V 81 51.52 18.12 -2.79
C PHE V 81 50.50 18.27 -3.91
N CYS V 82 49.40 17.52 -3.84
CA CYS V 82 48.41 17.57 -4.92
C CYS V 82 47.76 18.95 -5.01
N GLU V 83 47.40 19.54 -3.87
CA GLU V 83 46.72 20.82 -3.90
C GLU V 83 47.64 21.94 -4.37
N PHE V 84 48.91 21.90 -3.95
CA PHE V 84 49.86 22.91 -4.39
C PHE V 84 50.21 22.78 -5.87
N SER V 85 50.03 21.59 -6.45
CA SER V 85 50.37 21.40 -7.86
C SER V 85 49.46 22.22 -8.77
N LYS V 86 48.25 22.55 -8.31
CA LYS V 86 47.32 23.31 -9.13
C LYS V 86 47.75 24.76 -9.32
N TYR V 87 48.77 25.22 -8.61
CA TYR V 87 49.28 26.57 -8.78
C TYR V 87 50.52 26.65 -9.66
N GLY V 88 51.23 25.55 -9.83
CA GLY V 88 52.45 25.55 -10.62
C GLY V 88 53.27 24.30 -10.35
N GLU V 89 54.47 24.30 -10.92
CA GLU V 89 55.38 23.17 -10.72
C GLU V 89 55.95 23.21 -9.31
N VAL V 90 55.78 22.12 -8.57
CA VAL V 90 56.28 22.02 -7.20
C VAL V 90 57.68 21.44 -7.26
N GLU V 91 58.69 22.27 -6.97
CA GLU V 91 60.07 21.80 -6.99
C GLU V 91 60.41 21.01 -5.75
N GLN V 92 59.95 21.47 -4.58
CA GLN V 92 60.21 20.77 -3.33
C GLN V 92 59.14 21.18 -2.32
N LEU V 93 58.78 20.22 -1.46
CA LEU V 93 57.79 20.43 -0.42
C LEU V 93 58.37 19.95 0.90
N VAL V 94 58.48 20.86 1.88
CA VAL V 94 59.11 20.58 3.16
C VAL V 94 58.10 20.85 4.26
N VAL V 95 57.99 19.90 5.20
CA VAL V 95 57.07 20.01 6.33
C VAL V 95 57.89 19.97 7.60
N CYS V 96 57.75 20.99 8.44
CA CYS V 96 58.54 21.12 9.65
C CYS V 96 57.84 20.46 10.83
N ASP V 97 58.58 19.64 11.57
CA ASP V 97 58.07 18.95 12.75
C ASP V 97 58.47 19.65 14.05
N ASN V 98 58.83 20.92 13.99
CA ASN V 98 59.25 21.66 15.16
C ASN V 98 58.06 22.03 16.05
N VAL V 99 58.37 22.52 17.24
CA VAL V 99 57.36 22.98 18.20
C VAL V 99 57.49 24.46 18.53
N GLY V 100 58.56 25.12 18.08
CA GLY V 100 58.67 26.55 18.32
C GLY V 100 57.48 27.31 17.75
N ASP V 101 57.14 28.42 18.42
CA ASP V 101 55.91 29.14 18.14
C ASP V 101 55.82 29.66 16.71
N HIS V 102 56.91 29.66 15.95
CA HIS V 102 56.84 30.13 14.57
C HIS V 102 57.39 29.12 13.55
N LEU V 103 57.87 27.96 13.99
CA LEU V 103 58.21 26.87 13.09
C LEU V 103 57.27 25.68 13.21
N VAL V 104 56.33 25.71 14.15
CA VAL V 104 55.48 24.55 14.40
C VAL V 104 54.58 24.33 13.19
N GLY V 105 54.64 23.13 12.62
CA GLY V 105 53.77 22.78 11.52
C GLY V 105 53.93 23.62 10.28
N ASN V 106 55.07 24.29 10.10
CA ASN V 106 55.29 25.09 8.92
C ASN V 106 55.42 24.19 7.69
N VAL V 107 54.81 24.60 6.60
CA VAL V 107 54.85 23.87 5.34
C VAL V 107 55.43 24.79 4.29
N TYR V 108 56.66 24.50 3.85
CA TYR V 108 57.31 25.26 2.79
C TYR V 108 57.23 24.47 1.49
N VAL V 109 56.88 25.17 0.41
CA VAL V 109 56.84 24.58 -0.93
C VAL V 109 57.45 25.58 -1.90
N ARG V 110 58.48 25.16 -2.63
CA ARG V 110 59.17 26.00 -3.59
C ARG V 110 58.64 25.70 -4.99
N PHE V 111 58.09 26.71 -5.63
CA PHE V 111 57.58 26.60 -6.98
C PHE V 111 58.68 26.90 -7.99
N LYS V 112 58.38 26.63 -9.26
CA LYS V 112 59.34 26.89 -10.33
C LYS V 112 59.35 28.36 -10.74
N TYR V 113 58.19 28.99 -10.79
CA TYR V 113 58.07 30.38 -11.20
C TYR V 113 57.51 31.23 -10.06
N GLU V 114 57.96 32.48 -10.01
CA GLU V 114 57.50 33.41 -8.98
C GLU V 114 56.02 33.73 -9.12
N GLU V 115 55.49 33.66 -10.35
CA GLU V 115 54.07 33.92 -10.56
C GLU V 115 53.20 32.87 -9.91
N SER V 116 53.67 31.62 -9.86
CA SER V 116 52.91 30.57 -9.18
C SER V 116 52.81 30.85 -7.69
N ALA V 117 53.84 31.46 -7.09
CA ALA V 117 53.80 31.76 -5.67
C ALA V 117 52.81 32.88 -5.36
N GLN V 118 52.75 33.91 -6.21
CA GLN V 118 51.83 35.01 -5.98
C GLN V 118 50.38 34.55 -6.15
N ASN V 119 50.12 33.71 -7.14
CA ASN V 119 48.78 33.15 -7.31
C ASN V 119 48.40 32.27 -6.13
N ALA V 120 49.40 31.65 -5.49
CA ALA V 120 49.14 30.79 -4.35
C ALA V 120 48.68 31.60 -3.14
N ILE V 121 49.39 32.68 -2.81
CA ILE V 121 49.01 33.46 -1.63
C ILE V 121 47.66 34.13 -1.83
N ASP V 122 47.32 34.47 -3.08
CA ASP V 122 46.04 35.11 -3.33
C ASP V 122 44.88 34.13 -3.15
N ASP V 123 45.08 32.87 -3.47
CA ASP V 123 44.03 31.86 -3.36
C ASP V 123 44.02 31.15 -2.01
N LEU V 124 45.21 30.84 -1.46
CA LEU V 124 45.26 30.08 -0.21
C LEU V 124 44.74 30.91 0.96
N ASN V 125 45.03 32.21 0.98
CA ASN V 125 44.61 33.07 2.08
C ASN V 125 43.10 33.26 2.17
N SER V 126 42.33 32.67 1.25
CA SER V 126 40.88 32.71 1.32
C SER V 126 40.26 31.33 1.45
N ARG V 127 41.07 30.30 1.65
CA ARG V 127 40.62 28.92 1.76
C ARG V 127 40.78 28.42 3.20
N TRP V 128 40.27 27.23 3.44
CA TRP V 128 40.33 26.58 4.74
C TRP V 128 41.03 25.24 4.62
N TYR V 129 41.65 24.79 5.71
CA TYR V 129 42.22 23.45 5.79
C TYR V 129 42.03 22.91 7.20
N SER V 130 41.31 21.80 7.30
CA SER V 130 41.09 21.10 8.57
C SER V 130 40.53 22.05 9.63
N GLN V 131 39.45 22.73 9.27
CA GLN V 131 38.72 23.62 10.18
C GLN V 131 39.59 24.76 10.69
N ARG V 132 40.54 25.21 9.87
CA ARG V 132 41.42 26.32 10.22
C ARG V 132 41.71 27.14 8.96
N PRO V 133 41.68 28.47 9.06
CA PRO V 133 42.00 29.30 7.90
C PRO V 133 43.48 29.22 7.57
N VAL V 134 43.78 29.19 6.28
CA VAL V 134 45.15 29.03 5.81
C VAL V 134 45.83 30.39 5.75
N TYR V 135 46.99 30.49 6.38
CA TYR V 135 47.85 31.66 6.26
C TYR V 135 48.93 31.35 5.23
N ALA V 136 49.06 32.23 4.24
CA ALA V 136 50.05 32.05 3.18
C ALA V 136 50.79 33.37 2.96
N GLU V 137 52.10 33.27 2.77
CA GLU V 137 52.93 34.45 2.52
C GLU V 137 54.19 34.01 1.80
N LEU V 138 54.81 34.98 1.12
CA LEU V 138 56.05 34.70 0.42
C LEU V 138 57.20 34.55 1.40
N SER V 139 58.03 33.52 1.18
CA SER V 139 59.13 33.26 2.09
C SER V 139 60.46 33.52 1.40
N PRO V 140 61.44 34.11 2.11
CA PRO V 140 62.76 34.34 1.52
C PRO V 140 63.63 33.10 1.44
N VAL V 141 63.12 31.93 1.83
CA VAL V 141 63.90 30.71 1.79
C VAL V 141 64.18 30.33 0.35
N THR V 142 65.45 30.02 0.05
CA THR V 142 65.85 29.59 -1.29
C THR V 142 66.43 28.18 -1.27
N ASP V 143 67.51 27.95 -0.53
CA ASP V 143 68.14 26.63 -0.45
C ASP V 143 67.74 25.98 0.86
N PHE V 144 66.98 24.88 0.78
CA PHE V 144 66.55 24.19 1.99
C PHE V 144 67.70 23.48 2.70
N ARG V 145 68.80 23.21 1.99
CA ARG V 145 69.97 22.62 2.64
C ARG V 145 70.58 23.56 3.65
N GLU V 146 70.51 24.87 3.40
CA GLU V 146 71.00 25.88 4.32
C GLU V 146 70.04 26.16 5.47
N ALA V 147 68.86 25.54 5.47
CA ALA V 147 67.88 25.76 6.53
C ALA V 147 67.66 24.55 7.43
N CYS V 148 68.11 23.37 7.04
CA CYS V 148 67.95 22.19 7.89
C CYS V 148 69.12 22.08 8.86
N CYS V 149 68.83 21.56 10.05
CA CYS V 149 69.86 21.36 11.06
C CYS V 149 70.60 20.05 10.80
N ARG V 150 71.93 20.11 10.88
CA ARG V 150 72.76 18.93 10.58
C ARG V 150 72.59 17.83 11.63
N GLN V 151 72.54 18.21 12.92
CA GLN V 151 72.49 17.23 13.99
C GLN V 151 71.21 16.39 14.02
N HIS V 152 70.20 16.74 13.22
CA HIS V 152 69.00 15.91 13.13
C HIS V 152 69.14 14.81 12.09
N GLU V 153 70.08 14.96 11.16
CA GLU V 153 70.31 13.92 10.16
C GLU V 153 70.78 12.62 10.81
N THR V 154 71.79 12.71 11.67
CA THR V 154 72.24 11.55 12.44
C THR V 154 71.44 11.37 13.73
N SER V 155 70.34 12.11 13.90
CA SER V 155 69.48 12.03 15.08
C SER V 155 70.23 12.39 16.36
N GLU V 156 71.27 13.22 16.25
CA GLU V 156 72.07 13.64 17.39
C GLU V 156 71.80 15.09 17.77
N CYS V 157 70.65 15.63 17.39
CA CYS V 157 70.28 17.00 17.75
C CYS V 157 69.71 17.00 19.16
N GLN V 158 70.55 17.36 20.14
CA GLN V 158 70.14 17.40 21.53
C GLN V 158 69.13 18.50 21.83
N ARG V 159 68.92 19.43 20.89
CA ARG V 159 68.01 20.55 21.11
C ARG V 159 66.55 20.14 20.99
N GLY V 160 66.26 19.00 20.37
CA GLY V 160 64.90 18.51 20.29
C GLY V 160 64.01 19.30 19.34
N GLY V 161 62.71 19.22 19.61
CA GLY V 161 61.71 19.90 18.81
C GLY V 161 61.76 21.41 18.89
N LEU V 162 62.46 21.97 19.87
CA LEU V 162 62.61 23.41 20.01
C LEU V 162 63.78 23.95 19.21
N CYS V 163 64.37 23.14 18.33
CA CYS V 163 65.43 23.62 17.47
C CYS V 163 64.92 24.72 16.55
N ASN V 164 65.74 25.74 16.36
CA ASN V 164 65.35 26.88 15.53
C ASN V 164 65.59 26.63 14.05
N PHE V 165 66.21 25.52 13.68
CA PHE V 165 66.34 25.09 12.30
C PHE V 165 65.26 24.06 11.96
N MET V 166 65.05 23.85 10.67
CA MET V 166 63.98 22.99 10.20
C MET V 166 64.28 21.54 10.54
N HIS V 167 63.34 20.89 11.23
CA HIS V 167 63.38 19.44 11.45
C HIS V 167 62.35 18.82 10.50
N ALA V 168 62.74 18.70 9.24
CA ALA V 168 61.81 18.25 8.20
C ALA V 168 61.39 16.81 8.45
N LYS V 169 60.08 16.57 8.41
CA LYS V 169 59.53 15.22 8.49
C LYS V 169 59.35 14.68 7.07
N LYS V 170 60.11 13.66 6.73
CA LYS V 170 60.04 13.19 5.35
C LYS V 170 58.95 12.13 5.20
N PRO V 171 58.20 12.16 4.11
CA PRO V 171 57.19 11.13 3.84
C PRO V 171 57.88 9.86 3.35
N SER V 172 57.06 8.85 3.04
CA SER V 172 57.60 7.61 2.52
C SER V 172 58.30 7.87 1.18
N PRO V 173 59.46 7.27 0.94
CA PRO V 173 60.16 7.50 -0.34
C PRO V 173 59.36 7.07 -1.55
N GLN V 174 58.53 6.02 -1.43
CA GLN V 174 57.69 5.61 -2.54
C GLN V 174 56.69 6.70 -2.91
N LEU V 175 56.05 7.30 -1.91
CA LEU V 175 55.07 8.36 -2.16
C LEU V 175 55.75 9.58 -2.76
N LEU V 176 56.94 9.94 -2.27
CA LEU V 176 57.65 11.10 -2.81
C LEU V 176 58.01 10.88 -4.28
N ARG V 177 58.45 9.68 -4.63
CA ARG V 177 58.74 9.40 -6.03
C ARG V 177 57.46 9.39 -6.88
N ASP V 178 56.41 8.76 -6.38
CA ASP V 178 55.14 8.72 -7.11
C ASP V 178 54.57 10.11 -7.32
N LEU V 179 54.82 11.03 -6.39
CA LEU V 179 54.30 12.39 -6.53
C LEU V 179 55.08 13.17 -7.58
N VAL V 180 56.41 13.04 -7.57
CA VAL V 180 57.23 13.74 -8.56
C VAL V 180 56.95 13.20 -9.96
N LEU V 181 56.76 11.88 -10.08
CA LEU V 181 56.43 11.31 -11.37
C LEU V 181 55.04 11.75 -11.84
N ALA V 182 54.10 11.88 -10.91
CA ALA V 182 52.78 12.38 -11.26
C ALA V 182 52.85 13.83 -11.71
N GLN V 183 53.72 14.62 -11.08
CA GLN V 183 53.91 16.01 -11.49
C GLN V 183 54.64 16.09 -12.82
N ARG V 184 55.60 15.21 -13.04
CA ARG V 184 56.32 15.19 -14.31
C ARG V 184 55.40 14.84 -15.47
N LYS V 185 54.49 13.89 -15.26
CA LYS V 185 53.55 13.50 -16.30
C LYS V 185 52.52 14.61 -16.57
N TYR V 186 51.97 15.21 -15.51
CA TYR V 186 50.98 16.26 -15.70
C TYR V 186 51.56 17.45 -16.46
N LEU V 187 52.81 17.82 -16.17
CA LEU V 187 53.43 18.92 -16.89
C LEU V 187 53.89 18.52 -18.28
N ALA V 188 54.28 17.26 -18.46
CA ALA V 188 54.65 16.78 -19.79
C ALA V 188 53.43 16.72 -20.70
N LEU V 189 52.27 16.36 -20.14
CA LEU V 189 51.03 16.32 -20.89
C LEU V 189 50.62 17.69 -21.41
N ASN V 190 51.07 18.76 -20.78
CA ASN V 190 50.79 20.11 -21.28
C ASN V 190 51.73 20.38 -22.45
N ALA V 191 51.27 19.97 -23.63
CA ALA V 191 51.96 20.20 -24.90
C ALA V 191 51.10 20.95 -25.90
N ALA V 192 49.77 20.82 -25.82
CA ALA V 192 48.87 21.55 -26.68
C ALA V 192 48.90 23.04 -26.34
N SER W 16 61.78 21.01 -29.87
CA SER W 16 60.93 21.15 -28.69
C SER W 16 60.07 19.90 -28.48
N VAL W 17 59.26 19.57 -29.50
CA VAL W 17 58.38 18.41 -29.40
C VAL W 17 59.16 17.11 -29.35
N ARG W 18 60.38 17.09 -29.85
CA ARG W 18 61.20 15.87 -29.77
C ARG W 18 61.52 15.51 -28.33
N SER W 19 61.80 16.51 -27.50
CA SER W 19 62.08 16.26 -26.08
C SER W 19 60.81 16.07 -25.26
N ILE W 20 59.67 16.56 -25.75
CA ILE W 20 58.40 16.40 -25.03
C ILE W 20 57.99 14.94 -25.06
N GLU W 21 57.67 14.43 -26.27
CA GLU W 21 57.19 13.06 -26.41
C GLU W 21 58.20 12.03 -25.94
N GLN W 22 59.49 12.38 -25.89
CA GLN W 22 60.48 11.46 -25.35
C GLN W 22 60.28 11.26 -23.85
N GLU W 23 59.98 12.33 -23.12
CA GLU W 23 59.71 12.21 -21.70
C GLU W 23 58.44 11.40 -21.43
N LEU W 24 57.39 11.66 -22.22
CA LEU W 24 56.12 10.94 -22.04
C LEU W 24 56.31 9.43 -22.18
N GLU W 25 57.15 9.01 -23.11
CA GLU W 25 57.33 7.58 -23.35
C GLU W 25 57.97 6.89 -22.15
N GLN W 26 58.86 7.59 -21.44
CA GLN W 26 59.46 7.01 -20.24
C GLN W 26 58.47 6.93 -19.08
N LEU W 27 57.45 7.80 -19.06
CA LEU W 27 56.50 7.84 -17.96
C LEU W 27 55.12 7.27 -18.33
N ARG W 28 55.08 6.26 -19.18
CA ARG W 28 53.79 5.62 -19.43
C ARG W 28 53.42 4.74 -18.23
N ASP W 29 52.16 4.31 -18.21
CA ASP W 29 51.63 3.50 -17.11
C ASP W 29 51.73 4.23 -15.77
N VAL W 30 51.64 5.56 -15.80
CA VAL W 30 51.63 6.38 -14.60
C VAL W 30 50.40 7.28 -14.66
N THR W 31 49.78 7.53 -13.51
CA THR W 31 48.61 8.40 -13.55
C THR W 31 49.04 9.85 -13.31
N PRO W 32 48.56 10.80 -14.10
CA PRO W 32 48.89 12.21 -13.85
C PRO W 32 48.32 12.70 -12.52
N ILE W 33 48.95 13.75 -11.99
CA ILE W 33 48.62 14.24 -10.65
C ILE W 33 47.26 14.93 -10.64
N ASN W 34 46.83 15.45 -11.78
CA ASN W 34 45.54 16.13 -11.84
C ASN W 34 44.37 15.16 -11.75
N GLN W 35 44.63 13.86 -11.90
CA GLN W 35 43.63 12.80 -11.81
C GLN W 35 43.57 12.17 -10.43
N TRP W 36 44.73 11.98 -9.79
CA TRP W 36 44.89 11.38 -8.47
C TRP W 36 43.69 11.50 -7.55
N LYS W 37 43.13 10.36 -7.16
CA LYS W 37 42.00 10.33 -6.24
C LYS W 37 42.51 10.60 -4.83
N ARG W 38 42.06 11.71 -4.24
CA ARG W 38 42.47 12.10 -2.90
C ARG W 38 41.37 11.66 -1.93
N LYS W 39 41.65 10.59 -1.20
CA LYS W 39 40.71 10.09 -0.20
C LYS W 39 40.88 10.86 1.10
N ARG W 40 39.76 11.34 1.64
CA ARG W 40 39.75 12.10 2.90
C ARG W 40 40.70 13.29 2.83
N SER W 41 40.41 14.19 1.91
CA SER W 41 41.17 15.43 1.77
C SER W 41 40.57 16.49 2.68
N LEU W 42 41.40 17.05 3.56
CA LEU W 42 40.94 18.01 4.57
C LEU W 42 40.91 19.44 4.07
N TRP W 43 41.07 19.66 2.76
CA TRP W 43 41.03 21.00 2.22
C TRP W 43 39.60 21.52 2.17
N ASP W 44 39.45 22.82 2.39
CA ASP W 44 38.17 23.53 2.34
C ASP W 44 37.17 23.04 3.38
N ILE W 45 37.61 22.22 4.33
CA ILE W 45 36.73 21.73 5.39
C ILE W 45 36.64 22.80 6.48
N LYS W 46 35.45 23.31 6.70
CA LYS W 46 35.24 24.37 7.68
C LYS W 46 34.68 23.80 8.98
N PRO W 47 34.91 24.47 10.10
CA PRO W 47 34.35 23.99 11.37
C PRO W 47 32.84 24.10 11.37
N PRO W 48 32.15 23.33 12.22
CA PRO W 48 30.68 23.38 12.23
C PRO W 48 30.18 24.76 12.60
N GLY W 49 29.18 25.23 11.85
CA GLY W 49 28.60 26.54 12.04
C GLY W 49 29.25 27.64 11.21
N TYR W 50 30.43 27.39 10.65
CA TYR W 50 31.18 28.37 9.88
C TYR W 50 30.90 28.31 8.39
N GLU W 51 29.70 27.85 7.99
CA GLU W 51 29.41 27.72 6.56
C GLU W 51 29.43 29.07 5.85
N LEU W 52 29.03 30.13 6.53
CA LEU W 52 28.97 31.46 5.93
C LEU W 52 30.17 32.33 6.29
N VAL W 53 31.12 31.83 7.06
CA VAL W 53 32.30 32.58 7.44
C VAL W 53 33.41 32.34 6.43
N THR W 54 33.93 33.41 5.84
CA THR W 54 35.07 33.29 4.95
C THR W 54 36.37 33.25 5.76
N ALA W 55 37.45 32.83 5.09
CA ALA W 55 38.74 32.77 5.76
C ALA W 55 39.22 34.13 6.22
N ASP W 56 38.91 35.19 5.47
CA ASP W 56 39.39 36.52 5.84
C ASP W 56 38.72 37.04 7.11
N GLN W 57 37.40 36.85 7.24
CA GLN W 57 36.73 37.31 8.46
C GLN W 57 37.13 36.48 9.66
N ALA W 58 37.49 35.20 9.45
CA ALA W 58 37.88 34.35 10.58
C ALA W 58 39.26 34.74 11.12
N LYS W 59 40.20 35.06 10.22
CA LYS W 59 41.54 35.43 10.69
C LYS W 59 41.51 36.78 11.40
N MET W 60 40.71 37.72 10.92
CA MET W 60 40.63 39.03 11.56
C MET W 60 39.88 38.97 12.88
N SER W 61 39.08 37.92 13.11
CA SER W 61 38.33 37.80 14.34
C SER W 61 39.21 37.48 15.53
N GLY W 62 40.38 36.89 15.30
CA GLY W 62 41.27 36.50 16.37
C GLY W 62 41.00 35.15 16.98
N VAL W 63 39.99 34.42 16.50
CA VAL W 63 39.71 33.10 17.05
C VAL W 63 40.68 32.06 16.50
N PHE W 64 41.38 32.36 15.42
CA PHE W 64 42.37 31.46 14.83
C PHE W 64 43.71 32.20 14.70
N PRO W 65 44.39 32.44 15.82
CA PRO W 65 45.67 33.13 15.78
C PRO W 65 46.84 32.18 15.64
N LEU W 66 47.91 32.69 15.03
CA LEU W 66 49.15 31.94 14.97
C LEU W 66 49.77 31.85 16.37
N PRO W 67 50.53 30.79 16.65
CA PRO W 67 51.14 30.63 17.98
C PRO W 67 52.08 31.77 18.40
N GLY W 68 52.25 32.77 17.55
CA GLY W 68 53.09 33.90 17.88
C GLY W 68 52.32 35.15 18.25
N VAL Y 16 38.87 48.77 33.61
CA VAL Y 16 39.13 47.44 34.17
C VAL Y 16 37.94 46.51 33.90
N ASN Y 17 36.73 47.00 34.12
CA ASN Y 17 35.53 46.23 33.83
C ASN Y 17 35.47 45.91 32.33
N CYS Y 18 34.95 44.73 32.02
CA CYS Y 18 34.86 44.29 30.62
C CYS Y 18 33.76 45.06 29.93
N SER Y 19 34.15 45.89 28.95
CA SER Y 19 33.18 46.71 28.23
C SER Y 19 32.21 45.86 27.42
N PHE Y 20 32.70 44.75 26.86
CA PHE Y 20 31.86 43.94 25.98
C PHE Y 20 30.79 43.18 26.75
N TYR Y 21 31.13 42.69 27.94
CA TYR Y 21 30.14 41.99 28.75
C TYR Y 21 29.07 42.93 29.29
N TYR Y 22 29.42 44.18 29.57
CA TYR Y 22 28.43 45.12 30.10
C TYR Y 22 27.39 45.51 29.06
N LYS Y 23 27.79 45.60 27.80
CA LYS Y 23 26.87 46.01 26.72
C LYS Y 23 26.25 44.84 25.99
N ILE Y 24 27.03 43.81 25.67
CA ILE Y 24 26.53 42.69 24.87
C ILE Y 24 26.11 41.51 25.73
N GLY Y 25 26.48 41.49 27.00
CA GLY Y 25 26.15 40.37 27.86
C GLY Y 25 26.92 39.11 27.56
N ALA Y 26 27.95 39.18 26.72
CA ALA Y 26 28.74 38.02 26.37
C ALA Y 26 30.10 38.49 25.84
N CYS Y 27 31.14 37.77 26.25
CA CYS Y 27 32.51 38.10 25.85
C CYS Y 27 33.17 36.85 25.30
N ARG Y 28 33.99 37.03 24.26
CA ARG Y 28 34.63 35.90 23.60
C ARG Y 28 35.55 35.12 24.53
N HIS Y 29 36.06 35.75 25.59
CA HIS Y 29 36.99 35.08 26.49
C HIS Y 29 36.30 34.30 27.61
N GLY Y 30 35.05 34.62 27.91
CA GLY Y 30 34.32 33.83 28.90
C GLY Y 30 34.91 33.97 30.29
N GLU Y 31 35.04 32.83 30.98
CA GLU Y 31 35.55 32.81 32.34
C GLU Y 31 37.04 33.04 32.41
N ARG Y 32 37.75 32.90 31.29
CA ARG Y 32 39.18 33.16 31.23
C ARG Y 32 39.49 34.60 30.82
N CYS Y 33 38.56 35.52 31.06
CA CYS Y 33 38.74 36.90 30.64
C CYS Y 33 39.61 37.66 31.64
N SER Y 34 40.51 38.50 31.10
CA SER Y 34 41.37 39.30 31.96
C SER Y 34 40.62 40.43 32.65
N ARG Y 35 39.42 40.76 32.17
CA ARG Y 35 38.62 41.84 32.71
C ARG Y 35 37.41 41.27 33.46
N LYS Y 36 36.82 42.10 34.31
CA LYS Y 36 35.77 41.63 35.20
C LYS Y 36 34.44 41.51 34.47
N HIS Y 37 33.71 40.43 34.76
CA HIS Y 37 32.36 40.20 34.25
C HIS Y 37 31.41 40.31 35.44
N VAL Y 38 30.87 41.50 35.67
CA VAL Y 38 29.97 41.74 36.79
C VAL Y 38 28.58 41.28 36.41
N LYS Y 39 28.08 40.27 37.12
CA LYS Y 39 26.76 39.71 36.84
C LYS Y 39 25.71 40.45 37.66
N PRO Y 40 24.73 41.10 37.03
CA PRO Y 40 23.77 41.89 37.81
C PRO Y 40 22.85 41.01 38.63
N ASN Y 41 22.55 41.48 39.85
CA ASN Y 41 21.61 40.76 40.70
C ASN Y 41 20.16 41.11 40.37
N PHE Y 42 19.93 42.30 39.83
CA PHE Y 42 18.60 42.72 39.38
C PHE Y 42 18.72 43.19 37.93
N SER Y 43 17.81 42.70 37.08
CA SER Y 43 17.80 43.12 35.69
C SER Y 43 16.46 42.79 35.07
N GLN Y 44 16.11 43.54 34.02
CA GLN Y 44 14.92 43.27 33.23
C GLN Y 44 15.20 42.32 32.08
N THR Y 45 16.46 42.09 31.73
CA THR Y 45 16.83 41.30 30.58
C THR Y 45 17.45 39.97 31.02
N ILE Y 46 17.07 38.90 30.33
CA ILE Y 46 17.58 37.56 30.59
C ILE Y 46 18.32 37.08 29.35
N LEU Y 47 19.20 36.10 29.56
CA LEU Y 47 20.03 35.55 28.50
C LEU Y 47 19.91 34.04 28.47
N CYS Y 48 19.63 33.49 27.28
CA CYS Y 48 19.62 32.05 27.02
C CYS Y 48 20.66 31.74 25.96
N PRO Y 49 21.89 31.41 26.36
CA PRO Y 49 22.95 31.21 25.38
C PRO Y 49 22.75 29.93 24.57
N ASN Y 50 23.22 29.96 23.33
CA ASN Y 50 23.20 28.81 22.42
C ASN Y 50 21.78 28.25 22.28
N MET Y 51 20.81 29.14 22.12
CA MET Y 51 19.41 28.73 22.00
C MET Y 51 18.98 28.53 20.55
N TYR Y 52 19.40 29.40 19.64
CA TYR Y 52 18.98 29.35 18.24
C TYR Y 52 20.07 28.71 17.39
N LYS Y 53 19.76 27.56 16.79
CA LYS Y 53 20.66 26.90 15.85
C LYS Y 53 20.15 27.15 14.44
N ASN Y 54 20.74 28.13 13.76
CA ASN Y 54 20.36 28.45 12.39
C ASN Y 54 20.69 27.30 11.46
N PRO Y 55 19.71 26.73 10.75
CA PRO Y 55 20.02 25.63 9.82
C PRO Y 55 20.96 26.03 8.71
N ILE Y 56 21.06 27.32 8.38
CA ILE Y 56 21.87 27.83 7.28
C ILE Y 56 23.37 27.78 7.57
N HIS Y 57 23.76 27.42 8.79
CA HIS Y 57 25.19 27.40 9.15
C HIS Y 57 25.80 26.01 9.01
N GLU Y 58 25.02 25.04 8.65
CA GLU Y 58 25.49 23.72 8.30
C GLU Y 58 25.54 23.57 6.78
N PRO Y 59 26.39 22.68 6.26
CA PRO Y 59 26.41 22.46 4.80
C PRO Y 59 25.08 21.99 4.26
N ASN Y 60 24.28 21.26 5.05
CA ASN Y 60 22.99 20.80 4.57
C ASN Y 60 21.98 21.93 4.39
N GLY Y 61 22.31 23.15 4.79
CA GLY Y 61 21.39 24.27 4.80
C GLY Y 61 20.66 24.55 3.50
N LYS Y 62 21.19 24.05 2.38
CA LYS Y 62 20.63 24.37 1.07
C LYS Y 62 19.41 23.51 0.72
N LYS Y 63 18.84 22.76 1.65
CA LYS Y 63 17.65 21.98 1.30
C LYS Y 63 16.40 22.79 1.50
N PHE Y 64 16.54 24.06 1.83
CA PHE Y 64 15.40 24.88 2.19
C PHE Y 64 15.40 26.07 1.24
N THR Y 65 14.20 26.52 0.90
CA THR Y 65 14.07 27.69 0.06
C THR Y 65 14.12 28.95 0.92
N GLN Y 66 14.28 30.09 0.27
CA GLN Y 66 14.28 31.35 0.99
C GLN Y 66 12.95 31.52 1.72
N ARG Y 67 11.87 30.94 1.17
CA ARG Y 67 10.59 30.93 1.87
C ARG Y 67 10.62 29.98 3.06
N GLU Y 68 11.21 28.79 2.89
CA GLU Y 68 11.27 27.82 3.98
C GLU Y 68 12.16 28.31 5.12
N LEU Y 69 13.29 28.94 4.80
CA LEU Y 69 14.16 29.45 5.85
C LEU Y 69 13.49 30.57 6.62
N ALA Y 70 12.72 31.41 5.93
CA ALA Y 70 12.01 32.50 6.60
C ALA Y 70 10.89 31.96 7.49
N GLU Y 71 10.15 30.96 7.00
CA GLU Y 71 9.07 30.39 7.80
C GLU Y 71 9.59 29.64 9.01
N GLN Y 72 10.77 29.02 8.90
CA GLN Y 72 11.32 28.28 10.03
C GLN Y 72 11.73 29.22 11.15
N PHE Y 73 12.34 30.37 10.82
CA PHE Y 73 12.73 31.31 11.86
C PHE Y 73 11.51 32.00 12.47
N ASP Y 74 10.50 32.30 11.63
CA ASP Y 74 9.27 32.87 12.16
C ASP Y 74 8.62 31.93 13.16
N ALA Y 75 8.63 30.63 12.88
CA ALA Y 75 8.12 29.66 13.84
C ALA Y 75 8.95 29.66 15.12
N PHE Y 76 10.26 29.87 15.00
CA PHE Y 76 11.12 29.91 16.18
C PHE Y 76 10.87 31.16 17.00
N TYR Y 77 10.82 32.33 16.35
CA TYR Y 77 10.57 33.57 17.07
C TYR Y 77 9.21 33.54 17.75
N GLU Y 78 8.19 32.99 17.08
CA GLU Y 78 6.89 32.81 17.71
C GLU Y 78 6.99 31.87 18.91
N ASP Y 79 7.71 30.76 18.75
CA ASP Y 79 7.88 29.82 19.85
C ASP Y 79 8.61 30.46 21.02
N MET Y 80 9.54 31.38 20.73
CA MET Y 80 10.24 32.08 21.80
C MET Y 80 9.35 33.11 22.48
N PHE Y 81 8.77 34.01 21.69
CA PHE Y 81 7.99 35.12 22.26
C PHE Y 81 6.82 34.60 23.09
N CYS Y 82 6.10 33.59 22.59
CA CYS Y 82 4.94 33.09 23.30
C CYS Y 82 5.32 32.46 24.63
N GLU Y 83 6.38 31.65 24.66
CA GLU Y 83 6.76 30.97 25.88
C GLU Y 83 7.31 31.95 26.92
N PHE Y 84 8.07 32.95 26.47
CA PHE Y 84 8.57 33.96 27.40
C PHE Y 84 7.47 34.87 27.91
N SER Y 85 6.37 35.01 27.17
CA SER Y 85 5.27 35.87 27.62
C SER Y 85 4.60 35.32 28.86
N LYS Y 86 4.66 34.00 29.07
CA LYS Y 86 4.02 33.39 30.23
C LYS Y 86 4.72 33.72 31.54
N TYR Y 87 5.90 34.34 31.49
CA TYR Y 87 6.60 34.77 32.70
C TYR Y 87 6.37 36.24 33.01
N GLY Y 88 5.94 37.03 32.02
CA GLY Y 88 5.72 38.44 32.22
C GLY Y 88 5.61 39.14 30.88
N GLU Y 89 5.53 40.48 30.94
CA GLU Y 89 5.44 41.27 29.72
C GLU Y 89 6.80 41.32 29.04
N VAL Y 90 6.86 40.88 27.80
CA VAL Y 90 8.10 40.85 27.02
C VAL Y 90 8.19 42.18 26.27
N GLU Y 91 9.15 43.02 26.66
CA GLU Y 91 9.33 44.30 25.98
C GLU Y 91 10.03 44.14 24.64
N GLN Y 92 11.04 43.27 24.58
CA GLN Y 92 11.78 43.08 23.34
C GLN Y 92 12.41 41.70 23.36
N LEU Y 93 12.49 41.09 22.18
CA LEU Y 93 13.07 39.76 21.99
C LEU Y 93 14.09 39.83 20.87
N VAL Y 94 15.35 39.52 21.18
CA VAL Y 94 16.45 39.61 20.23
C VAL Y 94 17.10 38.24 20.11
N VAL Y 95 17.32 37.80 18.88
CA VAL Y 95 17.95 36.52 18.58
C VAL Y 95 19.21 36.80 17.78
N CYS Y 96 20.35 36.31 18.27
CA CYS Y 96 21.65 36.58 17.66
C CYS Y 96 21.97 35.51 16.62
N ASP Y 97 22.39 35.95 15.43
CA ASP Y 97 22.78 35.07 14.35
C ASP Y 97 24.29 34.91 14.24
N ASN Y 98 25.01 35.19 15.33
CA ASN Y 98 26.46 35.11 15.34
C ASN Y 98 26.94 33.67 15.38
N VAL Y 99 28.24 33.49 15.18
CA VAL Y 99 28.89 32.19 15.26
C VAL Y 99 29.94 32.12 16.36
N GLY Y 100 30.29 33.25 16.98
CA GLY Y 100 31.24 33.21 18.08
C GLY Y 100 30.74 32.31 19.20
N ASP Y 101 31.69 31.68 19.89
CA ASP Y 101 31.35 30.62 20.85
C ASP Y 101 30.45 31.13 21.97
N HIS Y 102 30.52 32.41 22.31
CA HIS Y 102 29.75 32.94 23.42
C HIS Y 102 28.64 33.87 22.99
N LEU Y 103 28.42 34.03 21.69
CA LEU Y 103 27.27 34.76 21.17
C LEU Y 103 26.40 33.94 20.23
N VAL Y 104 26.79 32.72 19.91
CA VAL Y 104 26.08 31.92 18.92
C VAL Y 104 24.70 31.56 19.46
N GLY Y 105 23.66 31.90 18.71
CA GLY Y 105 22.31 31.53 19.06
C GLY Y 105 21.80 32.10 20.36
N ASN Y 106 22.39 33.19 20.85
CA ASN Y 106 21.92 33.80 22.08
C ASN Y 106 20.54 34.41 21.88
N VAL Y 107 19.67 34.23 22.88
CA VAL Y 107 18.32 34.77 22.86
C VAL Y 107 18.19 35.68 24.09
N TYR Y 108 18.08 36.98 23.85
CA TYR Y 108 17.90 37.96 24.92
C TYR Y 108 16.44 38.33 25.02
N VAL Y 109 15.93 38.45 26.25
CA VAL Y 109 14.55 38.80 26.51
C VAL Y 109 14.53 39.86 27.61
N ARG Y 110 13.98 41.02 27.30
CA ARG Y 110 13.84 42.11 28.27
C ARG Y 110 12.40 42.14 28.77
N PHE Y 111 12.21 41.91 30.06
CA PHE Y 111 10.90 41.97 30.67
C PHE Y 111 10.59 43.37 31.18
N LYS Y 112 9.35 43.57 31.60
CA LYS Y 112 8.92 44.87 32.12
C LYS Y 112 9.33 45.04 33.59
N TYR Y 113 9.26 43.97 34.38
CA TYR Y 113 9.60 44.00 35.79
C TYR Y 113 10.79 43.11 36.06
N GLU Y 114 11.62 43.52 37.02
CA GLU Y 114 12.78 42.72 37.39
C GLU Y 114 12.37 41.41 38.03
N GLU Y 115 11.21 41.38 38.68
CA GLU Y 115 10.72 40.16 39.30
C GLU Y 115 10.33 39.12 38.25
N SER Y 116 9.79 39.56 37.11
CA SER Y 116 9.47 38.63 36.04
C SER Y 116 10.72 37.97 35.46
N ALA Y 117 11.83 38.70 35.39
CA ALA Y 117 13.06 38.13 34.85
C ALA Y 117 13.65 37.09 35.79
N GLN Y 118 13.62 37.34 37.10
CA GLN Y 118 14.18 36.38 38.05
C GLN Y 118 13.35 35.10 38.09
N ASN Y 119 12.01 35.22 38.04
CA ASN Y 119 11.18 34.01 38.00
C ASN Y 119 11.40 33.23 36.72
N ALA Y 120 11.76 33.90 35.62
CA ALA Y 120 11.96 33.20 34.36
C ALA Y 120 13.21 32.33 34.40
N ILE Y 121 14.34 32.91 34.83
CA ILE Y 121 15.59 32.15 34.84
C ILE Y 121 15.56 31.04 35.88
N ASP Y 122 14.81 31.24 36.97
CA ASP Y 122 14.70 30.19 37.98
C ASP Y 122 13.93 28.99 37.45
N ASP Y 123 12.98 29.23 36.54
CA ASP Y 123 12.18 28.17 35.97
C ASP Y 123 12.81 27.60 34.70
N LEU Y 124 13.43 28.45 33.87
CA LEU Y 124 14.01 27.99 32.62
C LEU Y 124 15.21 27.08 32.85
N ASN Y 125 16.00 27.36 33.89
CA ASN Y 125 17.20 26.56 34.14
C ASN Y 125 16.88 25.12 34.54
N SER Y 126 15.60 24.75 34.63
CA SER Y 126 15.20 23.38 34.88
C SER Y 126 14.33 22.82 33.77
N ARG Y 127 14.18 23.54 32.66
CA ARG Y 127 13.36 23.12 31.54
C ARG Y 127 14.23 22.73 30.35
N TRP Y 128 13.59 22.21 29.32
CA TRP Y 128 14.26 21.77 28.10
C TRP Y 128 13.70 22.51 26.89
N TYR Y 129 14.54 22.62 25.86
CA TYR Y 129 14.13 23.12 24.56
C TYR Y 129 14.90 22.38 23.47
N SER Y 130 14.17 21.70 22.59
CA SER Y 130 14.75 20.99 21.45
C SER Y 130 15.85 20.03 21.90
N GLN Y 131 15.49 19.16 22.85
CA GLN Y 131 16.35 18.07 23.32
C GLN Y 131 17.65 18.60 23.95
N ARG Y 132 17.60 19.79 24.54
CA ARG Y 132 18.76 20.37 25.21
C ARG Y 132 18.28 21.16 26.41
N PRO Y 133 18.96 21.04 27.56
CA PRO Y 133 18.56 21.82 28.73
C PRO Y 133 18.87 23.30 28.54
N VAL Y 134 17.95 24.14 29.00
CA VAL Y 134 18.05 25.57 28.81
C VAL Y 134 18.92 26.18 29.91
N TYR Y 135 19.91 26.95 29.50
CA TYR Y 135 20.69 27.77 30.42
C TYR Y 135 20.14 29.19 30.40
N ALA Y 136 19.83 29.71 31.58
CA ALA Y 136 19.27 31.04 31.72
C ALA Y 136 20.00 31.79 32.83
N GLU Y 137 20.25 33.06 32.60
CA GLU Y 137 20.91 33.90 33.59
C GLU Y 137 20.53 35.36 33.32
N LEU Y 138 20.69 36.19 34.34
CA LEU Y 138 20.43 37.61 34.18
C LEU Y 138 21.54 38.27 33.38
N SER Y 139 21.16 39.10 32.41
CA SER Y 139 22.12 39.77 31.57
C SER Y 139 22.13 41.27 31.83
N PRO Y 140 23.30 41.91 31.83
CA PRO Y 140 23.36 43.36 32.05
C PRO Y 140 22.95 44.20 30.85
N VAL Y 141 22.50 43.57 29.76
CA VAL Y 141 22.08 44.32 28.58
C VAL Y 141 20.84 45.12 28.90
N THR Y 142 20.85 46.40 28.55
CA THR Y 142 19.70 47.28 28.74
C THR Y 142 19.18 47.83 27.42
N ASP Y 143 19.99 48.58 26.69
CA ASP Y 143 19.60 49.15 25.41
C ASP Y 143 20.22 48.31 24.31
N PHE Y 144 19.38 47.64 23.51
CA PHE Y 144 19.88 46.80 22.43
C PHE Y 144 20.49 47.60 21.29
N ARG Y 145 20.14 48.88 21.15
CA ARG Y 145 20.77 49.70 20.12
C ARG Y 145 22.26 49.90 20.41
N GLU Y 146 22.64 49.98 21.69
CA GLU Y 146 24.03 50.08 22.07
C GLU Y 146 24.75 48.74 22.04
N ALA Y 147 24.03 47.65 21.79
CA ALA Y 147 24.62 46.32 21.71
C ALA Y 147 24.61 45.74 20.30
N CYS Y 148 23.85 46.33 19.38
CA CYS Y 148 23.80 45.85 18.01
C CYS Y 148 24.94 46.44 17.19
N CYS Y 149 25.34 45.72 16.15
CA CYS Y 149 26.42 46.17 15.30
C CYS Y 149 25.91 47.24 14.35
N ARG Y 150 26.62 48.37 14.29
CA ARG Y 150 26.19 49.47 13.44
C ARG Y 150 26.40 49.15 11.97
N GLN Y 151 27.56 48.60 11.63
CA GLN Y 151 27.87 48.29 10.23
C GLN Y 151 27.04 47.13 9.69
N HIS Y 152 26.29 46.42 10.54
CA HIS Y 152 25.43 45.34 10.07
C HIS Y 152 24.04 45.80 9.69
N GLU Y 153 23.55 46.92 10.25
CA GLU Y 153 22.24 47.43 9.86
C GLU Y 153 22.27 47.94 8.41
N THR Y 154 23.16 48.88 8.12
CA THR Y 154 23.40 49.35 6.76
C THR Y 154 24.49 48.48 6.16
N SER Y 155 24.11 47.64 5.17
CA SER Y 155 25.05 46.71 4.54
C SER Y 155 25.59 45.75 5.59
N GLU Y 156 26.51 44.87 5.19
CA GLU Y 156 27.08 43.91 6.12
C GLU Y 156 28.48 44.33 6.54
N CYS Y 157 28.82 44.01 7.79
CA CYS Y 157 30.13 44.33 8.34
C CYS Y 157 31.18 43.33 7.90
N GLN Y 158 32.44 43.79 7.87
CA GLN Y 158 33.54 42.97 7.40
C GLN Y 158 33.86 41.80 8.33
N ARG Y 159 33.39 41.83 9.58
CA ARG Y 159 33.71 40.76 10.51
C ARG Y 159 32.84 39.52 10.33
N GLY Y 160 31.68 39.64 9.68
CA GLY Y 160 30.86 38.47 9.46
C GLY Y 160 30.19 37.99 10.73
N GLY Y 161 29.87 36.69 10.75
CA GLY Y 161 29.22 36.09 11.89
C GLY Y 161 30.06 36.05 13.15
N LEU Y 162 31.36 36.25 13.04
CA LEU Y 162 32.25 36.28 14.20
C LEU Y 162 32.35 37.66 14.83
N CYS Y 163 31.49 38.58 14.43
CA CYS Y 163 31.46 39.90 15.05
C CYS Y 163 31.13 39.77 16.54
N ASN Y 164 31.81 40.56 17.36
CA ASN Y 164 31.58 40.49 18.80
C ASN Y 164 30.37 41.30 19.25
N PHE Y 165 29.74 42.05 18.34
CA PHE Y 165 28.48 42.71 18.60
C PHE Y 165 27.33 41.87 18.05
N MET Y 166 26.12 42.18 18.52
CA MET Y 166 24.94 41.39 18.16
C MET Y 166 24.59 41.59 16.69
N HIS Y 167 24.50 40.49 15.95
CA HIS Y 167 23.93 40.49 14.60
C HIS Y 167 22.53 39.90 14.70
N ALA Y 168 21.59 40.74 15.14
CA ALA Y 168 20.24 40.29 15.41
C ALA Y 168 19.56 39.82 14.13
N LYS Y 169 18.95 38.64 14.19
CA LYS Y 169 18.14 38.12 13.09
C LYS Y 169 16.70 38.55 13.31
N LYS Y 170 16.20 39.42 12.45
CA LYS Y 170 14.86 39.97 12.66
C LYS Y 170 13.81 39.08 12.02
N PRO Y 171 12.68 38.88 12.69
CA PRO Y 171 11.56 38.15 12.09
C PRO Y 171 10.81 39.04 11.11
N SER Y 172 9.78 38.47 10.50
CA SER Y 172 8.93 39.25 9.60
C SER Y 172 8.20 40.34 10.41
N PRO Y 173 8.08 41.55 9.86
CA PRO Y 173 7.37 42.61 10.60
C PRO Y 173 5.93 42.28 10.91
N GLN Y 174 5.27 41.49 10.05
CA GLN Y 174 3.88 41.09 10.32
C GLN Y 174 3.79 40.25 11.59
N LEU Y 175 4.72 39.30 11.75
CA LEU Y 175 4.70 38.45 12.94
C LEU Y 175 4.99 39.26 14.20
N LEU Y 176 5.95 40.19 14.12
CA LEU Y 176 6.27 41.01 15.29
C LEU Y 176 5.07 41.86 15.72
N ARG Y 177 4.34 42.41 14.75
CA ARG Y 177 3.15 43.19 15.09
C ARG Y 177 2.07 42.30 15.67
N ASP Y 178 1.84 41.13 15.08
CA ASP Y 178 0.83 40.21 15.59
C ASP Y 178 1.18 39.74 17.00
N LEU Y 179 2.48 39.65 17.33
CA LEU Y 179 2.86 39.23 18.67
C LEU Y 179 2.62 40.33 19.69
N VAL Y 180 2.95 41.58 19.33
CA VAL Y 180 2.72 42.69 20.25
C VAL Y 180 1.23 42.90 20.48
N LEU Y 181 0.42 42.74 19.42
CA LEU Y 181 -1.02 42.84 19.58
C LEU Y 181 -1.56 41.71 20.45
N ALA Y 182 -0.99 40.51 20.30
CA ALA Y 182 -1.36 39.39 21.16
C ALA Y 182 -0.91 39.64 22.60
N GLN Y 183 0.23 40.30 22.79
CA GLN Y 183 0.72 40.56 24.13
C GLN Y 183 -0.11 41.61 24.85
N ARG Y 184 -0.50 42.69 24.15
CA ARG Y 184 -1.36 43.68 24.77
C ARG Y 184 -2.75 43.12 25.04
N LYS Y 185 -3.26 42.28 24.15
CA LYS Y 185 -4.58 41.67 24.37
C LYS Y 185 -4.55 40.70 25.54
N TYR Y 186 -3.52 39.85 25.61
CA TYR Y 186 -3.40 38.92 26.73
C TYR Y 186 -3.26 39.67 28.05
N LEU Y 187 -2.50 40.77 28.06
CA LEU Y 187 -2.33 41.54 29.28
C LEU Y 187 -3.56 42.37 29.62
N ALA Y 188 -4.26 42.89 28.61
CA ALA Y 188 -5.48 43.64 28.89
C ALA Y 188 -6.60 42.73 29.36
N LEU Y 189 -6.73 41.54 28.77
CA LEU Y 189 -7.77 40.62 29.23
C LEU Y 189 -7.47 40.08 30.62
N ASN Y 190 -6.18 39.90 30.96
CA ASN Y 190 -5.81 39.54 32.32
C ASN Y 190 -5.62 40.76 33.20
N ALA Y 191 -6.33 41.85 32.91
CA ALA Y 191 -6.32 43.04 33.76
C ALA Y 191 -7.75 43.48 34.06
N ALA Y 192 -8.66 43.23 33.12
CA ALA Y 192 -10.06 43.59 33.33
C ALA Y 192 -10.73 42.74 34.39
N GLU Y 193 -10.19 41.56 34.68
CA GLU Y 193 -10.79 40.64 35.66
C GLU Y 193 -10.44 41.01 37.10
N GLU Y 194 -9.96 42.22 37.34
CA GLU Y 194 -9.65 42.66 38.70
C GLU Y 194 -10.93 42.97 39.48
N GLU Z 21 -8.74 49.21 29.98
CA GLU Z 21 -9.87 48.68 29.21
C GLU Z 21 -10.14 49.53 27.96
N GLN Z 22 -9.61 50.75 27.94
CA GLN Z 22 -9.69 51.55 26.72
C GLN Z 22 -8.93 50.88 25.59
N GLU Z 23 -7.75 50.32 25.90
CA GLU Z 23 -6.98 49.59 24.91
C GLU Z 23 -7.71 48.35 24.42
N LEU Z 24 -8.41 47.66 25.33
CA LEU Z 24 -9.08 46.41 25.00
C LEU Z 24 -10.04 46.55 23.82
N GLU Z 25 -10.73 47.68 23.72
CA GLU Z 25 -11.69 47.86 22.64
C GLU Z 25 -11.01 47.93 21.27
N GLN Z 26 -9.80 48.48 21.19
CA GLN Z 26 -9.09 48.56 19.92
C GLN Z 26 -8.63 47.20 19.40
N LEU Z 27 -8.45 46.21 20.27
CA LEU Z 27 -7.93 44.90 19.88
C LEU Z 27 -9.02 43.83 19.82
N ARG Z 28 -10.20 44.18 19.33
CA ARG Z 28 -11.25 43.18 19.17
C ARG Z 28 -10.86 42.21 18.05
N ASP Z 29 -11.55 41.07 18.02
CA ASP Z 29 -11.30 39.97 17.07
C ASP Z 29 -9.82 39.65 16.91
N VAL Z 30 -9.05 39.77 17.98
CA VAL Z 30 -7.64 39.38 18.01
C VAL Z 30 -7.45 38.37 19.13
N THR Z 31 -6.60 37.38 18.90
CA THR Z 31 -6.39 36.32 19.88
C THR Z 31 -5.25 36.66 20.82
N PRO Z 32 -5.43 36.47 22.13
CA PRO Z 32 -4.32 36.65 23.07
C PRO Z 32 -3.21 35.63 22.84
N ILE Z 33 -2.01 35.98 23.32
CA ILE Z 33 -0.85 35.16 23.02
C ILE Z 33 -0.90 33.82 23.74
N ASN Z 34 -1.58 33.75 24.88
CA ASN Z 34 -1.71 32.51 25.63
C ASN Z 34 -2.70 31.53 24.99
N GLN Z 35 -3.49 31.98 24.02
CA GLN Z 35 -4.51 31.12 23.42
C GLN Z 35 -4.03 30.40 22.17
N TRP Z 36 -3.98 31.12 21.03
CA TRP Z 36 -3.56 30.59 19.73
C TRP Z 36 -2.57 29.43 19.81
N LYS Z 37 -2.96 28.31 19.17
CA LYS Z 37 -2.19 27.08 19.21
C LYS Z 37 -0.87 27.21 18.44
N ARG Z 38 0.22 26.79 19.10
CA ARG Z 38 1.56 26.85 18.53
C ARG Z 38 1.85 25.50 17.87
N LYS Z 39 1.90 25.47 16.55
CA LYS Z 39 2.16 24.23 15.84
C LYS Z 39 3.65 23.92 15.84
N ARG Z 40 3.99 22.68 16.21
CA ARG Z 40 5.36 22.19 16.27
C ARG Z 40 6.23 23.07 17.17
N SER Z 41 5.85 23.14 18.45
CA SER Z 41 6.62 23.84 19.45
C SER Z 41 7.63 22.89 20.09
N LEU Z 42 8.91 23.27 20.06
CA LEU Z 42 9.98 22.41 20.53
C LEU Z 42 10.27 22.56 22.02
N TRP Z 43 9.40 23.24 22.77
CA TRP Z 43 9.63 23.40 24.20
C TRP Z 43 9.31 22.11 24.94
N ASP Z 44 10.07 21.87 26.01
CA ASP Z 44 9.92 20.71 26.89
C ASP Z 44 10.14 19.39 26.17
N ILE Z 45 10.61 19.42 24.93
CA ILE Z 45 10.90 18.19 24.19
C ILE Z 45 12.28 17.70 24.62
N LYS Z 46 12.33 16.53 25.19
CA LYS Z 46 13.54 15.91 25.69
C LYS Z 46 14.03 14.85 24.71
N PRO Z 47 15.34 14.56 24.70
CA PRO Z 47 15.85 13.49 23.84
C PRO Z 47 15.31 12.14 24.26
N PRO Z 48 15.31 11.15 23.38
CA PRO Z 48 14.74 9.84 23.72
C PRO Z 48 15.46 9.19 24.90
N GLY Z 49 14.67 8.64 25.82
CA GLY Z 49 15.20 8.00 27.00
C GLY Z 49 15.33 8.91 28.21
N TYR Z 50 15.19 10.22 28.03
CA TYR Z 50 15.42 11.19 29.10
C TYR Z 50 14.16 11.49 29.89
N GLU Z 51 13.23 10.53 29.99
CA GLU Z 51 11.98 10.80 30.70
C GLU Z 51 12.22 11.11 32.17
N LEU Z 52 13.22 10.47 32.79
CA LEU Z 52 13.51 10.66 34.20
C LEU Z 52 14.72 11.55 34.45
N VAL Z 53 15.36 12.08 33.42
CA VAL Z 53 16.53 12.94 33.58
C VAL Z 53 16.08 14.38 33.68
N THR Z 54 16.48 15.05 34.76
CA THR Z 54 16.20 16.46 34.93
C THR Z 54 17.25 17.29 34.18
N ALA Z 55 16.93 18.58 33.98
CA ALA Z 55 17.87 19.46 33.31
C ALA Z 55 19.17 19.59 34.09
N ASP Z 56 19.09 19.55 35.42
CA ASP Z 56 20.29 19.65 36.24
C ASP Z 56 21.18 18.42 36.06
N GLN Z 57 20.57 17.24 35.95
CA GLN Z 57 21.36 16.03 35.71
C GLN Z 57 22.02 16.06 34.35
N ALA Z 58 21.39 16.72 33.37
CA ALA Z 58 21.99 16.83 32.05
C ALA Z 58 23.15 17.82 32.04
N LYS Z 59 23.03 18.93 32.77
CA LYS Z 59 24.09 19.93 32.78
C LYS Z 59 25.34 19.43 33.49
N MET Z 60 25.17 18.69 34.59
CA MET Z 60 26.33 18.15 35.30
C MET Z 60 26.95 16.97 34.57
N SER Z 61 26.20 16.32 33.67
CA SER Z 61 26.72 15.17 32.96
C SER Z 61 27.77 15.56 31.91
N GLY Z 62 27.74 16.79 31.44
CA GLY Z 62 28.68 17.23 30.42
C GLY Z 62 28.28 16.90 29.00
N VAL Z 63 27.13 16.24 28.80
CA VAL Z 63 26.70 15.91 27.45
C VAL Z 63 26.07 17.12 26.75
N PHE Z 64 25.71 18.15 27.51
CA PHE Z 64 25.13 19.37 26.94
C PHE Z 64 25.93 20.57 27.43
N PRO Z 65 27.16 20.75 26.92
CA PRO Z 65 27.97 21.89 27.35
C PRO Z 65 27.76 23.11 26.48
N LEU Z 66 27.94 24.27 27.09
CA LEU Z 66 27.91 25.51 26.35
C LEU Z 66 29.15 25.61 25.45
N PRO Z 67 29.03 26.28 24.29
CA PRO Z 67 30.20 26.41 23.41
C PRO Z 67 31.37 27.11 24.08
N GLY Z 68 32.42 26.35 24.38
CA GLY Z 68 33.60 26.91 25.00
C GLY Z 68 34.21 25.99 26.04
ZN ZN BA . 19.43 -12.66 -40.84
ZN ZN CA . 29.07 -13.26 -26.35
ZN ZN DA . -6.85 3.46 23.21
ZN ZN EA . -17.46 11.21 11.91
ZN ZN FA . 17.70 10.72 1.92
ZN ZN GA . 22.32 -5.23 -2.79
ZN ZN HA . -46.90 4.94 -12.15
ZN ZN IA . -46.51 21.41 -6.38
ZN ZN JA . 36.91 5.81 26.78
ZN ZN KA . 25.30 7.01 39.54
ZN ZN LA . -4.49 -25.99 7.84
ZN ZN MA . -12.16 -31.94 21.98
ZN ZN NA . -31.08 -14.47 -9.01
ZN ZN OA . -27.54 -27.05 -20.24
ZN ZN PA . 64.24 37.37 13.93
ZN ZN QA . 67.98 20.67 15.30
ZN ZN RA . 35.41 39.91 28.93
ZN ZN SA . 29.09 43.25 13.03
#